data_9DNR
# 
_entry.id   9DNR 
# 
_audit_conform.dict_name       mmcif_pdbx.dic 
_audit_conform.dict_version    5.404 
_audit_conform.dict_location   http://mmcif.pdb.org/dictionaries/ascii/mmcif_pdbx.dic 
# 
loop_
_database_2.database_id 
_database_2.database_code 
_database_2.pdbx_database_accession 
_database_2.pdbx_DOI 
PDB   9DNR         pdb_00009dnr 10.2210/pdb9dnr/pdb 
WWPDB D_1000288526 ?            ?                   
# 
_pdbx_audit_revision_history.ordinal             1 
_pdbx_audit_revision_history.data_content_type   'Structure model' 
_pdbx_audit_revision_history.major_revision      1 
_pdbx_audit_revision_history.minor_revision      0 
_pdbx_audit_revision_history.revision_date       2025-08-13 
_pdbx_audit_revision_history.part_number         ? 
# 
_pdbx_audit_revision_details.ordinal             1 
_pdbx_audit_revision_details.revision_ordinal    1 
_pdbx_audit_revision_details.data_content_type   'Structure model' 
_pdbx_audit_revision_details.provider            repository 
_pdbx_audit_revision_details.type                'Initial release' 
_pdbx_audit_revision_details.description         ? 
_pdbx_audit_revision_details.details             ? 
# 
_pdbx_database_status.status_code                     REL 
_pdbx_database_status.status_code_sf                  REL 
_pdbx_database_status.status_code_mr                  ? 
_pdbx_database_status.entry_id                        9DNR 
_pdbx_database_status.recvd_initial_deposition_date   2024-09-17 
_pdbx_database_status.SG_entry                        N 
_pdbx_database_status.deposit_site                    RCSB 
_pdbx_database_status.process_site                    RCSB 
_pdbx_database_status.status_code_cs                  ? 
_pdbx_database_status.status_code_nmr_data            ? 
_pdbx_database_status.methods_development_category    ? 
_pdbx_database_status.pdb_format_compatible           Y 
# 
loop_
_pdbx_database_related.db_name 
_pdbx_database_related.details 
_pdbx_database_related.db_id 
_pdbx_database_related.content_type 
PDB . 9DNO unspecified 
PDB . 9DNP unspecified 
PDB . 9DNQ unspecified 
# 
_pdbx_contact_author.id                 3 
_pdbx_contact_author.email              yuc020@health.ucsd.edu 
_pdbx_contact_author.name_first         Yuan 
_pdbx_contact_author.name_last          Chen 
_pdbx_contact_author.name_mi            ? 
_pdbx_contact_author.role               'principal investigator/group leader' 
_pdbx_contact_author.identifier_ORCID   0000-0002-1510-182X 
# 
loop_
_audit_author.name 
_audit_author.pdbx_ordinal 
_audit_author.identifier_ORCID 
'Huang, S.'  1 0000-0003-3862-564X 
'Wu, J.'     2 0000-0002-8031-9462 
'Taylor, S.' 3 0000-0002-7702-6108 
'Chen, Y.'   4 0000-0002-1510-182X 
# 
_citation.abstract                  ? 
_citation.abstract_id_CAS           ? 
_citation.book_id_ISBN              ? 
_citation.book_publisher            ? 
_citation.book_publisher_city       ? 
_citation.book_title                ? 
_citation.coordinate_linkage        ? 
_citation.country                   ? 
_citation.database_id_Medline       ? 
_citation.details                   ? 
_citation.id                        primary 
_citation.journal_abbrev            'To Be Published' 
_citation.journal_id_ASTM           ? 
_citation.journal_id_CSD            0353 
_citation.journal_id_ISSN           ? 
_citation.journal_full              ? 
_citation.journal_issue             ? 
_citation.journal_volume            ? 
_citation.language                  ? 
_citation.page_first                ? 
_citation.page_last                 ? 
_citation.title                     'Structural Flexibility and Selectivity of N-End Rule Ligases' 
_citation.year                      ? 
_citation.database_id_CSD           ? 
_citation.pdbx_database_id_DOI      ? 
_citation.pdbx_database_id_PubMed   ? 
_citation.pdbx_database_id_patent   ? 
_citation.unpublished_flag          ? 
# 
loop_
_citation_author.citation_id 
_citation_author.name 
_citation_author.ordinal 
_citation_author.identifier_ORCID 
primary 'Huang, S.'  1 0000-0003-3862-564X 
primary 'Wu, J.'     2 0000-0002-8031-9462 
primary 'Taylor, S.' 3 0000-0002-7702-6108 
primary 'Chen, Y.'   4 0000-0002-1510-182X 
# 
loop_
_entity.id 
_entity.type 
_entity.src_method 
_entity.pdbx_description 
_entity.formula_weight 
_entity.pdbx_number_of_molecules 
_entity.pdbx_ec 
_entity.pdbx_mutation 
_entity.pdbx_fragment 
_entity.details 
1 polymer     man 'E3 ubiquitin-protein ligase UBR2' 7825.902 1  ? ? 'UBR-box domain (UNP residues 98-167)' ? 
2 polymer     syn ARG-TRP-PHE-NH2                    506.600  1  ? ? ?                                      ? 
3 non-polymer syn 'ZINC ION'                         65.409   3  ? ? ?                                      ? 
4 water       nat water                              18.015   95 ? ? ?                                      ? 
# 
_entity_name_com.entity_id   1 
_entity_name_com.name        'N-recognin-2,Ubiquitin-protein ligase E3-alpha-2,Ubiquitin-protein ligase E3-alpha-II' 
# 
loop_
_entity_poly.entity_id 
_entity_poly.type 
_entity_poly.nstd_linkage 
_entity_poly.nstd_monomer 
_entity_poly.pdbx_seq_one_letter_code 
_entity_poly.pdbx_seq_one_letter_code_can 
_entity_poly.pdbx_strand_id 
_entity_poly.pdbx_target_identifier 
1 'polypeptide(L)' no no  LCGRVFKVGEPTYSCRDCAVDPTCVLCMECFLGSIHRDHRYRMTTSGGGGFCDCGDTEAWKEGPYCQKHE 
LCGRVFKVGEPTYSCRDCAVDPTCVLCMECFLGSIHRDHRYRMTTSGGGGFCDCGDTEAWKEGPYCQKHE A ? 
2 'polypeptide(L)' no yes 'RWF(NH2)'                                                             RWFX C ? 
# 
loop_
_pdbx_entity_nonpoly.entity_id 
_pdbx_entity_nonpoly.name 
_pdbx_entity_nonpoly.comp_id 
3 'ZINC ION' ZN  
4 water      HOH 
# 
loop_
_entity_poly_seq.entity_id 
_entity_poly_seq.num 
_entity_poly_seq.mon_id 
_entity_poly_seq.hetero 
1 1  LEU n 
1 2  CYS n 
1 3  GLY n 
1 4  ARG n 
1 5  VAL n 
1 6  PHE n 
1 7  LYS n 
1 8  VAL n 
1 9  GLY n 
1 10 GLU n 
1 11 PRO n 
1 12 THR n 
1 13 TYR n 
1 14 SER n 
1 15 CYS n 
1 16 ARG n 
1 17 ASP n 
1 18 CYS n 
1 19 ALA n 
1 20 VAL n 
1 21 ASP n 
1 22 PRO n 
1 23 THR n 
1 24 CYS n 
1 25 VAL n 
1 26 LEU n 
1 27 CYS n 
1 28 MET n 
1 29 GLU n 
1 30 CYS n 
1 31 PHE n 
1 32 LEU n 
1 33 GLY n 
1 34 SER n 
1 35 ILE n 
1 36 HIS n 
1 37 ARG n 
1 38 ASP n 
1 39 HIS n 
1 40 ARG n 
1 41 TYR n 
1 42 ARG n 
1 43 MET n 
1 44 THR n 
1 45 THR n 
1 46 SER n 
1 47 GLY n 
1 48 GLY n 
1 49 GLY n 
1 50 GLY n 
1 51 PHE n 
1 52 CYS n 
1 53 ASP n 
1 54 CYS n 
1 55 GLY n 
1 56 ASP n 
1 57 THR n 
1 58 GLU n 
1 59 ALA n 
1 60 TRP n 
1 61 LYS n 
1 62 GLU n 
1 63 GLY n 
1 64 PRO n 
1 65 TYR n 
1 66 CYS n 
1 67 GLN n 
1 68 LYS n 
1 69 HIS n 
1 70 GLU n 
2 1  ARG n 
2 2  TRP n 
2 3  PHE n 
2 4  NH2 n 
# 
_entity_src_gen.entity_id                          1 
_entity_src_gen.pdbx_src_id                        1 
_entity_src_gen.pdbx_alt_source_flag               sample 
_entity_src_gen.pdbx_seq_type                      'Biological sequence' 
_entity_src_gen.pdbx_beg_seq_num                   1 
_entity_src_gen.pdbx_end_seq_num                   70 
_entity_src_gen.gene_src_common_name               human 
_entity_src_gen.gene_src_genus                     ? 
_entity_src_gen.pdbx_gene_src_gene                 'UBR2, C6orf133, KIAA0349' 
_entity_src_gen.gene_src_species                   ? 
_entity_src_gen.gene_src_strain                    ? 
_entity_src_gen.gene_src_tissue                    ? 
_entity_src_gen.gene_src_tissue_fraction           ? 
_entity_src_gen.gene_src_details                   ? 
_entity_src_gen.pdbx_gene_src_fragment             ? 
_entity_src_gen.pdbx_gene_src_scientific_name      'Homo sapiens' 
_entity_src_gen.pdbx_gene_src_ncbi_taxonomy_id     9606 
_entity_src_gen.pdbx_gene_src_variant              ? 
_entity_src_gen.pdbx_gene_src_cell_line            ? 
_entity_src_gen.pdbx_gene_src_atcc                 ? 
_entity_src_gen.pdbx_gene_src_organ                ? 
_entity_src_gen.pdbx_gene_src_organelle            ? 
_entity_src_gen.pdbx_gene_src_cell                 ? 
_entity_src_gen.pdbx_gene_src_cellular_location    ? 
_entity_src_gen.host_org_common_name               ? 
_entity_src_gen.pdbx_host_org_scientific_name      'Escherichia coli BL21(DE3)' 
_entity_src_gen.pdbx_host_org_ncbi_taxonomy_id     469008 
_entity_src_gen.host_org_genus                     ? 
_entity_src_gen.pdbx_host_org_gene                 ? 
_entity_src_gen.pdbx_host_org_organ                ? 
_entity_src_gen.host_org_species                   ? 
_entity_src_gen.pdbx_host_org_tissue               ? 
_entity_src_gen.pdbx_host_org_tissue_fraction      ? 
_entity_src_gen.pdbx_host_org_strain               ? 
_entity_src_gen.pdbx_host_org_variant              ? 
_entity_src_gen.pdbx_host_org_cell_line            ? 
_entity_src_gen.pdbx_host_org_atcc                 ? 
_entity_src_gen.pdbx_host_org_culture_collection   ? 
_entity_src_gen.pdbx_host_org_cell                 ? 
_entity_src_gen.pdbx_host_org_organelle            ? 
_entity_src_gen.pdbx_host_org_cellular_location    ? 
_entity_src_gen.pdbx_host_org_vector_type          plasmid 
_entity_src_gen.pdbx_host_org_vector               ? 
_entity_src_gen.host_org_details                   'Amp resistance, N-terminal GST tag' 
_entity_src_gen.expression_system_id               ? 
_entity_src_gen.plasmid_name                       pGEX-6p-1-hUBR2-UBRbox 
_entity_src_gen.plasmid_details                    ? 
_entity_src_gen.pdbx_description                   ? 
# 
_pdbx_entity_src_syn.entity_id              2 
_pdbx_entity_src_syn.pdbx_src_id            1 
_pdbx_entity_src_syn.pdbx_alt_source_flag   sample 
_pdbx_entity_src_syn.pdbx_beg_seq_num       1 
_pdbx_entity_src_syn.pdbx_end_seq_num       4 
_pdbx_entity_src_syn.organism_scientific    'synthetic construct' 
_pdbx_entity_src_syn.organism_common_name   ? 
_pdbx_entity_src_syn.ncbi_taxonomy_id       32630 
_pdbx_entity_src_syn.details                ? 
# 
loop_
_chem_comp.id 
_chem_comp.type 
_chem_comp.mon_nstd_flag 
_chem_comp.name 
_chem_comp.pdbx_synonyms 
_chem_comp.formula 
_chem_comp.formula_weight 
ALA 'L-peptide linking' y ALANINE         ? 'C3 H7 N O2'     89.093  
ARG 'L-peptide linking' y ARGININE        ? 'C6 H15 N4 O2 1' 175.209 
ASP 'L-peptide linking' y 'ASPARTIC ACID' ? 'C4 H7 N O4'     133.103 
CYS 'L-peptide linking' y CYSTEINE        ? 'C3 H7 N O2 S'   121.158 
GLN 'L-peptide linking' y GLUTAMINE       ? 'C5 H10 N2 O3'   146.144 
GLU 'L-peptide linking' y 'GLUTAMIC ACID' ? 'C5 H9 N O4'     147.129 
GLY 'peptide linking'   y GLYCINE         ? 'C2 H5 N O2'     75.067  
HIS 'L-peptide linking' y HISTIDINE       ? 'C6 H10 N3 O2 1' 156.162 
HOH non-polymer         . WATER           ? 'H2 O'           18.015  
ILE 'L-peptide linking' y ISOLEUCINE      ? 'C6 H13 N O2'    131.173 
LEU 'L-peptide linking' y LEUCINE         ? 'C6 H13 N O2'    131.173 
LYS 'L-peptide linking' y LYSINE          ? 'C6 H15 N2 O2 1' 147.195 
MET 'L-peptide linking' y METHIONINE      ? 'C5 H11 N O2 S'  149.211 
NH2 non-polymer         . 'AMINO GROUP'   ? 'H2 N'           16.023  
PHE 'L-peptide linking' y PHENYLALANINE   ? 'C9 H11 N O2'    165.189 
PRO 'L-peptide linking' y PROLINE         ? 'C5 H9 N O2'     115.130 
SER 'L-peptide linking' y SERINE          ? 'C3 H7 N O3'     105.093 
THR 'L-peptide linking' y THREONINE       ? 'C4 H9 N O3'     119.119 
TRP 'L-peptide linking' y TRYPTOPHAN      ? 'C11 H12 N2 O2'  204.225 
TYR 'L-peptide linking' y TYROSINE        ? 'C9 H11 N O3'    181.189 
VAL 'L-peptide linking' y VALINE          ? 'C5 H11 N O2'    117.146 
ZN  non-polymer         . 'ZINC ION'      ? 'Zn 2'           65.409  
# 
loop_
_pdbx_poly_seq_scheme.asym_id 
_pdbx_poly_seq_scheme.entity_id 
_pdbx_poly_seq_scheme.seq_id 
_pdbx_poly_seq_scheme.mon_id 
_pdbx_poly_seq_scheme.ndb_seq_num 
_pdbx_poly_seq_scheme.pdb_seq_num 
_pdbx_poly_seq_scheme.auth_seq_num 
_pdbx_poly_seq_scheme.pdb_mon_id 
_pdbx_poly_seq_scheme.auth_mon_id 
_pdbx_poly_seq_scheme.pdb_strand_id 
_pdbx_poly_seq_scheme.pdb_ins_code 
_pdbx_poly_seq_scheme.hetero 
A 1 1  LEU 1  98  98  LEU LEU A . n 
A 1 2  CYS 2  99  99  CYS CYS A . n 
A 1 3  GLY 3  100 100 GLY GLY A . n 
A 1 4  ARG 4  101 101 ARG ARG A . n 
A 1 5  VAL 5  102 102 VAL VAL A . n 
A 1 6  PHE 6  103 103 PHE PHE A . n 
A 1 7  LYS 7  104 104 LYS LYS A . n 
A 1 8  VAL 8  105 105 VAL VAL A . n 
A 1 9  GLY 9  106 106 GLY GLY A . n 
A 1 10 GLU 10 107 107 GLU GLU A . n 
A 1 11 PRO 11 108 108 PRO PRO A . n 
A 1 12 THR 12 109 109 THR THR A . n 
A 1 13 TYR 13 110 110 TYR TYR A . n 
A 1 14 SER 14 111 111 SER SER A . n 
A 1 15 CYS 15 112 112 CYS CYS A . n 
A 1 16 ARG 16 113 113 ARG ARG A . n 
A 1 17 ASP 17 114 114 ASP ASP A . n 
A 1 18 CYS 18 115 115 CYS CYS A . n 
A 1 19 ALA 19 116 116 ALA ALA A . n 
A 1 20 VAL 20 117 117 VAL VAL A . n 
A 1 21 ASP 21 118 118 ASP ASP A . n 
A 1 22 PRO 22 119 119 PRO PRO A . n 
A 1 23 THR 23 120 120 THR THR A . n 
A 1 24 CYS 24 121 121 CYS CYS A . n 
A 1 25 VAL 25 122 122 VAL VAL A . n 
A 1 26 LEU 26 123 123 LEU LEU A . n 
A 1 27 CYS 27 124 124 CYS CYS A . n 
A 1 28 MET 28 125 125 MET MET A . n 
A 1 29 GLU 29 126 126 GLU GLU A . n 
A 1 30 CYS 30 127 127 CYS CYS A . n 
A 1 31 PHE 31 128 128 PHE PHE A . n 
A 1 32 LEU 32 129 129 LEU LEU A . n 
A 1 33 GLY 33 130 130 GLY GLY A . n 
A 1 34 SER 34 131 131 SER SER A . n 
A 1 35 ILE 35 132 132 ILE ILE A . n 
A 1 36 HIS 36 133 133 HIS HIS A . n 
A 1 37 ARG 37 134 134 ARG ARG A . n 
A 1 38 ASP 38 135 135 ASP ASP A . n 
A 1 39 HIS 39 136 136 HIS HIS A . n 
A 1 40 ARG 40 137 137 ARG ARG A . n 
A 1 41 TYR 41 138 138 TYR TYR A . n 
A 1 42 ARG 42 139 139 ARG ARG A . n 
A 1 43 MET 43 140 140 MET MET A . n 
A 1 44 THR 44 141 141 THR THR A . n 
A 1 45 THR 45 142 142 THR THR A . n 
A 1 46 SER 46 143 143 SER SER A . n 
A 1 47 GLY 47 144 144 GLY GLY A . n 
A 1 48 GLY 48 145 145 GLY GLY A . n 
A 1 49 GLY 49 146 146 GLY GLY A . n 
A 1 50 GLY 50 147 147 GLY GLY A . n 
A 1 51 PHE 51 148 148 PHE PHE A . n 
A 1 52 CYS 52 149 149 CYS CYS A . n 
A 1 53 ASP 53 150 150 ASP ASP A . n 
A 1 54 CYS 54 151 151 CYS CYS A . n 
A 1 55 GLY 55 152 152 GLY GLY A . n 
A 1 56 ASP 56 153 153 ASP ASP A . n 
A 1 57 THR 57 154 154 THR THR A . n 
A 1 58 GLU 58 155 155 GLU GLU A . n 
A 1 59 ALA 59 156 156 ALA ALA A . n 
A 1 60 TRP 60 157 157 TRP TRP A . n 
A 1 61 LYS 61 158 158 LYS LYS A . n 
A 1 62 GLU 62 159 159 GLU GLU A . n 
A 1 63 GLY 63 160 160 GLY GLY A . n 
A 1 64 PRO 64 161 161 PRO PRO A . n 
A 1 65 TYR 65 162 162 TYR TYR A . n 
A 1 66 CYS 66 163 163 CYS CYS A . n 
A 1 67 GLN 67 164 164 GLN GLN A . n 
A 1 68 LYS 68 165 165 LYS LYS A . n 
A 1 69 HIS 69 166 166 HIS HIS A . n 
A 1 70 GLU 70 167 167 GLU GLU A . n 
B 2 1  ARG 1  1   1   ARG ARG C . n 
B 2 2  TRP 2  2   2   TRP TRP C . n 
B 2 3  PHE 3  3   3   PHE PHE C . n 
B 2 4  NH2 4  4   4   NH2 PHE C . n 
# 
_pdbx_entity_instance_feature.ordinal        1 
_pdbx_entity_instance_feature.comp_id        ZN 
_pdbx_entity_instance_feature.asym_id        ? 
_pdbx_entity_instance_feature.seq_num        ? 
_pdbx_entity_instance_feature.auth_comp_id   ZN 
_pdbx_entity_instance_feature.auth_asym_id   ? 
_pdbx_entity_instance_feature.auth_seq_num   ? 
_pdbx_entity_instance_feature.feature_type   'SUBJECT OF INVESTIGATION' 
_pdbx_entity_instance_feature.details        ? 
# 
loop_
_pdbx_nonpoly_scheme.asym_id 
_pdbx_nonpoly_scheme.entity_id 
_pdbx_nonpoly_scheme.mon_id 
_pdbx_nonpoly_scheme.ndb_seq_num 
_pdbx_nonpoly_scheme.pdb_seq_num 
_pdbx_nonpoly_scheme.auth_seq_num 
_pdbx_nonpoly_scheme.pdb_mon_id 
_pdbx_nonpoly_scheme.auth_mon_id 
_pdbx_nonpoly_scheme.pdb_strand_id 
_pdbx_nonpoly_scheme.pdb_ins_code 
C 3 ZN  1  201 1  ZN  ZN  A . 
D 3 ZN  1  202 2  ZN  ZN  A . 
E 3 ZN  1  203 3  ZN  ZN  A . 
F 4 HOH 1  301 36 HOH HOH A . 
F 4 HOH 2  302 59 HOH HOH A . 
F 4 HOH 3  303 56 HOH HOH A . 
F 4 HOH 4  304 9  HOH HOH A . 
F 4 HOH 5  305 57 HOH HOH A . 
F 4 HOH 6  306 20 HOH HOH A . 
F 4 HOH 7  307 73 HOH HOH A . 
F 4 HOH 8  308 4  HOH HOH A . 
F 4 HOH 9  309 33 HOH HOH A . 
F 4 HOH 10 310 21 HOH HOH A . 
F 4 HOH 11 311 38 HOH HOH A . 
F 4 HOH 12 312 16 HOH HOH A . 
F 4 HOH 13 313 51 HOH HOH A . 
F 4 HOH 14 314 18 HOH HOH A . 
F 4 HOH 15 315 55 HOH HOH A . 
F 4 HOH 16 316 27 HOH HOH A . 
F 4 HOH 17 317 69 HOH HOH A . 
F 4 HOH 18 318 44 HOH HOH A . 
F 4 HOH 19 319 5  HOH HOH A . 
F 4 HOH 20 320 6  HOH HOH A . 
F 4 HOH 21 321 42 HOH HOH A . 
F 4 HOH 22 322 3  HOH HOH A . 
F 4 HOH 23 323 7  HOH HOH A . 
F 4 HOH 24 324 1  HOH HOH A . 
F 4 HOH 25 325 19 HOH HOH A . 
F 4 HOH 26 326 32 HOH HOH A . 
F 4 HOH 27 327 89 HOH HOH A . 
F 4 HOH 28 328 39 HOH HOH A . 
F 4 HOH 29 329 24 HOH HOH A . 
F 4 HOH 30 330 17 HOH HOH A . 
F 4 HOH 31 331 23 HOH HOH A . 
F 4 HOH 32 332 53 HOH HOH A . 
F 4 HOH 33 333 35 HOH HOH A . 
F 4 HOH 34 334 13 HOH HOH A . 
F 4 HOH 35 335 71 HOH HOH A . 
F 4 HOH 36 336 46 HOH HOH A . 
F 4 HOH 37 337 2  HOH HOH A . 
F 4 HOH 38 338 8  HOH HOH A . 
F 4 HOH 39 339 22 HOH HOH A . 
F 4 HOH 40 340 26 HOH HOH A . 
F 4 HOH 41 341 15 HOH HOH A . 
F 4 HOH 42 342 34 HOH HOH A . 
F 4 HOH 43 343 63 HOH HOH A . 
F 4 HOH 44 344 93 HOH HOH A . 
F 4 HOH 45 345 52 HOH HOH A . 
F 4 HOH 46 346 77 HOH HOH A . 
F 4 HOH 47 347 14 HOH HOH A . 
F 4 HOH 48 348 28 HOH HOH A . 
F 4 HOH 49 349 92 HOH HOH A . 
F 4 HOH 50 350 83 HOH HOH A . 
F 4 HOH 51 351 40 HOH HOH A . 
F 4 HOH 52 352 11 HOH HOH A . 
F 4 HOH 53 353 94 HOH HOH A . 
F 4 HOH 54 354 30 HOH HOH A . 
F 4 HOH 55 355 87 HOH HOH A . 
F 4 HOH 56 356 65 HOH HOH A . 
F 4 HOH 57 357 91 HOH HOH A . 
F 4 HOH 58 358 66 HOH HOH A . 
F 4 HOH 59 359 29 HOH HOH A . 
F 4 HOH 60 360 79 HOH HOH A . 
F 4 HOH 61 361 95 HOH HOH A . 
F 4 HOH 62 362 58 HOH HOH A . 
F 4 HOH 63 363 81 HOH HOH A . 
F 4 HOH 64 364 41 HOH HOH A . 
F 4 HOH 65 365 25 HOH HOH A . 
F 4 HOH 66 366 31 HOH HOH A . 
F 4 HOH 67 367 10 HOH HOH A . 
F 4 HOH 68 368 48 HOH HOH A . 
F 4 HOH 69 369 85 HOH HOH A . 
F 4 HOH 70 370 88 HOH HOH A . 
F 4 HOH 71 371 78 HOH HOH A . 
F 4 HOH 72 372 60 HOH HOH A . 
F 4 HOH 73 373 86 HOH HOH A . 
F 4 HOH 74 374 61 HOH HOH A . 
F 4 HOH 75 375 90 HOH HOH A . 
F 4 HOH 76 376 47 HOH HOH A . 
F 4 HOH 77 377 70 HOH HOH A . 
F 4 HOH 78 378 72 HOH HOH A . 
F 4 HOH 79 379 50 HOH HOH A . 
F 4 HOH 80 380 49 HOH HOH A . 
F 4 HOH 81 381 74 HOH HOH A . 
F 4 HOH 82 382 84 HOH HOH A . 
F 4 HOH 83 383 12 HOH HOH A . 
F 4 HOH 84 384 45 HOH HOH A . 
F 4 HOH 85 385 62 HOH HOH A . 
F 4 HOH 86 386 43 HOH HOH A . 
F 4 HOH 87 387 54 HOH HOH A . 
F 4 HOH 88 388 67 HOH HOH A . 
F 4 HOH 89 389 37 HOH HOH A . 
F 4 HOH 90 390 76 HOH HOH A . 
F 4 HOH 91 391 68 HOH HOH A . 
F 4 HOH 92 392 75 HOH HOH A . 
F 4 HOH 93 393 64 HOH HOH A . 
F 4 HOH 94 394 80 HOH HOH A . 
F 4 HOH 95 395 82 HOH HOH A . 
# 
loop_
_pdbx_unobs_or_zero_occ_atoms.id 
_pdbx_unobs_or_zero_occ_atoms.PDB_model_num 
_pdbx_unobs_or_zero_occ_atoms.polymer_flag 
_pdbx_unobs_or_zero_occ_atoms.occupancy_flag 
_pdbx_unobs_or_zero_occ_atoms.auth_asym_id 
_pdbx_unobs_or_zero_occ_atoms.auth_comp_id 
_pdbx_unobs_or_zero_occ_atoms.auth_seq_id 
_pdbx_unobs_or_zero_occ_atoms.PDB_ins_code 
_pdbx_unobs_or_zero_occ_atoms.auth_atom_id 
_pdbx_unobs_or_zero_occ_atoms.label_alt_id 
_pdbx_unobs_or_zero_occ_atoms.label_asym_id 
_pdbx_unobs_or_zero_occ_atoms.label_comp_id 
_pdbx_unobs_or_zero_occ_atoms.label_seq_id 
_pdbx_unobs_or_zero_occ_atoms.label_atom_id 
1  1 Y 1 C TRP 2 ? CG  ? B TRP 2 CG  
2  1 Y 1 C TRP 2 ? CD1 ? B TRP 2 CD1 
3  1 Y 1 C TRP 2 ? CD2 ? B TRP 2 CD2 
4  1 Y 1 C TRP 2 ? NE1 ? B TRP 2 NE1 
5  1 Y 1 C TRP 2 ? CE2 ? B TRP 2 CE2 
6  1 Y 1 C TRP 2 ? CE3 ? B TRP 2 CE3 
7  1 Y 1 C TRP 2 ? CZ2 ? B TRP 2 CZ2 
8  1 Y 1 C TRP 2 ? CZ3 ? B TRP 2 CZ3 
9  1 Y 1 C TRP 2 ? CH2 ? B TRP 2 CH2 
10 1 Y 1 C PHE 3 ? CG  ? B PHE 3 CG  
11 1 Y 1 C PHE 3 ? CD1 ? B PHE 3 CD1 
12 1 Y 1 C PHE 3 ? CD2 ? B PHE 3 CD2 
13 1 Y 1 C PHE 3 ? CE1 ? B PHE 3 CE1 
14 1 Y 1 C PHE 3 ? CE2 ? B PHE 3 CE2 
15 1 Y 1 C PHE 3 ? CZ  ? B PHE 3 CZ  
# 
loop_
_software.citation_id 
_software.classification 
_software.compiler_name 
_software.compiler_version 
_software.contact_author 
_software.contact_author_email 
_software.date 
_software.description 
_software.dependencies 
_software.hardware 
_software.language 
_software.location 
_software.mods 
_software.name 
_software.os 
_software.os_version 
_software.type 
_software.version 
_software.pdbx_ordinal 
? refinement       ? ? ? ? ? ? ? ? ? ? ? PHENIX   ? ? ? '(1.20.1_4487: ???)' 1 
? 'data scaling'   ? ? ? ? ? ? ? ? ? ? ? HKL-2000 ? ? ? .                    2 
? 'data reduction' ? ? ? ? ? ? ? ? ? ? ? DIALS    ? ? ? .                    3 
? phasing          ? ? ? ? ? ? ? ? ? ? ? PHASER   ? ? ? .                    4 
# 
_cell.angle_alpha                  90.00 
_cell.angle_alpha_esd              ? 
_cell.angle_beta                   109.56 
_cell.angle_beta_esd               ? 
_cell.angle_gamma                  90.00 
_cell.angle_gamma_esd              ? 
_cell.entry_id                     9DNR 
_cell.details                      ? 
_cell.formula_units_Z              ? 
_cell.length_a                     29.235 
_cell.length_a_esd                 ? 
_cell.length_b                     36.957 
_cell.length_b_esd                 ? 
_cell.length_c                     29.615 
_cell.length_c_esd                 ? 
_cell.volume                       ? 
_cell.volume_esd                   ? 
_cell.Z_PDB                        2 
_cell.reciprocal_angle_alpha       ? 
_cell.reciprocal_angle_beta        ? 
_cell.reciprocal_angle_gamma       ? 
_cell.reciprocal_angle_alpha_esd   ? 
_cell.reciprocal_angle_beta_esd    ? 
_cell.reciprocal_angle_gamma_esd   ? 
_cell.reciprocal_length_a          ? 
_cell.reciprocal_length_b          ? 
_cell.reciprocal_length_c          ? 
_cell.reciprocal_length_a_esd      ? 
_cell.reciprocal_length_b_esd      ? 
_cell.reciprocal_length_c_esd      ? 
_cell.pdbx_unique_axis             ? 
_cell.pdbx_esd_method              ? 
# 
_symmetry.entry_id                         9DNR 
_symmetry.cell_setting                     ? 
_symmetry.Int_Tables_number                4 
_symmetry.space_group_name_Hall            ? 
_symmetry.space_group_name_H-M             'P 1 21 1' 
_symmetry.pdbx_full_space_group_name_H-M   ? 
# 
_exptl.absorpt_coefficient_mu     ? 
_exptl.absorpt_correction_T_max   ? 
_exptl.absorpt_correction_T_min   ? 
_exptl.absorpt_correction_type    ? 
_exptl.absorpt_process_details    ? 
_exptl.entry_id                   9DNR 
_exptl.crystals_number            1 
_exptl.details                    ? 
_exptl.method                     'X-RAY DIFFRACTION' 
_exptl.method_details             ? 
# 
_exptl_crystal.colour                       ? 
_exptl_crystal.density_diffrn               ? 
_exptl_crystal.density_Matthews             1.81 
_exptl_crystal.density_method               ? 
_exptl_crystal.density_percent_sol          32.01 
_exptl_crystal.description                  ? 
_exptl_crystal.F_000                        ? 
_exptl_crystal.id                           1 
_exptl_crystal.preparation                  ? 
_exptl_crystal.size_max                     ? 
_exptl_crystal.size_mid                     ? 
_exptl_crystal.size_min                     ? 
_exptl_crystal.size_rad                     ? 
_exptl_crystal.colour_lustre                ? 
_exptl_crystal.colour_modifier              ? 
_exptl_crystal.colour_primary               ? 
_exptl_crystal.density_meas                 ? 
_exptl_crystal.density_meas_esd             ? 
_exptl_crystal.density_meas_gt              ? 
_exptl_crystal.density_meas_lt              ? 
_exptl_crystal.density_meas_temp            ? 
_exptl_crystal.density_meas_temp_esd        ? 
_exptl_crystal.density_meas_temp_gt         ? 
_exptl_crystal.density_meas_temp_lt         ? 
_exptl_crystal.pdbx_crystal_image_url       ? 
_exptl_crystal.pdbx_crystal_image_format    ? 
_exptl_crystal.pdbx_mosaicity               ? 
_exptl_crystal.pdbx_mosaicity_esd           ? 
_exptl_crystal.pdbx_mosaic_method           ? 
_exptl_crystal.pdbx_mosaic_block_size       ? 
_exptl_crystal.pdbx_mosaic_block_size_esd   ? 
# 
_exptl_crystal_grow.apparatus       ? 
_exptl_crystal_grow.atmosphere      ? 
_exptl_crystal_grow.crystal_id      1 
_exptl_crystal_grow.details         ? 
_exptl_crystal_grow.method          'VAPOR DIFFUSION, HANGING DROP' 
_exptl_crystal_grow.method_ref      ? 
_exptl_crystal_grow.pH              6.3 
_exptl_crystal_grow.pressure        ? 
_exptl_crystal_grow.pressure_esd    ? 
_exptl_crystal_grow.seeding         ? 
_exptl_crystal_grow.seeding_ref     ? 
_exptl_crystal_grow.temp_details    ? 
_exptl_crystal_grow.temp_esd        ? 
_exptl_crystal_grow.time            ? 
_exptl_crystal_grow.pdbx_details    
;For UBR2UBR-RWF co-crystal, the ligand to protein molar ratio is 1:5 and the reservoir contains 0.1 M Bis-Tris pH6.3 with 29% PEG 3350. The stock concentration of UBR2UBR for co-crystallization is 6.2 mg/ml.
;
_exptl_crystal_grow.pdbx_pH_range   ? 
_exptl_crystal_grow.temp            293.15 
# 
_diffrn.ambient_environment              ? 
_diffrn.ambient_temp                     77 
_diffrn.ambient_temp_details             ? 
_diffrn.ambient_temp_esd                 ? 
_diffrn.crystal_id                       1 
_diffrn.crystal_support                  ? 
_diffrn.crystal_treatment                ? 
_diffrn.details                          ? 
_diffrn.id                               1 
_diffrn.ambient_pressure                 ? 
_diffrn.ambient_pressure_esd             ? 
_diffrn.ambient_pressure_gt              ? 
_diffrn.ambient_pressure_lt              ? 
_diffrn.ambient_temp_gt                  ? 
_diffrn.ambient_temp_lt                  ? 
_diffrn.pdbx_serial_crystal_experiment   N 
# 
_diffrn_detector.details                      ? 
_diffrn_detector.detector                     PIXEL 
_diffrn_detector.diffrn_id                    1 
_diffrn_detector.type                         'DECTRIS PILATUS3 6M' 
_diffrn_detector.area_resol_mean              ? 
_diffrn_detector.dtime                        ? 
_diffrn_detector.pdbx_frames_total            ? 
_diffrn_detector.pdbx_collection_time_total   ? 
_diffrn_detector.pdbx_collection_date         2022-11-08 
_diffrn_detector.pdbx_frequency               ? 
_diffrn_detector.id                           ? 
_diffrn_detector.number_of_axes               ? 
# 
_diffrn_radiation.collimation                      ? 
_diffrn_radiation.diffrn_id                        1 
_diffrn_radiation.filter_edge                      ? 
_diffrn_radiation.inhomogeneity                    ? 
_diffrn_radiation.monochromator                    ? 
_diffrn_radiation.polarisn_norm                    ? 
_diffrn_radiation.polarisn_ratio                   ? 
_diffrn_radiation.probe                            ? 
_diffrn_radiation.type                             ? 
_diffrn_radiation.xray_symbol                      ? 
_diffrn_radiation.wavelength_id                    1 
_diffrn_radiation.pdbx_monochromatic_or_laue_m_l   M 
_diffrn_radiation.pdbx_wavelength_list             ? 
_diffrn_radiation.pdbx_wavelength                  ? 
_diffrn_radiation.pdbx_diffrn_protocol             'SINGLE WAVELENGTH' 
_diffrn_radiation.pdbx_analyzer                    ? 
_diffrn_radiation.pdbx_scattering_type             x-ray 
# 
_diffrn_radiation_wavelength.id           1 
_diffrn_radiation_wavelength.wavelength   0.97648 
_diffrn_radiation_wavelength.wt           1.0 
# 
_diffrn_source.current                     ? 
_diffrn_source.details                     ? 
_diffrn_source.diffrn_id                   1 
_diffrn_source.power                       ? 
_diffrn_source.size                        ? 
_diffrn_source.source                      SYNCHROTRON 
_diffrn_source.target                      ? 
_diffrn_source.type                        'ALS BEAMLINE 8.2.1' 
_diffrn_source.voltage                     ? 
_diffrn_source.take-off_angle              ? 
_diffrn_source.pdbx_wavelength_list        0.97648 
_diffrn_source.pdbx_wavelength             ? 
_diffrn_source.pdbx_synchrotron_beamline   8.2.1 
_diffrn_source.pdbx_synchrotron_site       ALS 
# 
_reflns.B_iso_Wilson_estimate                          ? 
_reflns.entry_id                                       9DNR 
_reflns.data_reduction_details                         ? 
_reflns.data_reduction_method                          ? 
_reflns.d_resolution_high                              1.22 
_reflns.d_resolution_low                               50.00 
_reflns.details                                        ? 
_reflns.limit_h_max                                    ? 
_reflns.limit_h_min                                    ? 
_reflns.limit_k_max                                    ? 
_reflns.limit_k_min                                    ? 
_reflns.limit_l_max                                    ? 
_reflns.limit_l_min                                    ? 
_reflns.number_all                                     ? 
_reflns.number_obs                                     17252 
_reflns.observed_criterion                             ? 
_reflns.observed_criterion_F_max                       ? 
_reflns.observed_criterion_F_min                       ? 
_reflns.observed_criterion_I_max                       ? 
_reflns.observed_criterion_I_min                       ? 
_reflns.observed_criterion_sigma_F                     ? 
_reflns.observed_criterion_sigma_I                     ? 
_reflns.percent_possible_obs                           96.4 
_reflns.R_free_details                                 ? 
_reflns.Rmerge_F_all                                   ? 
_reflns.Rmerge_F_obs                                   ? 
_reflns.Friedel_coverage                               ? 
_reflns.number_gt                                      ? 
_reflns.threshold_expression                           ? 
_reflns.pdbx_redundancy                                4.1 
_reflns.pdbx_netI_over_av_sigmaI                       ? 
_reflns.pdbx_netI_over_sigmaI                          23.2 
_reflns.pdbx_res_netI_over_av_sigmaI_2                 ? 
_reflns.pdbx_res_netI_over_sigmaI_2                    ? 
_reflns.pdbx_chi_squared                               1.701 
_reflns.pdbx_scaling_rejects                           ? 
_reflns.pdbx_d_res_high_opt                            ? 
_reflns.pdbx_d_res_low_opt                             ? 
_reflns.pdbx_d_res_opt_method                          ? 
_reflns.phase_calculation_details                      ? 
_reflns.pdbx_Rrim_I_all                                0.079 
_reflns.pdbx_Rpim_I_all                                0.037 
_reflns.pdbx_d_opt                                     ? 
_reflns.pdbx_number_measured_all                       71322 
_reflns.pdbx_diffrn_id                                 1 
_reflns.pdbx_ordinal                                   1 
_reflns.pdbx_CC_half                                   0.994 
_reflns.pdbx_CC_star                                   0.998 
_reflns.pdbx_R_split                                   ? 
_reflns.pdbx_Rmerge_I_obs                              0.070 
_reflns.pdbx_Rmerge_I_all                              ? 
_reflns.pdbx_Rsym_value                                ? 
_reflns.pdbx_CC_split_method                           ? 
_reflns.pdbx_aniso_diffraction_limit_axis_1_ortho[1]   ? 
_reflns.pdbx_aniso_diffraction_limit_axis_1_ortho[2]   ? 
_reflns.pdbx_aniso_diffraction_limit_axis_1_ortho[3]   ? 
_reflns.pdbx_aniso_diffraction_limit_axis_2_ortho[1]   ? 
_reflns.pdbx_aniso_diffraction_limit_axis_2_ortho[2]   ? 
_reflns.pdbx_aniso_diffraction_limit_axis_2_ortho[3]   ? 
_reflns.pdbx_aniso_diffraction_limit_axis_3_ortho[1]   ? 
_reflns.pdbx_aniso_diffraction_limit_axis_3_ortho[2]   ? 
_reflns.pdbx_aniso_diffraction_limit_axis_3_ortho[3]   ? 
_reflns.pdbx_aniso_diffraction_limit_1                 ? 
_reflns.pdbx_aniso_diffraction_limit_2                 ? 
_reflns.pdbx_aniso_diffraction_limit_3                 ? 
_reflns.pdbx_aniso_B_tensor_eigenvector_1_ortho[1]     ? 
_reflns.pdbx_aniso_B_tensor_eigenvector_1_ortho[2]     ? 
_reflns.pdbx_aniso_B_tensor_eigenvector_1_ortho[3]     ? 
_reflns.pdbx_aniso_B_tensor_eigenvector_2_ortho[1]     ? 
_reflns.pdbx_aniso_B_tensor_eigenvector_2_ortho[2]     ? 
_reflns.pdbx_aniso_B_tensor_eigenvector_2_ortho[3]     ? 
_reflns.pdbx_aniso_B_tensor_eigenvector_3_ortho[1]     ? 
_reflns.pdbx_aniso_B_tensor_eigenvector_3_ortho[2]     ? 
_reflns.pdbx_aniso_B_tensor_eigenvector_3_ortho[3]     ? 
_reflns.pdbx_aniso_B_tensor_eigenvalue_1               ? 
_reflns.pdbx_aniso_B_tensor_eigenvalue_2               ? 
_reflns.pdbx_aniso_B_tensor_eigenvalue_3               ? 
_reflns.pdbx_orthogonalization_convention              ? 
_reflns.pdbx_percent_possible_ellipsoidal              ? 
_reflns.pdbx_percent_possible_spherical                ? 
_reflns.pdbx_percent_possible_ellipsoidal_anomalous    ? 
_reflns.pdbx_percent_possible_spherical_anomalous      ? 
_reflns.pdbx_redundancy_anomalous                      ? 
_reflns.pdbx_CC_half_anomalous                         ? 
_reflns.pdbx_absDiff_over_sigma_anomalous              ? 
_reflns.pdbx_percent_possible_anomalous                ? 
_reflns.pdbx_observed_signal_threshold                 ? 
_reflns.pdbx_signal_type                               ? 
_reflns.pdbx_signal_details                            ? 
_reflns.pdbx_signal_software_id                        ? 
# 
loop_
_reflns_shell.d_res_high 
_reflns_shell.d_res_low 
_reflns_shell.meanI_over_sigI_all 
_reflns_shell.meanI_over_sigI_obs 
_reflns_shell.number_measured_all 
_reflns_shell.number_measured_obs 
_reflns_shell.number_possible 
_reflns_shell.number_unique_all 
_reflns_shell.number_unique_obs 
_reflns_shell.percent_possible_obs 
_reflns_shell.Rmerge_F_all 
_reflns_shell.Rmerge_F_obs 
_reflns_shell.meanI_over_sigI_gt 
_reflns_shell.meanI_over_uI_all 
_reflns_shell.meanI_over_uI_gt 
_reflns_shell.number_measured_gt 
_reflns_shell.number_unique_gt 
_reflns_shell.percent_possible_gt 
_reflns_shell.Rmerge_F_gt 
_reflns_shell.Rmerge_I_gt 
_reflns_shell.pdbx_redundancy 
_reflns_shell.pdbx_chi_squared 
_reflns_shell.pdbx_netI_over_sigmaI_all 
_reflns_shell.pdbx_netI_over_sigmaI_obs 
_reflns_shell.pdbx_Rrim_I_all 
_reflns_shell.pdbx_Rpim_I_all 
_reflns_shell.pdbx_rejects 
_reflns_shell.pdbx_ordinal 
_reflns_shell.pdbx_diffrn_id 
_reflns_shell.pdbx_CC_half 
_reflns_shell.pdbx_CC_star 
_reflns_shell.pdbx_R_split 
_reflns_shell.percent_possible_all 
_reflns_shell.Rmerge_I_all 
_reflns_shell.Rmerge_I_obs 
_reflns_shell.pdbx_Rsym_value 
_reflns_shell.pdbx_percent_possible_ellipsoidal 
_reflns_shell.pdbx_percent_possible_spherical 
_reflns_shell.pdbx_percent_possible_ellipsoidal_anomalous 
_reflns_shell.pdbx_percent_possible_spherical_anomalous 
_reflns_shell.pdbx_redundancy_anomalous 
_reflns_shell.pdbx_CC_half_anomalous 
_reflns_shell.pdbx_absDiff_over_sigma_anomalous 
_reflns_shell.pdbx_percent_possible_anomalous 
1.22 1.24  ? ? ? ? ? ? 718 ? ? ? ? ? ? ? ? ? ? ? 3.8 1.847 ? ? 0.197 0.093 ? 1  1 0.951 0.987 ? 81.2 ? 0.173 ? ? ? ? ? ? ? ? ? 
1.24 1.26  ? ? ? ? ? ? 813 ? ? ? ? ? ? ? ? ? ? ? 4.1 1.745 ? ? 0.198 0.090 ? 2  1 0.975 0.994 ? 92.8 ? 0.175 ? ? ? ? ? ? ? ? ? 
1.26 1.29  ? ? ? ? ? ? 860 ? ? ? ? ? ? ? ? ? ? ? 4.1 1.671 ? ? 0.186 0.085 ? 3  1 0.980 0.995 ? 95.8 ? 0.165 ? ? ? ? ? ? ? ? ? 
1.29 1.31  ? ? ? ? ? ? 868 ? ? ? ? ? ? ? ? ? ? ? 4.1 1.653 ? ? 0.182 0.083 ? 4  1 0.977 0.994 ? 96.9 ? 0.161 ? ? ? ? ? ? ? ? ? 
1.31 1.34  ? ? ? ? ? ? 855 ? ? ? ? ? ? ? ? ? ? ? 4.2 1.635 ? ? 0.193 0.087 ? 5  1 0.970 0.992 ? 97.9 ? 0.172 ? ? ? ? ? ? ? ? ? 
1.34 1.37  ? ? ? ? ? ? 877 ? ? ? ? ? ? ? ? ? ? ? 4.2 1.734 ? ? 0.183 0.083 ? 6  1 0.979 0.995 ? 98.4 ? 0.163 ? ? ? ? ? ? ? ? ? 
1.37 1.41  ? ? ? ? ? ? 874 ? ? ? ? ? ? ? ? ? ? ? 4.1 1.700 ? ? 0.177 0.080 ? 7  1 0.979 0.995 ? 97.7 ? 0.157 ? ? ? ? ? ? ? ? ? 
1.41 1.45  ? ? ? ? ? ? 857 ? ? ? ? ? ? ? ? ? ? ? 3.8 1.744 ? ? 0.172 0.079 ? 8  1 0.974 0.993 ? 97.2 ? 0.152 ? ? ? ? ? ? ? ? ? 
1.45 1.49  ? ? ? ? ? ? 843 ? ? ? ? ? ? ? ? ? ? ? 3.8 1.749 ? ? 0.151 0.070 ? 9  1 0.980 0.995 ? 94.3 ? 0.133 ? ? ? ? ? ? ? ? ? 
1.49 1.54  ? ? ? ? ? ? 886 ? ? ? ? ? ? ? ? ? ? ? 4.4 1.676 ? ? 0.148 0.067 ? 10 1 0.985 0.996 ? 98.6 ? 0.132 ? ? ? ? ? ? ? ? ? 
1.54 1.59  ? ? ? ? ? ? 862 ? ? ? ? ? ? ? ? ? ? ? 4.4 1.729 ? ? 0.140 0.063 ? 11 1 0.981 0.995 ? 98.3 ? 0.125 ? ? ? ? ? ? ? ? ? 
1.59 1.66  ? ? ? ? ? ? 887 ? ? ? ? ? ? ? ? ? ? ? 4.4 1.650 ? ? 0.131 0.059 ? 12 1 0.985 0.996 ? 98.7 ? 0.117 ? ? ? ? ? ? ? ? ? 
1.66 1.73  ? ? ? ? ? ? 902 ? ? ? ? ? ? ? ? ? ? ? 4.2 1.715 ? ? 0.121 0.055 ? 13 1 0.987 0.997 ? 98.6 ? 0.107 ? ? ? ? ? ? ? ? ? 
1.73 1.82  ? ? ? ? ? ? 867 ? ? ? ? ? ? ? ? ? ? ? 4.2 1.636 ? ? 0.108 0.049 ? 14 1 0.988 0.997 ? 98.9 ? 0.096 ? ? ? ? ? ? ? ? ? 
1.82 1.94  ? ? ? ? ? ? 863 ? ? ? ? ? ? ? ? ? ? ? 3.9 1.640 ? ? 0.099 0.046 ? 15 1 0.992 0.998 ? 96.2 ? 0.087 ? ? ? ? ? ? ? ? ? 
1.94 2.09  ? ? ? ? ? ? 864 ? ? ? ? ? ? ? ? ? ? ? 3.9 1.718 ? ? 0.085 0.040 ? 16 1 0.993 0.998 ? 96.1 ? 0.074 ? ? ? ? ? ? ? ? ? 
2.09 2.30  ? ? ? ? ? ? 887 ? ? ? ? ? ? ? ? ? ? ? 4.4 1.625 ? ? 0.077 0.035 ? 17 1 0.995 0.999 ? 99.1 ? 0.069 ? ? ? ? ? ? ? ? ? 
2.30 2.63  ? ? ? ? ? ? 892 ? ? ? ? ? ? ? ? ? ? ? 4.4 1.646 ? ? 0.068 0.031 ? 18 1 0.994 0.998 ? 98.7 ? 0.061 ? ? ? ? ? ? ? ? ? 
2.63 3.31  ? ? ? ? ? ? 898 ? ? ? ? ? ? ? ? ? ? ? 4.1 1.624 ? ? 0.055 0.026 ? 19 1 0.996 0.999 ? 98.4 ? 0.048 ? ? ? ? ? ? ? ? ? 
3.31 50.00 ? ? ? ? ? ? 879 ? ? ? ? ? ? ? ? ? ? ? 4.1 1.949 ? ? 0.042 0.020 ? 20 1 0.997 0.999 ? 94.6 ? 0.037 ? ? ? ? ? ? ? ? ? 
# 
_refine.aniso_B[1][1]                            ? 
_refine.aniso_B[1][2]                            ? 
_refine.aniso_B[1][3]                            ? 
_refine.aniso_B[2][2]                            ? 
_refine.aniso_B[2][3]                            ? 
_refine.aniso_B[3][3]                            ? 
_refine.B_iso_max                                ? 
_refine.B_iso_mean                               ? 
_refine.B_iso_min                                ? 
_refine.correlation_coeff_Fo_to_Fc               ? 
_refine.correlation_coeff_Fo_to_Fc_free          ? 
_refine.details                                  ? 
_refine.diff_density_max                         ? 
_refine.diff_density_max_esd                     ? 
_refine.diff_density_min                         ? 
_refine.diff_density_min_esd                     ? 
_refine.diff_density_rms                         ? 
_refine.diff_density_rms_esd                     ? 
_refine.entry_id                                 9DNR 
_refine.pdbx_refine_id                           'X-RAY DIFFRACTION' 
_refine.ls_abs_structure_details                 ? 
_refine.ls_abs_structure_Flack                   ? 
_refine.ls_abs_structure_Flack_esd               ? 
_refine.ls_abs_structure_Rogers                  ? 
_refine.ls_abs_structure_Rogers_esd              ? 
_refine.ls_d_res_high                            1.22 
_refine.ls_d_res_low                             27.91 
_refine.ls_extinction_coef                       ? 
_refine.ls_extinction_coef_esd                   ? 
_refine.ls_extinction_expression                 ? 
_refine.ls_extinction_method                     ? 
_refine.ls_goodness_of_fit_all                   ? 
_refine.ls_goodness_of_fit_all_esd               ? 
_refine.ls_goodness_of_fit_obs                   ? 
_refine.ls_goodness_of_fit_obs_esd               ? 
_refine.ls_hydrogen_treatment                    ? 
_refine.ls_matrix_type                           ? 
_refine.ls_number_constraints                    ? 
_refine.ls_number_parameters                     ? 
_refine.ls_number_reflns_all                     ? 
_refine.ls_number_reflns_obs                     17238 
_refine.ls_number_reflns_R_free                  866 
_refine.ls_number_reflns_R_work                  ? 
_refine.ls_number_restraints                     ? 
_refine.ls_percent_reflns_obs                    96.91 
_refine.ls_percent_reflns_R_free                 5.02 
_refine.ls_R_factor_all                          ? 
_refine.ls_R_factor_obs                          0.1682 
_refine.ls_R_factor_R_free                       0.1799 
_refine.ls_R_factor_R_free_error                 ? 
_refine.ls_R_factor_R_free_error_details         ? 
_refine.ls_R_factor_R_work                       0.1676 
_refine.ls_R_Fsqd_factor_obs                     ? 
_refine.ls_R_I_factor_obs                        ? 
_refine.ls_redundancy_reflns_all                 ? 
_refine.ls_redundancy_reflns_obs                 ? 
_refine.ls_restrained_S_all                      ? 
_refine.ls_restrained_S_obs                      ? 
_refine.ls_shift_over_esd_max                    ? 
_refine.ls_shift_over_esd_mean                   ? 
_refine.ls_structure_factor_coef                 ? 
_refine.ls_weighting_details                     ? 
_refine.ls_weighting_scheme                      ? 
_refine.ls_wR_factor_all                         ? 
_refine.ls_wR_factor_obs                         ? 
_refine.ls_wR_factor_R_free                      ? 
_refine.ls_wR_factor_R_work                      ? 
_refine.occupancy_max                            ? 
_refine.occupancy_min                            ? 
_refine.solvent_model_details                    'FLAT BULK SOLVENT MODEL' 
_refine.solvent_model_param_bsol                 ? 
_refine.solvent_model_param_ksol                 ? 
_refine.pdbx_R_complete                          ? 
_refine.ls_R_factor_gt                           ? 
_refine.ls_goodness_of_fit_gt                    ? 
_refine.ls_goodness_of_fit_ref                   ? 
_refine.ls_shift_over_su_max                     ? 
_refine.ls_shift_over_su_max_lt                  ? 
_refine.ls_shift_over_su_mean                    ? 
_refine.ls_shift_over_su_mean_lt                 ? 
_refine.pdbx_ls_sigma_I                          ? 
_refine.pdbx_ls_sigma_F                          1.44 
_refine.pdbx_ls_sigma_Fsqd                       ? 
_refine.pdbx_data_cutoff_high_absF               ? 
_refine.pdbx_data_cutoff_high_rms_absF           ? 
_refine.pdbx_data_cutoff_low_absF                ? 
_refine.pdbx_isotropic_thermal_model             ? 
_refine.pdbx_ls_cross_valid_method               'FREE R-VALUE' 
_refine.pdbx_method_to_determine_struct          'MOLECULAR REPLACEMENT' 
_refine.pdbx_starting_model                      ? 
_refine.pdbx_stereochemistry_target_values       ML 
_refine.pdbx_R_Free_selection_details            ? 
_refine.pdbx_stereochem_target_val_spec_case     ? 
_refine.pdbx_overall_ESU_R                       ? 
_refine.pdbx_overall_ESU_R_Free                  ? 
_refine.pdbx_solvent_vdw_probe_radii             1.10 
_refine.pdbx_solvent_ion_probe_radii             ? 
_refine.pdbx_solvent_shrinkage_radii             0.90 
_refine.pdbx_real_space_R                        ? 
_refine.pdbx_density_correlation                 ? 
_refine.pdbx_pd_number_of_powder_patterns        ? 
_refine.pdbx_pd_number_of_points                 ? 
_refine.pdbx_pd_meas_number_of_points            ? 
_refine.pdbx_pd_proc_ls_prof_R_factor            ? 
_refine.pdbx_pd_proc_ls_prof_wR_factor           ? 
_refine.pdbx_pd_Marquardt_correlation_coeff      ? 
_refine.pdbx_pd_Fsqrd_R_factor                   ? 
_refine.pdbx_pd_ls_matrix_band_width             ? 
_refine.pdbx_overall_phase_error                 17.43 
_refine.pdbx_overall_SU_R_free_Cruickshank_DPI   ? 
_refine.pdbx_overall_SU_R_free_Blow_DPI          ? 
_refine.pdbx_overall_SU_R_Blow_DPI               ? 
_refine.pdbx_TLS_residual_ADP_flag               ? 
_refine.pdbx_diffrn_id                           1 
_refine.overall_SU_B                             ? 
_refine.overall_SU_ML                            0.11 
_refine.overall_SU_R_Cruickshank_DPI             ? 
_refine.overall_SU_R_free                        ? 
_refine.overall_FOM_free_R_set                   ? 
_refine.overall_FOM_work_R_set                   ? 
_refine.pdbx_average_fsc_overall                 ? 
_refine.pdbx_average_fsc_work                    ? 
_refine.pdbx_average_fsc_free                    ? 
# 
_refine_hist.pdbx_refine_id                   'X-RAY DIFFRACTION' 
_refine_hist.cycle_id                         LAST 
_refine_hist.pdbx_number_atoms_protein        562 
_refine_hist.pdbx_number_atoms_nucleic_acid   0 
_refine_hist.pdbx_number_atoms_ligand         3 
_refine_hist.number_atoms_solvent             95 
_refine_hist.number_atoms_total               660 
_refine_hist.d_res_high                       1.22 
_refine_hist.d_res_low                        27.91 
# 
loop_
_refine_ls_restr.pdbx_refine_id 
_refine_ls_restr.criterion 
_refine_ls_restr.dev_ideal 
_refine_ls_restr.dev_ideal_target 
_refine_ls_restr.number 
_refine_ls_restr.rejects 
_refine_ls_restr.type 
_refine_ls_restr.weight 
_refine_ls_restr.pdbx_restraint_function 
'X-RAY DIFFRACTION' ? 0.007 ? 574 ? f_bond_d           ? ? 
'X-RAY DIFFRACTION' ? 0.955 ? 771 ? f_angle_d          ? ? 
'X-RAY DIFFRACTION' ? 6.361 ? 81  ? f_dihedral_angle_d ? ? 
'X-RAY DIFFRACTION' ? 0.085 ? 77  ? f_chiral_restr     ? ? 
'X-RAY DIFFRACTION' ? 0.008 ? 103 ? f_plane_restr      ? ? 
# 
loop_
_refine_ls_shell.pdbx_refine_id 
_refine_ls_shell.d_res_high 
_refine_ls_shell.d_res_low 
_refine_ls_shell.number_reflns_all 
_refine_ls_shell.number_reflns_obs 
_refine_ls_shell.number_reflns_R_free 
_refine_ls_shell.number_reflns_R_work 
_refine_ls_shell.percent_reflns_obs 
_refine_ls_shell.percent_reflns_R_free 
_refine_ls_shell.R_factor_all 
_refine_ls_shell.R_factor_obs 
_refine_ls_shell.R_factor_R_free_error 
_refine_ls_shell.R_factor_R_work 
_refine_ls_shell.redundancy_reflns_all 
_refine_ls_shell.redundancy_reflns_obs 
_refine_ls_shell.wR_factor_all 
_refine_ls_shell.wR_factor_obs 
_refine_ls_shell.wR_factor_R_free 
_refine_ls_shell.wR_factor_R_work 
_refine_ls_shell.pdbx_R_complete 
_refine_ls_shell.pdbx_total_number_of_bins_used 
_refine_ls_shell.pdbx_phase_error 
_refine_ls_shell.pdbx_fsc_work 
_refine_ls_shell.pdbx_fsc_free 
_refine_ls_shell.R_factor_R_free 
'X-RAY DIFFRACTION' 1.22 1.30  . . 141 2607 94.00 . . . . 0.1906 . . . . . . . . . . . 0.1989 
'X-RAY DIFFRACTION' 1.30 1.40  . . 146 2751 98.00 . . . . 0.1821 . . . . . . . . . . . 0.1888 
'X-RAY DIFFRACTION' 1.40 1.54  . . 132 2723 97.00 . . . . 0.1752 . . . . . . . . . . . 0.1966 
'X-RAY DIFFRACTION' 1.54 1.76  . . 160 2743 99.00 . . . . 0.1533 . . . . . . . . . . . 0.1611 
'X-RAY DIFFRACTION' 1.76 2.22  . . 140 2736 97.00 . . . . 0.1701 . . . . . . . . . . . 0.1806 
'X-RAY DIFFRACTION' 2.22 27.91 . . 147 2812 97.00 . . . . 0.1619 . . . . . . . . . . . 0.1775 
# 
_struct.entry_id                     9DNR 
_struct.title                        'Structure of UBR2-RWF complex' 
_struct.pdbx_model_details           ? 
_struct.pdbx_formula_weight          ? 
_struct.pdbx_formula_weight_method   ? 
_struct.pdbx_model_type_details      ? 
_struct.pdbx_CASP_flag               N 
# 
_struct_keywords.entry_id        9DNR 
_struct_keywords.text            'UBR, E3 ligase, natural ligands, PROTEIN BINDING' 
_struct_keywords.pdbx_keywords   'PROTEIN BINDING' 
# 
loop_
_struct_asym.id 
_struct_asym.pdbx_blank_PDB_chainid_flag 
_struct_asym.pdbx_modified 
_struct_asym.entity_id 
_struct_asym.details 
A N N 1 ? 
B N N 2 ? 
C N N 3 ? 
D N N 3 ? 
E N N 3 ? 
F N N 4 ? 
# 
loop_
_struct_ref.id 
_struct_ref.db_name 
_struct_ref.db_code 
_struct_ref.pdbx_db_accession 
_struct_ref.pdbx_db_isoform 
_struct_ref.entity_id 
_struct_ref.pdbx_seq_one_letter_code 
_struct_ref.pdbx_align_begin 
1 UNP UBR2_HUMAN Q8IWV8 ? 1 LCGRVFKVGEPTYSCRDCAVDPTCVLCMECFLGSIHRDHRYRMTTSGGGGFCDCGDTEAWKEGPYCQKHE 98 
2 PDB 9DNR       9DNR   ? 2 ?                                                                      1  
# 
loop_
_struct_ref_seq.align_id 
_struct_ref_seq.ref_id 
_struct_ref_seq.pdbx_PDB_id_code 
_struct_ref_seq.pdbx_strand_id 
_struct_ref_seq.seq_align_beg 
_struct_ref_seq.pdbx_seq_align_beg_ins_code 
_struct_ref_seq.seq_align_end 
_struct_ref_seq.pdbx_seq_align_end_ins_code 
_struct_ref_seq.pdbx_db_accession 
_struct_ref_seq.db_align_beg 
_struct_ref_seq.pdbx_db_align_beg_ins_code 
_struct_ref_seq.db_align_end 
_struct_ref_seq.pdbx_db_align_end_ins_code 
_struct_ref_seq.pdbx_auth_seq_align_beg 
_struct_ref_seq.pdbx_auth_seq_align_end 
1 1 9DNR A 1 ? 70 ? Q8IWV8 98 ? 167 ? 98 167 
2 2 9DNR C 1 ? 4  ? 9DNR   1  ? 4   ? 1  4   
# 
_pdbx_struct_assembly.id                   1 
_pdbx_struct_assembly.details              author_and_software_defined_assembly 
_pdbx_struct_assembly.method_details       PISA 
_pdbx_struct_assembly.oligomeric_details   dimeric 
_pdbx_struct_assembly.oligomeric_count     2 
# 
loop_
_pdbx_struct_assembly_prop.biol_id 
_pdbx_struct_assembly_prop.type 
_pdbx_struct_assembly_prop.value 
_pdbx_struct_assembly_prop.details 
1 'ABSA (A^2)' 740  ? 
1 MORE         -1   ? 
1 'SSA (A^2)'  4150 ? 
# 
_pdbx_struct_assembly_gen.assembly_id       1 
_pdbx_struct_assembly_gen.oper_expression   1 
_pdbx_struct_assembly_gen.asym_id_list      A,B,C,D,E,F 
# 
_pdbx_struct_assembly_auth_evidence.id                     1 
_pdbx_struct_assembly_auth_evidence.assembly_id            1 
_pdbx_struct_assembly_auth_evidence.experimental_support   'gel filtration' 
_pdbx_struct_assembly_auth_evidence.details                'Single peak observed during size exclusion chromatography purification' 
# 
_pdbx_struct_oper_list.id                   1 
_pdbx_struct_oper_list.type                 'identity operation' 
_pdbx_struct_oper_list.name                 1_555 
_pdbx_struct_oper_list.symmetry_operation   x,y,z 
_pdbx_struct_oper_list.matrix[1][1]         1.0000000000 
_pdbx_struct_oper_list.matrix[1][2]         0.0000000000 
_pdbx_struct_oper_list.matrix[1][3]         0.0000000000 
_pdbx_struct_oper_list.vector[1]            0.0000000000 
_pdbx_struct_oper_list.matrix[2][1]         0.0000000000 
_pdbx_struct_oper_list.matrix[2][2]         1.0000000000 
_pdbx_struct_oper_list.matrix[2][3]         0.0000000000 
_pdbx_struct_oper_list.vector[2]            0.0000000000 
_pdbx_struct_oper_list.matrix[3][1]         0.0000000000 
_pdbx_struct_oper_list.matrix[3][2]         0.0000000000 
_pdbx_struct_oper_list.matrix[3][3]         1.0000000000 
_pdbx_struct_oper_list.vector[3]            0.0000000000 
# 
loop_
_struct_conf.conf_type_id 
_struct_conf.id 
_struct_conf.pdbx_PDB_helix_id 
_struct_conf.beg_label_comp_id 
_struct_conf.beg_label_asym_id 
_struct_conf.beg_label_seq_id 
_struct_conf.pdbx_beg_PDB_ins_code 
_struct_conf.end_label_comp_id 
_struct_conf.end_label_asym_id 
_struct_conf.end_label_seq_id 
_struct_conf.pdbx_end_PDB_ins_code 
_struct_conf.beg_auth_comp_id 
_struct_conf.beg_auth_asym_id 
_struct_conf.beg_auth_seq_id 
_struct_conf.end_auth_comp_id 
_struct_conf.end_auth_asym_id 
_struct_conf.end_auth_seq_id 
_struct_conf.pdbx_PDB_helix_class 
_struct_conf.details 
_struct_conf.pdbx_PDB_helix_length 
HELX_P HELX_P1 AA1 CYS A 27 ? GLY A 33 ? CYS A 124 GLY A 130 1 ? 7 
HELX_P HELX_P2 AA2 SER A 34 ? HIS A 39 ? SER A 131 HIS A 136 5 ? 6 
# 
_struct_conf_type.id          HELX_P 
_struct_conf_type.criteria    ? 
_struct_conf_type.reference   ? 
# 
loop_
_struct_conn.id 
_struct_conn.conn_type_id 
_struct_conn.pdbx_leaving_atom_flag 
_struct_conn.pdbx_PDB_id 
_struct_conn.ptnr1_label_asym_id 
_struct_conn.ptnr1_label_comp_id 
_struct_conn.ptnr1_label_seq_id 
_struct_conn.ptnr1_label_atom_id 
_struct_conn.pdbx_ptnr1_label_alt_id 
_struct_conn.pdbx_ptnr1_PDB_ins_code 
_struct_conn.pdbx_ptnr1_standard_comp_id 
_struct_conn.ptnr1_symmetry 
_struct_conn.ptnr2_label_asym_id 
_struct_conn.ptnr2_label_comp_id 
_struct_conn.ptnr2_label_seq_id 
_struct_conn.ptnr2_label_atom_id 
_struct_conn.pdbx_ptnr2_label_alt_id 
_struct_conn.pdbx_ptnr2_PDB_ins_code 
_struct_conn.ptnr1_auth_asym_id 
_struct_conn.ptnr1_auth_comp_id 
_struct_conn.ptnr1_auth_seq_id 
_struct_conn.ptnr2_auth_asym_id 
_struct_conn.ptnr2_auth_comp_id 
_struct_conn.ptnr2_auth_seq_id 
_struct_conn.ptnr2_symmetry 
_struct_conn.pdbx_ptnr3_label_atom_id 
_struct_conn.pdbx_ptnr3_label_seq_id 
_struct_conn.pdbx_ptnr3_label_comp_id 
_struct_conn.pdbx_ptnr3_label_asym_id 
_struct_conn.pdbx_ptnr3_label_alt_id 
_struct_conn.pdbx_ptnr3_PDB_ins_code 
_struct_conn.details 
_struct_conn.pdbx_dist_value 
_struct_conn.pdbx_value_order 
_struct_conn.pdbx_role 
covale1  covale both ? B PHE 3  C   ? ? ? 1_555 B NH2 4 N  ? ? C PHE 3   C NH2 4   1_555 ? ? ? ? ? ? ? 1.329 ? ? 
metalc1  metalc ?    ? A CYS 2  SG  ? ? ? 1_555 C ZN  . ZN ? ? A CYS 99  A ZN  201 1_555 ? ? ? ? ? ? ? 2.307 ? ? 
metalc2  metalc ?    ? A CYS 15 SG  ? ? ? 1_555 E ZN  . ZN ? ? A CYS 112 A ZN  203 1_555 ? ? ? ? ? ? ? 2.327 ? ? 
metalc3  metalc ?    ? A CYS 18 SG  ? ? ? 1_555 E ZN  . ZN ? ? A CYS 115 A ZN  203 1_555 ? ? ? ? ? ? ? 2.296 ? ? 
metalc4  metalc ?    ? A CYS 27 SG  ? ? ? 1_555 C ZN  . ZN ? ? A CYS 124 A ZN  201 1_555 ? ? ? ? ? ? ? 2.326 ? ? 
metalc5  metalc ?    ? A CYS 30 SG  ? ? ? 1_555 C ZN  . ZN ? ? A CYS 127 A ZN  201 1_555 ? ? ? ? ? ? ? 2.385 ? ? 
metalc6  metalc ?    ? A CYS 30 SG  ? ? ? 1_555 D ZN  . ZN ? ? A CYS 127 A ZN  202 1_555 ? ? ? ? ? ? ? 2.349 ? ? 
metalc7  metalc ?    ? A HIS 36 ND1 ? ? ? 1_555 E ZN  . ZN ? ? A HIS 133 A ZN  203 1_555 ? ? ? ? ? ? ? 2.050 ? ? 
metalc8  metalc ?    ? A HIS 39 ND1 ? ? ? 1_555 E ZN  . ZN ? ? A HIS 136 A ZN  203 1_555 ? ? ? ? ? ? ? 2.068 ? ? 
metalc9  metalc ?    ? A CYS 52 SG  ? ? ? 1_555 C ZN  . ZN ? ? A CYS 149 A ZN  201 1_555 ? ? ? ? ? ? ? 2.341 ? ? 
metalc10 metalc ?    ? A CYS 54 SG  ? ? ? 1_555 D ZN  . ZN ? ? A CYS 151 A ZN  202 1_555 ? ? ? ? ? ? ? 2.316 ? ? 
metalc11 metalc ?    ? A CYS 66 SG  ? ? ? 1_555 D ZN  . ZN ? ? A CYS 163 A ZN  202 1_555 ? ? ? ? ? ? ? 2.334 ? ? 
metalc12 metalc ?    ? A HIS 69 ND1 ? ? ? 1_555 D ZN  . ZN ? ? A HIS 166 A ZN  202 1_555 ? ? ? ? ? ? ? 2.064 ? ? 
# 
loop_
_struct_conn_type.id 
_struct_conn_type.criteria 
_struct_conn_type.reference 
covale ? ? 
metalc ? ? 
# 
loop_
_pdbx_struct_conn_angle.id 
_pdbx_struct_conn_angle.ptnr1_label_atom_id 
_pdbx_struct_conn_angle.ptnr1_label_alt_id 
_pdbx_struct_conn_angle.ptnr1_label_asym_id 
_pdbx_struct_conn_angle.ptnr1_label_comp_id 
_pdbx_struct_conn_angle.ptnr1_label_seq_id 
_pdbx_struct_conn_angle.ptnr1_auth_atom_id 
_pdbx_struct_conn_angle.ptnr1_auth_asym_id 
_pdbx_struct_conn_angle.ptnr1_auth_comp_id 
_pdbx_struct_conn_angle.ptnr1_auth_seq_id 
_pdbx_struct_conn_angle.ptnr1_PDB_ins_code 
_pdbx_struct_conn_angle.ptnr1_symmetry 
_pdbx_struct_conn_angle.ptnr2_label_atom_id 
_pdbx_struct_conn_angle.ptnr2_label_alt_id 
_pdbx_struct_conn_angle.ptnr2_label_asym_id 
_pdbx_struct_conn_angle.ptnr2_label_comp_id 
_pdbx_struct_conn_angle.ptnr2_label_seq_id 
_pdbx_struct_conn_angle.ptnr2_auth_atom_id 
_pdbx_struct_conn_angle.ptnr2_auth_asym_id 
_pdbx_struct_conn_angle.ptnr2_auth_comp_id 
_pdbx_struct_conn_angle.ptnr2_auth_seq_id 
_pdbx_struct_conn_angle.ptnr2_PDB_ins_code 
_pdbx_struct_conn_angle.ptnr2_symmetry 
_pdbx_struct_conn_angle.ptnr3_label_atom_id 
_pdbx_struct_conn_angle.ptnr3_label_alt_id 
_pdbx_struct_conn_angle.ptnr3_label_asym_id 
_pdbx_struct_conn_angle.ptnr3_label_comp_id 
_pdbx_struct_conn_angle.ptnr3_label_seq_id 
_pdbx_struct_conn_angle.ptnr3_auth_atom_id 
_pdbx_struct_conn_angle.ptnr3_auth_asym_id 
_pdbx_struct_conn_angle.ptnr3_auth_comp_id 
_pdbx_struct_conn_angle.ptnr3_auth_seq_id 
_pdbx_struct_conn_angle.ptnr3_PDB_ins_code 
_pdbx_struct_conn_angle.ptnr3_symmetry 
_pdbx_struct_conn_angle.value 
_pdbx_struct_conn_angle.value_esd 
1  SG  ? A CYS 2  ? A CYS 99  ? 1_555 ZN ? C ZN . ? A ZN 201 ? 1_555 SG  ? A CYS 27 ? A CYS 124 ? 1_555 113.0 ? 
2  SG  ? A CYS 2  ? A CYS 99  ? 1_555 ZN ? C ZN . ? A ZN 201 ? 1_555 SG  ? A CYS 30 ? A CYS 127 ? 1_555 105.6 ? 
3  SG  ? A CYS 27 ? A CYS 124 ? 1_555 ZN ? C ZN . ? A ZN 201 ? 1_555 SG  ? A CYS 30 ? A CYS 127 ? 1_555 97.7  ? 
4  SG  ? A CYS 2  ? A CYS 99  ? 1_555 ZN ? C ZN . ? A ZN 201 ? 1_555 SG  ? A CYS 52 ? A CYS 149 ? 1_555 113.2 ? 
5  SG  ? A CYS 27 ? A CYS 124 ? 1_555 ZN ? C ZN . ? A ZN 201 ? 1_555 SG  ? A CYS 52 ? A CYS 149 ? 1_555 114.8 ? 
6  SG  ? A CYS 30 ? A CYS 127 ? 1_555 ZN ? C ZN . ? A ZN 201 ? 1_555 SG  ? A CYS 52 ? A CYS 149 ? 1_555 111.0 ? 
7  SG  ? A CYS 15 ? A CYS 112 ? 1_555 ZN ? E ZN . ? A ZN 203 ? 1_555 SG  ? A CYS 18 ? A CYS 115 ? 1_555 116.7 ? 
8  SG  ? A CYS 15 ? A CYS 112 ? 1_555 ZN ? E ZN . ? A ZN 203 ? 1_555 ND1 ? A HIS 36 ? A HIS 133 ? 1_555 110.7 ? 
9  SG  ? A CYS 18 ? A CYS 115 ? 1_555 ZN ? E ZN . ? A ZN 203 ? 1_555 ND1 ? A HIS 36 ? A HIS 133 ? 1_555 102.5 ? 
10 SG  ? A CYS 15 ? A CYS 112 ? 1_555 ZN ? E ZN . ? A ZN 203 ? 1_555 ND1 ? A HIS 39 ? A HIS 136 ? 1_555 111.6 ? 
11 SG  ? A CYS 18 ? A CYS 115 ? 1_555 ZN ? E ZN . ? A ZN 203 ? 1_555 ND1 ? A HIS 39 ? A HIS 136 ? 1_555 103.9 ? 
12 ND1 ? A HIS 36 ? A HIS 133 ? 1_555 ZN ? E ZN . ? A ZN 203 ? 1_555 ND1 ? A HIS 39 ? A HIS 136 ? 1_555 110.9 ? 
13 SG  ? A CYS 30 ? A CYS 127 ? 1_555 ZN ? D ZN . ? A ZN 202 ? 1_555 SG  ? A CYS 54 ? A CYS 151 ? 1_555 112.9 ? 
14 SG  ? A CYS 30 ? A CYS 127 ? 1_555 ZN ? D ZN . ? A ZN 202 ? 1_555 SG  ? A CYS 66 ? A CYS 163 ? 1_555 111.1 ? 
15 SG  ? A CYS 54 ? A CYS 151 ? 1_555 ZN ? D ZN . ? A ZN 202 ? 1_555 SG  ? A CYS 66 ? A CYS 163 ? 1_555 114.8 ? 
16 SG  ? A CYS 30 ? A CYS 127 ? 1_555 ZN ? D ZN . ? A ZN 202 ? 1_555 ND1 ? A HIS 69 ? A HIS 166 ? 1_555 103.3 ? 
17 SG  ? A CYS 54 ? A CYS 151 ? 1_555 ZN ? D ZN . ? A ZN 202 ? 1_555 ND1 ? A HIS 69 ? A HIS 166 ? 1_555 113.3 ? 
18 SG  ? A CYS 66 ? A CYS 163 ? 1_555 ZN ? D ZN . ? A ZN 202 ? 1_555 ND1 ? A HIS 69 ? A HIS 166 ? 1_555 100.2 ? 
# 
_pdbx_modification_feature.ordinal                            1 
_pdbx_modification_feature.label_comp_id                      NH2 
_pdbx_modification_feature.label_asym_id                      B 
_pdbx_modification_feature.label_seq_id                       4 
_pdbx_modification_feature.label_alt_id                       ? 
_pdbx_modification_feature.modified_residue_label_comp_id     PHE 
_pdbx_modification_feature.modified_residue_label_asym_id     B 
_pdbx_modification_feature.modified_residue_label_seq_id      3 
_pdbx_modification_feature.modified_residue_label_alt_id      ? 
_pdbx_modification_feature.auth_comp_id                       NH2 
_pdbx_modification_feature.auth_asym_id                       C 
_pdbx_modification_feature.auth_seq_id                        4 
_pdbx_modification_feature.PDB_ins_code                       ? 
_pdbx_modification_feature.symmetry                           1_555 
_pdbx_modification_feature.modified_residue_auth_comp_id      PHE 
_pdbx_modification_feature.modified_residue_auth_asym_id      C 
_pdbx_modification_feature.modified_residue_auth_seq_id       3 
_pdbx_modification_feature.modified_residue_PDB_ins_code      ? 
_pdbx_modification_feature.modified_residue_symmetry          1_555 
_pdbx_modification_feature.comp_id_linking_atom               . 
_pdbx_modification_feature.modified_residue_id_linking_atom   . 
_pdbx_modification_feature.modified_residue_id                PHE 
_pdbx_modification_feature.ref_pcm_id                         15 
_pdbx_modification_feature.ref_comp_id                        NH2 
_pdbx_modification_feature.type                               None 
_pdbx_modification_feature.category                           'Terminal amidation' 
# 
_struct_sheet.id               AA1 
_struct_sheet.type             ? 
_struct_sheet.number_strands   2 
_struct_sheet.details          ? 
# 
_struct_sheet_order.sheet_id     AA1 
_struct_sheet_order.range_id_1   1 
_struct_sheet_order.range_id_2   2 
_struct_sheet_order.offset       ? 
_struct_sheet_order.sense        anti-parallel 
# 
loop_
_struct_sheet_range.sheet_id 
_struct_sheet_range.id 
_struct_sheet_range.beg_label_comp_id 
_struct_sheet_range.beg_label_asym_id 
_struct_sheet_range.beg_label_seq_id 
_struct_sheet_range.pdbx_beg_PDB_ins_code 
_struct_sheet_range.end_label_comp_id 
_struct_sheet_range.end_label_asym_id 
_struct_sheet_range.end_label_seq_id 
_struct_sheet_range.pdbx_end_PDB_ins_code 
_struct_sheet_range.beg_auth_comp_id 
_struct_sheet_range.beg_auth_asym_id 
_struct_sheet_range.beg_auth_seq_id 
_struct_sheet_range.end_auth_comp_id 
_struct_sheet_range.end_auth_asym_id 
_struct_sheet_range.end_auth_seq_id 
AA1 1 PRO A 11 ? CYS A 15 ? PRO A 108 CYS A 112 
AA1 2 TYR A 41 ? THR A 45 ? TYR A 138 THR A 142 
# 
_pdbx_struct_sheet_hbond.sheet_id                AA1 
_pdbx_struct_sheet_hbond.range_id_1              1 
_pdbx_struct_sheet_hbond.range_id_2              2 
_pdbx_struct_sheet_hbond.range_1_label_atom_id   N 
_pdbx_struct_sheet_hbond.range_1_label_comp_id   SER 
_pdbx_struct_sheet_hbond.range_1_label_asym_id   A 
_pdbx_struct_sheet_hbond.range_1_label_seq_id    14 
_pdbx_struct_sheet_hbond.range_1_PDB_ins_code    ? 
_pdbx_struct_sheet_hbond.range_1_auth_atom_id    N 
_pdbx_struct_sheet_hbond.range_1_auth_comp_id    SER 
_pdbx_struct_sheet_hbond.range_1_auth_asym_id    A 
_pdbx_struct_sheet_hbond.range_1_auth_seq_id     111 
_pdbx_struct_sheet_hbond.range_2_label_atom_id   O 
_pdbx_struct_sheet_hbond.range_2_label_comp_id   ARG 
_pdbx_struct_sheet_hbond.range_2_label_asym_id   A 
_pdbx_struct_sheet_hbond.range_2_label_seq_id    42 
_pdbx_struct_sheet_hbond.range_2_PDB_ins_code    ? 
_pdbx_struct_sheet_hbond.range_2_auth_atom_id    O 
_pdbx_struct_sheet_hbond.range_2_auth_comp_id    ARG 
_pdbx_struct_sheet_hbond.range_2_auth_asym_id    A 
_pdbx_struct_sheet_hbond.range_2_auth_seq_id     139 
# 
_pdbx_entry_details.entry_id                   9DNR 
_pdbx_entry_details.has_ligand_of_interest     Y 
_pdbx_entry_details.compound_details           ? 
_pdbx_entry_details.source_details             ? 
_pdbx_entry_details.nonpolymer_details         ? 
_pdbx_entry_details.sequence_details           ? 
_pdbx_entry_details.has_protein_modification   Y 
# 
loop_
_pdbx_validate_close_contact.id 
_pdbx_validate_close_contact.PDB_model_num 
_pdbx_validate_close_contact.auth_atom_id_1 
_pdbx_validate_close_contact.auth_asym_id_1 
_pdbx_validate_close_contact.auth_comp_id_1 
_pdbx_validate_close_contact.auth_seq_id_1 
_pdbx_validate_close_contact.PDB_ins_code_1 
_pdbx_validate_close_contact.label_alt_id_1 
_pdbx_validate_close_contact.auth_atom_id_2 
_pdbx_validate_close_contact.auth_asym_id_2 
_pdbx_validate_close_contact.auth_comp_id_2 
_pdbx_validate_close_contact.auth_seq_id_2 
_pdbx_validate_close_contact.PDB_ins_code_2 
_pdbx_validate_close_contact.label_alt_id_2 
_pdbx_validate_close_contact.dist 
1 1 O   A HOH 387 ? ? O A HOH 395 ? ? 2.16 
2 1 O   A HOH 358 ? ? O A HOH 382 ? ? 2.16 
3 1 OE1 A GLN 164 ? ? O A HOH 301 ? ? 2.19 
# 
_pdbx_validate_symm_contact.id                1 
_pdbx_validate_symm_contact.PDB_model_num     1 
_pdbx_validate_symm_contact.auth_atom_id_1    O 
_pdbx_validate_symm_contact.auth_asym_id_1    A 
_pdbx_validate_symm_contact.auth_comp_id_1    HOH 
_pdbx_validate_symm_contact.auth_seq_id_1     373 
_pdbx_validate_symm_contact.PDB_ins_code_1    ? 
_pdbx_validate_symm_contact.label_alt_id_1    ? 
_pdbx_validate_symm_contact.site_symmetry_1   1_555 
_pdbx_validate_symm_contact.auth_atom_id_2    O 
_pdbx_validate_symm_contact.auth_asym_id_2    A 
_pdbx_validate_symm_contact.auth_comp_id_2    HOH 
_pdbx_validate_symm_contact.auth_seq_id_2     382 
_pdbx_validate_symm_contact.PDB_ins_code_2    ? 
_pdbx_validate_symm_contact.label_alt_id_2    ? 
_pdbx_validate_symm_contact.site_symmetry_2   2_555 
_pdbx_validate_symm_contact.dist              2.11 
# 
_pdbx_validate_torsion.id              1 
_pdbx_validate_torsion.PDB_model_num   1 
_pdbx_validate_torsion.auth_comp_id    TRP 
_pdbx_validate_torsion.auth_asym_id    C 
_pdbx_validate_torsion.auth_seq_id     2 
_pdbx_validate_torsion.PDB_ins_code    ? 
_pdbx_validate_torsion.label_alt_id    ? 
_pdbx_validate_torsion.phi             137.80 
_pdbx_validate_torsion.psi             -112.12 
# 
loop_
_chem_comp_atom.comp_id 
_chem_comp_atom.atom_id 
_chem_comp_atom.type_symbol 
_chem_comp_atom.pdbx_aromatic_flag 
_chem_comp_atom.pdbx_stereo_config 
_chem_comp_atom.pdbx_ordinal 
ALA N    N  N N 1   
ALA CA   C  N S 2   
ALA C    C  N N 3   
ALA O    O  N N 4   
ALA CB   C  N N 5   
ALA OXT  O  N N 6   
ALA H    H  N N 7   
ALA H2   H  N N 8   
ALA HA   H  N N 9   
ALA HB1  H  N N 10  
ALA HB2  H  N N 11  
ALA HB3  H  N N 12  
ALA HXT  H  N N 13  
ARG N    N  N N 14  
ARG CA   C  N S 15  
ARG C    C  N N 16  
ARG O    O  N N 17  
ARG CB   C  N N 18  
ARG CG   C  N N 19  
ARG CD   C  N N 20  
ARG NE   N  N N 21  
ARG CZ   C  N N 22  
ARG NH1  N  N N 23  
ARG NH2  N  N N 24  
ARG OXT  O  N N 25  
ARG H    H  N N 26  
ARG H2   H  N N 27  
ARG HA   H  N N 28  
ARG HB2  H  N N 29  
ARG HB3  H  N N 30  
ARG HG2  H  N N 31  
ARG HG3  H  N N 32  
ARG HD2  H  N N 33  
ARG HD3  H  N N 34  
ARG HE   H  N N 35  
ARG HH11 H  N N 36  
ARG HH12 H  N N 37  
ARG HH21 H  N N 38  
ARG HH22 H  N N 39  
ARG HXT  H  N N 40  
ASP N    N  N N 41  
ASP CA   C  N S 42  
ASP C    C  N N 43  
ASP O    O  N N 44  
ASP CB   C  N N 45  
ASP CG   C  N N 46  
ASP OD1  O  N N 47  
ASP OD2  O  N N 48  
ASP OXT  O  N N 49  
ASP H    H  N N 50  
ASP H2   H  N N 51  
ASP HA   H  N N 52  
ASP HB2  H  N N 53  
ASP HB3  H  N N 54  
ASP HD2  H  N N 55  
ASP HXT  H  N N 56  
CYS N    N  N N 57  
CYS CA   C  N R 58  
CYS C    C  N N 59  
CYS O    O  N N 60  
CYS CB   C  N N 61  
CYS SG   S  N N 62  
CYS OXT  O  N N 63  
CYS H    H  N N 64  
CYS H2   H  N N 65  
CYS HA   H  N N 66  
CYS HB2  H  N N 67  
CYS HB3  H  N N 68  
CYS HG   H  N N 69  
CYS HXT  H  N N 70  
GLN N    N  N N 71  
GLN CA   C  N S 72  
GLN C    C  N N 73  
GLN O    O  N N 74  
GLN CB   C  N N 75  
GLN CG   C  N N 76  
GLN CD   C  N N 77  
GLN OE1  O  N N 78  
GLN NE2  N  N N 79  
GLN OXT  O  N N 80  
GLN H    H  N N 81  
GLN H2   H  N N 82  
GLN HA   H  N N 83  
GLN HB2  H  N N 84  
GLN HB3  H  N N 85  
GLN HG2  H  N N 86  
GLN HG3  H  N N 87  
GLN HE21 H  N N 88  
GLN HE22 H  N N 89  
GLN HXT  H  N N 90  
GLU N    N  N N 91  
GLU CA   C  N S 92  
GLU C    C  N N 93  
GLU O    O  N N 94  
GLU CB   C  N N 95  
GLU CG   C  N N 96  
GLU CD   C  N N 97  
GLU OE1  O  N N 98  
GLU OE2  O  N N 99  
GLU OXT  O  N N 100 
GLU H    H  N N 101 
GLU H2   H  N N 102 
GLU HA   H  N N 103 
GLU HB2  H  N N 104 
GLU HB3  H  N N 105 
GLU HG2  H  N N 106 
GLU HG3  H  N N 107 
GLU HE2  H  N N 108 
GLU HXT  H  N N 109 
GLY N    N  N N 110 
GLY CA   C  N N 111 
GLY C    C  N N 112 
GLY O    O  N N 113 
GLY OXT  O  N N 114 
GLY H    H  N N 115 
GLY H2   H  N N 116 
GLY HA2  H  N N 117 
GLY HA3  H  N N 118 
GLY HXT  H  N N 119 
HIS N    N  N N 120 
HIS CA   C  N S 121 
HIS C    C  N N 122 
HIS O    O  N N 123 
HIS CB   C  N N 124 
HIS CG   C  Y N 125 
HIS ND1  N  Y N 126 
HIS CD2  C  Y N 127 
HIS CE1  C  Y N 128 
HIS NE2  N  Y N 129 
HIS OXT  O  N N 130 
HIS H    H  N N 131 
HIS H2   H  N N 132 
HIS HA   H  N N 133 
HIS HB2  H  N N 134 
HIS HB3  H  N N 135 
HIS HD1  H  N N 136 
HIS HD2  H  N N 137 
HIS HE1  H  N N 138 
HIS HE2  H  N N 139 
HIS HXT  H  N N 140 
HOH O    O  N N 141 
HOH H1   H  N N 142 
HOH H2   H  N N 143 
ILE N    N  N N 144 
ILE CA   C  N S 145 
ILE C    C  N N 146 
ILE O    O  N N 147 
ILE CB   C  N S 148 
ILE CG1  C  N N 149 
ILE CG2  C  N N 150 
ILE CD1  C  N N 151 
ILE OXT  O  N N 152 
ILE H    H  N N 153 
ILE H2   H  N N 154 
ILE HA   H  N N 155 
ILE HB   H  N N 156 
ILE HG12 H  N N 157 
ILE HG13 H  N N 158 
ILE HG21 H  N N 159 
ILE HG22 H  N N 160 
ILE HG23 H  N N 161 
ILE HD11 H  N N 162 
ILE HD12 H  N N 163 
ILE HD13 H  N N 164 
ILE HXT  H  N N 165 
LEU N    N  N N 166 
LEU CA   C  N S 167 
LEU C    C  N N 168 
LEU O    O  N N 169 
LEU CB   C  N N 170 
LEU CG   C  N N 171 
LEU CD1  C  N N 172 
LEU CD2  C  N N 173 
LEU OXT  O  N N 174 
LEU H    H  N N 175 
LEU H2   H  N N 176 
LEU HA   H  N N 177 
LEU HB2  H  N N 178 
LEU HB3  H  N N 179 
LEU HG   H  N N 180 
LEU HD11 H  N N 181 
LEU HD12 H  N N 182 
LEU HD13 H  N N 183 
LEU HD21 H  N N 184 
LEU HD22 H  N N 185 
LEU HD23 H  N N 186 
LEU HXT  H  N N 187 
LYS N    N  N N 188 
LYS CA   C  N S 189 
LYS C    C  N N 190 
LYS O    O  N N 191 
LYS CB   C  N N 192 
LYS CG   C  N N 193 
LYS CD   C  N N 194 
LYS CE   C  N N 195 
LYS NZ   N  N N 196 
LYS OXT  O  N N 197 
LYS H    H  N N 198 
LYS H2   H  N N 199 
LYS HA   H  N N 200 
LYS HB2  H  N N 201 
LYS HB3  H  N N 202 
LYS HG2  H  N N 203 
LYS HG3  H  N N 204 
LYS HD2  H  N N 205 
LYS HD3  H  N N 206 
LYS HE2  H  N N 207 
LYS HE3  H  N N 208 
LYS HZ1  H  N N 209 
LYS HZ2  H  N N 210 
LYS HZ3  H  N N 211 
LYS HXT  H  N N 212 
MET N    N  N N 213 
MET CA   C  N S 214 
MET C    C  N N 215 
MET O    O  N N 216 
MET CB   C  N N 217 
MET CG   C  N N 218 
MET SD   S  N N 219 
MET CE   C  N N 220 
MET OXT  O  N N 221 
MET H    H  N N 222 
MET H2   H  N N 223 
MET HA   H  N N 224 
MET HB2  H  N N 225 
MET HB3  H  N N 226 
MET HG2  H  N N 227 
MET HG3  H  N N 228 
MET HE1  H  N N 229 
MET HE2  H  N N 230 
MET HE3  H  N N 231 
MET HXT  H  N N 232 
NH2 N    N  N N 233 
NH2 HN1  H  N N 234 
NH2 HN2  H  N N 235 
PHE N    N  N N 236 
PHE CA   C  N S 237 
PHE C    C  N N 238 
PHE O    O  N N 239 
PHE CB   C  N N 240 
PHE CG   C  Y N 241 
PHE CD1  C  Y N 242 
PHE CD2  C  Y N 243 
PHE CE1  C  Y N 244 
PHE CE2  C  Y N 245 
PHE CZ   C  Y N 246 
PHE OXT  O  N N 247 
PHE H    H  N N 248 
PHE H2   H  N N 249 
PHE HA   H  N N 250 
PHE HB2  H  N N 251 
PHE HB3  H  N N 252 
PHE HD1  H  N N 253 
PHE HD2  H  N N 254 
PHE HE1  H  N N 255 
PHE HE2  H  N N 256 
PHE HZ   H  N N 257 
PHE HXT  H  N N 258 
PRO N    N  N N 259 
PRO CA   C  N S 260 
PRO C    C  N N 261 
PRO O    O  N N 262 
PRO CB   C  N N 263 
PRO CG   C  N N 264 
PRO CD   C  N N 265 
PRO OXT  O  N N 266 
PRO H    H  N N 267 
PRO HA   H  N N 268 
PRO HB2  H  N N 269 
PRO HB3  H  N N 270 
PRO HG2  H  N N 271 
PRO HG3  H  N N 272 
PRO HD2  H  N N 273 
PRO HD3  H  N N 274 
PRO HXT  H  N N 275 
SER N    N  N N 276 
SER CA   C  N S 277 
SER C    C  N N 278 
SER O    O  N N 279 
SER CB   C  N N 280 
SER OG   O  N N 281 
SER OXT  O  N N 282 
SER H    H  N N 283 
SER H2   H  N N 284 
SER HA   H  N N 285 
SER HB2  H  N N 286 
SER HB3  H  N N 287 
SER HG   H  N N 288 
SER HXT  H  N N 289 
THR N    N  N N 290 
THR CA   C  N S 291 
THR C    C  N N 292 
THR O    O  N N 293 
THR CB   C  N R 294 
THR OG1  O  N N 295 
THR CG2  C  N N 296 
THR OXT  O  N N 297 
THR H    H  N N 298 
THR H2   H  N N 299 
THR HA   H  N N 300 
THR HB   H  N N 301 
THR HG1  H  N N 302 
THR HG21 H  N N 303 
THR HG22 H  N N 304 
THR HG23 H  N N 305 
THR HXT  H  N N 306 
TRP N    N  N N 307 
TRP CA   C  N S 308 
TRP C    C  N N 309 
TRP O    O  N N 310 
TRP CB   C  N N 311 
TRP CG   C  Y N 312 
TRP CD1  C  Y N 313 
TRP CD2  C  Y N 314 
TRP NE1  N  Y N 315 
TRP CE2  C  Y N 316 
TRP CE3  C  Y N 317 
TRP CZ2  C  Y N 318 
TRP CZ3  C  Y N 319 
TRP CH2  C  Y N 320 
TRP OXT  O  N N 321 
TRP H    H  N N 322 
TRP H2   H  N N 323 
TRP HA   H  N N 324 
TRP HB2  H  N N 325 
TRP HB3  H  N N 326 
TRP HD1  H  N N 327 
TRP HE1  H  N N 328 
TRP HE3  H  N N 329 
TRP HZ2  H  N N 330 
TRP HZ3  H  N N 331 
TRP HH2  H  N N 332 
TRP HXT  H  N N 333 
TYR N    N  N N 334 
TYR CA   C  N S 335 
TYR C    C  N N 336 
TYR O    O  N N 337 
TYR CB   C  N N 338 
TYR CG   C  Y N 339 
TYR CD1  C  Y N 340 
TYR CD2  C  Y N 341 
TYR CE1  C  Y N 342 
TYR CE2  C  Y N 343 
TYR CZ   C  Y N 344 
TYR OH   O  N N 345 
TYR OXT  O  N N 346 
TYR H    H  N N 347 
TYR H2   H  N N 348 
TYR HA   H  N N 349 
TYR HB2  H  N N 350 
TYR HB3  H  N N 351 
TYR HD1  H  N N 352 
TYR HD2  H  N N 353 
TYR HE1  H  N N 354 
TYR HE2  H  N N 355 
TYR HH   H  N N 356 
TYR HXT  H  N N 357 
VAL N    N  N N 358 
VAL CA   C  N S 359 
VAL C    C  N N 360 
VAL O    O  N N 361 
VAL CB   C  N N 362 
VAL CG1  C  N N 363 
VAL CG2  C  N N 364 
VAL OXT  O  N N 365 
VAL H    H  N N 366 
VAL H2   H  N N 367 
VAL HA   H  N N 368 
VAL HB   H  N N 369 
VAL HG11 H  N N 370 
VAL HG12 H  N N 371 
VAL HG13 H  N N 372 
VAL HG21 H  N N 373 
VAL HG22 H  N N 374 
VAL HG23 H  N N 375 
VAL HXT  H  N N 376 
ZN  ZN   ZN N N 377 
# 
loop_
_chem_comp_bond.comp_id 
_chem_comp_bond.atom_id_1 
_chem_comp_bond.atom_id_2 
_chem_comp_bond.value_order 
_chem_comp_bond.pdbx_aromatic_flag 
_chem_comp_bond.pdbx_stereo_config 
_chem_comp_bond.pdbx_ordinal 
ALA N   CA   sing N N 1   
ALA N   H    sing N N 2   
ALA N   H2   sing N N 3   
ALA CA  C    sing N N 4   
ALA CA  CB   sing N N 5   
ALA CA  HA   sing N N 6   
ALA C   O    doub N N 7   
ALA C   OXT  sing N N 8   
ALA CB  HB1  sing N N 9   
ALA CB  HB2  sing N N 10  
ALA CB  HB3  sing N N 11  
ALA OXT HXT  sing N N 12  
ARG N   CA   sing N N 13  
ARG N   H    sing N N 14  
ARG N   H2   sing N N 15  
ARG CA  C    sing N N 16  
ARG CA  CB   sing N N 17  
ARG CA  HA   sing N N 18  
ARG C   O    doub N N 19  
ARG C   OXT  sing N N 20  
ARG CB  CG   sing N N 21  
ARG CB  HB2  sing N N 22  
ARG CB  HB3  sing N N 23  
ARG CG  CD   sing N N 24  
ARG CG  HG2  sing N N 25  
ARG CG  HG3  sing N N 26  
ARG CD  NE   sing N N 27  
ARG CD  HD2  sing N N 28  
ARG CD  HD3  sing N N 29  
ARG NE  CZ   sing N N 30  
ARG NE  HE   sing N N 31  
ARG CZ  NH1  sing N N 32  
ARG CZ  NH2  doub N N 33  
ARG NH1 HH11 sing N N 34  
ARG NH1 HH12 sing N N 35  
ARG NH2 HH21 sing N N 36  
ARG NH2 HH22 sing N N 37  
ARG OXT HXT  sing N N 38  
ASP N   CA   sing N N 39  
ASP N   H    sing N N 40  
ASP N   H2   sing N N 41  
ASP CA  C    sing N N 42  
ASP CA  CB   sing N N 43  
ASP CA  HA   sing N N 44  
ASP C   O    doub N N 45  
ASP C   OXT  sing N N 46  
ASP CB  CG   sing N N 47  
ASP CB  HB2  sing N N 48  
ASP CB  HB3  sing N N 49  
ASP CG  OD1  doub N N 50  
ASP CG  OD2  sing N N 51  
ASP OD2 HD2  sing N N 52  
ASP OXT HXT  sing N N 53  
CYS N   CA   sing N N 54  
CYS N   H    sing N N 55  
CYS N   H2   sing N N 56  
CYS CA  C    sing N N 57  
CYS CA  CB   sing N N 58  
CYS CA  HA   sing N N 59  
CYS C   O    doub N N 60  
CYS C   OXT  sing N N 61  
CYS CB  SG   sing N N 62  
CYS CB  HB2  sing N N 63  
CYS CB  HB3  sing N N 64  
CYS SG  HG   sing N N 65  
CYS OXT HXT  sing N N 66  
GLN N   CA   sing N N 67  
GLN N   H    sing N N 68  
GLN N   H2   sing N N 69  
GLN CA  C    sing N N 70  
GLN CA  CB   sing N N 71  
GLN CA  HA   sing N N 72  
GLN C   O    doub N N 73  
GLN C   OXT  sing N N 74  
GLN CB  CG   sing N N 75  
GLN CB  HB2  sing N N 76  
GLN CB  HB3  sing N N 77  
GLN CG  CD   sing N N 78  
GLN CG  HG2  sing N N 79  
GLN CG  HG3  sing N N 80  
GLN CD  OE1  doub N N 81  
GLN CD  NE2  sing N N 82  
GLN NE2 HE21 sing N N 83  
GLN NE2 HE22 sing N N 84  
GLN OXT HXT  sing N N 85  
GLU N   CA   sing N N 86  
GLU N   H    sing N N 87  
GLU N   H2   sing N N 88  
GLU CA  C    sing N N 89  
GLU CA  CB   sing N N 90  
GLU CA  HA   sing N N 91  
GLU C   O    doub N N 92  
GLU C   OXT  sing N N 93  
GLU CB  CG   sing N N 94  
GLU CB  HB2  sing N N 95  
GLU CB  HB3  sing N N 96  
GLU CG  CD   sing N N 97  
GLU CG  HG2  sing N N 98  
GLU CG  HG3  sing N N 99  
GLU CD  OE1  doub N N 100 
GLU CD  OE2  sing N N 101 
GLU OE2 HE2  sing N N 102 
GLU OXT HXT  sing N N 103 
GLY N   CA   sing N N 104 
GLY N   H    sing N N 105 
GLY N   H2   sing N N 106 
GLY CA  C    sing N N 107 
GLY CA  HA2  sing N N 108 
GLY CA  HA3  sing N N 109 
GLY C   O    doub N N 110 
GLY C   OXT  sing N N 111 
GLY OXT HXT  sing N N 112 
HIS N   CA   sing N N 113 
HIS N   H    sing N N 114 
HIS N   H2   sing N N 115 
HIS CA  C    sing N N 116 
HIS CA  CB   sing N N 117 
HIS CA  HA   sing N N 118 
HIS C   O    doub N N 119 
HIS C   OXT  sing N N 120 
HIS CB  CG   sing N N 121 
HIS CB  HB2  sing N N 122 
HIS CB  HB3  sing N N 123 
HIS CG  ND1  sing Y N 124 
HIS CG  CD2  doub Y N 125 
HIS ND1 CE1  doub Y N 126 
HIS ND1 HD1  sing N N 127 
HIS CD2 NE2  sing Y N 128 
HIS CD2 HD2  sing N N 129 
HIS CE1 NE2  sing Y N 130 
HIS CE1 HE1  sing N N 131 
HIS NE2 HE2  sing N N 132 
HIS OXT HXT  sing N N 133 
HOH O   H1   sing N N 134 
HOH O   H2   sing N N 135 
ILE N   CA   sing N N 136 
ILE N   H    sing N N 137 
ILE N   H2   sing N N 138 
ILE CA  C    sing N N 139 
ILE CA  CB   sing N N 140 
ILE CA  HA   sing N N 141 
ILE C   O    doub N N 142 
ILE C   OXT  sing N N 143 
ILE CB  CG1  sing N N 144 
ILE CB  CG2  sing N N 145 
ILE CB  HB   sing N N 146 
ILE CG1 CD1  sing N N 147 
ILE CG1 HG12 sing N N 148 
ILE CG1 HG13 sing N N 149 
ILE CG2 HG21 sing N N 150 
ILE CG2 HG22 sing N N 151 
ILE CG2 HG23 sing N N 152 
ILE CD1 HD11 sing N N 153 
ILE CD1 HD12 sing N N 154 
ILE CD1 HD13 sing N N 155 
ILE OXT HXT  sing N N 156 
LEU N   CA   sing N N 157 
LEU N   H    sing N N 158 
LEU N   H2   sing N N 159 
LEU CA  C    sing N N 160 
LEU CA  CB   sing N N 161 
LEU CA  HA   sing N N 162 
LEU C   O    doub N N 163 
LEU C   OXT  sing N N 164 
LEU CB  CG   sing N N 165 
LEU CB  HB2  sing N N 166 
LEU CB  HB3  sing N N 167 
LEU CG  CD1  sing N N 168 
LEU CG  CD2  sing N N 169 
LEU CG  HG   sing N N 170 
LEU CD1 HD11 sing N N 171 
LEU CD1 HD12 sing N N 172 
LEU CD1 HD13 sing N N 173 
LEU CD2 HD21 sing N N 174 
LEU CD2 HD22 sing N N 175 
LEU CD2 HD23 sing N N 176 
LEU OXT HXT  sing N N 177 
LYS N   CA   sing N N 178 
LYS N   H    sing N N 179 
LYS N   H2   sing N N 180 
LYS CA  C    sing N N 181 
LYS CA  CB   sing N N 182 
LYS CA  HA   sing N N 183 
LYS C   O    doub N N 184 
LYS C   OXT  sing N N 185 
LYS CB  CG   sing N N 186 
LYS CB  HB2  sing N N 187 
LYS CB  HB3  sing N N 188 
LYS CG  CD   sing N N 189 
LYS CG  HG2  sing N N 190 
LYS CG  HG3  sing N N 191 
LYS CD  CE   sing N N 192 
LYS CD  HD2  sing N N 193 
LYS CD  HD3  sing N N 194 
LYS CE  NZ   sing N N 195 
LYS CE  HE2  sing N N 196 
LYS CE  HE3  sing N N 197 
LYS NZ  HZ1  sing N N 198 
LYS NZ  HZ2  sing N N 199 
LYS NZ  HZ3  sing N N 200 
LYS OXT HXT  sing N N 201 
MET N   CA   sing N N 202 
MET N   H    sing N N 203 
MET N   H2   sing N N 204 
MET CA  C    sing N N 205 
MET CA  CB   sing N N 206 
MET CA  HA   sing N N 207 
MET C   O    doub N N 208 
MET C   OXT  sing N N 209 
MET CB  CG   sing N N 210 
MET CB  HB2  sing N N 211 
MET CB  HB3  sing N N 212 
MET CG  SD   sing N N 213 
MET CG  HG2  sing N N 214 
MET CG  HG3  sing N N 215 
MET SD  CE   sing N N 216 
MET CE  HE1  sing N N 217 
MET CE  HE2  sing N N 218 
MET CE  HE3  sing N N 219 
MET OXT HXT  sing N N 220 
NH2 N   HN1  sing N N 221 
NH2 N   HN2  sing N N 222 
PHE N   CA   sing N N 223 
PHE N   H    sing N N 224 
PHE N   H2   sing N N 225 
PHE CA  C    sing N N 226 
PHE CA  CB   sing N N 227 
PHE CA  HA   sing N N 228 
PHE C   O    doub N N 229 
PHE C   OXT  sing N N 230 
PHE CB  CG   sing N N 231 
PHE CB  HB2  sing N N 232 
PHE CB  HB3  sing N N 233 
PHE CG  CD1  doub Y N 234 
PHE CG  CD2  sing Y N 235 
PHE CD1 CE1  sing Y N 236 
PHE CD1 HD1  sing N N 237 
PHE CD2 CE2  doub Y N 238 
PHE CD2 HD2  sing N N 239 
PHE CE1 CZ   doub Y N 240 
PHE CE1 HE1  sing N N 241 
PHE CE2 CZ   sing Y N 242 
PHE CE2 HE2  sing N N 243 
PHE CZ  HZ   sing N N 244 
PHE OXT HXT  sing N N 245 
PRO N   CA   sing N N 246 
PRO N   CD   sing N N 247 
PRO N   H    sing N N 248 
PRO CA  C    sing N N 249 
PRO CA  CB   sing N N 250 
PRO CA  HA   sing N N 251 
PRO C   O    doub N N 252 
PRO C   OXT  sing N N 253 
PRO CB  CG   sing N N 254 
PRO CB  HB2  sing N N 255 
PRO CB  HB3  sing N N 256 
PRO CG  CD   sing N N 257 
PRO CG  HG2  sing N N 258 
PRO CG  HG3  sing N N 259 
PRO CD  HD2  sing N N 260 
PRO CD  HD3  sing N N 261 
PRO OXT HXT  sing N N 262 
SER N   CA   sing N N 263 
SER N   H    sing N N 264 
SER N   H2   sing N N 265 
SER CA  C    sing N N 266 
SER CA  CB   sing N N 267 
SER CA  HA   sing N N 268 
SER C   O    doub N N 269 
SER C   OXT  sing N N 270 
SER CB  OG   sing N N 271 
SER CB  HB2  sing N N 272 
SER CB  HB3  sing N N 273 
SER OG  HG   sing N N 274 
SER OXT HXT  sing N N 275 
THR N   CA   sing N N 276 
THR N   H    sing N N 277 
THR N   H2   sing N N 278 
THR CA  C    sing N N 279 
THR CA  CB   sing N N 280 
THR CA  HA   sing N N 281 
THR C   O    doub N N 282 
THR C   OXT  sing N N 283 
THR CB  OG1  sing N N 284 
THR CB  CG2  sing N N 285 
THR CB  HB   sing N N 286 
THR OG1 HG1  sing N N 287 
THR CG2 HG21 sing N N 288 
THR CG2 HG22 sing N N 289 
THR CG2 HG23 sing N N 290 
THR OXT HXT  sing N N 291 
TRP N   CA   sing N N 292 
TRP N   H    sing N N 293 
TRP N   H2   sing N N 294 
TRP CA  C    sing N N 295 
TRP CA  CB   sing N N 296 
TRP CA  HA   sing N N 297 
TRP C   O    doub N N 298 
TRP C   OXT  sing N N 299 
TRP CB  CG   sing N N 300 
TRP CB  HB2  sing N N 301 
TRP CB  HB3  sing N N 302 
TRP CG  CD1  doub Y N 303 
TRP CG  CD2  sing Y N 304 
TRP CD1 NE1  sing Y N 305 
TRP CD1 HD1  sing N N 306 
TRP CD2 CE2  doub Y N 307 
TRP CD2 CE3  sing Y N 308 
TRP NE1 CE2  sing Y N 309 
TRP NE1 HE1  sing N N 310 
TRP CE2 CZ2  sing Y N 311 
TRP CE3 CZ3  doub Y N 312 
TRP CE3 HE3  sing N N 313 
TRP CZ2 CH2  doub Y N 314 
TRP CZ2 HZ2  sing N N 315 
TRP CZ3 CH2  sing Y N 316 
TRP CZ3 HZ3  sing N N 317 
TRP CH2 HH2  sing N N 318 
TRP OXT HXT  sing N N 319 
TYR N   CA   sing N N 320 
TYR N   H    sing N N 321 
TYR N   H2   sing N N 322 
TYR CA  C    sing N N 323 
TYR CA  CB   sing N N 324 
TYR CA  HA   sing N N 325 
TYR C   O    doub N N 326 
TYR C   OXT  sing N N 327 
TYR CB  CG   sing N N 328 
TYR CB  HB2  sing N N 329 
TYR CB  HB3  sing N N 330 
TYR CG  CD1  doub Y N 331 
TYR CG  CD2  sing Y N 332 
TYR CD1 CE1  sing Y N 333 
TYR CD1 HD1  sing N N 334 
TYR CD2 CE2  doub Y N 335 
TYR CD2 HD2  sing N N 336 
TYR CE1 CZ   doub Y N 337 
TYR CE1 HE1  sing N N 338 
TYR CE2 CZ   sing Y N 339 
TYR CE2 HE2  sing N N 340 
TYR CZ  OH   sing N N 341 
TYR OH  HH   sing N N 342 
TYR OXT HXT  sing N N 343 
VAL N   CA   sing N N 344 
VAL N   H    sing N N 345 
VAL N   H2   sing N N 346 
VAL CA  C    sing N N 347 
VAL CA  CB   sing N N 348 
VAL CA  HA   sing N N 349 
VAL C   O    doub N N 350 
VAL C   OXT  sing N N 351 
VAL CB  CG1  sing N N 352 
VAL CB  CG2  sing N N 353 
VAL CB  HB   sing N N 354 
VAL CG1 HG11 sing N N 355 
VAL CG1 HG12 sing N N 356 
VAL CG1 HG13 sing N N 357 
VAL CG2 HG21 sing N N 358 
VAL CG2 HG22 sing N N 359 
VAL CG2 HG23 sing N N 360 
VAL OXT HXT  sing N N 361 
# 
loop_
_pdbx_audit_support.funding_organization 
_pdbx_audit_support.country 
_pdbx_audit_support.grant_number 
_pdbx_audit_support.ordinal 
'Department of Defense (DOD, United States)'                        'United States' HT9425-23-1-0560 1 
'Department of Defense (DOD, United States)'                        'United States' PA220024P1       2 
'National Institutes of Health/National Cancer Institute (NIH/NCI)' 'United States' 'R01 CA212119'   3 
'National Institutes of Health/National Cancer Institute (NIH/NCI)' 'United States' 'R01 CA265410'   4 
# 
_pdbx_initial_refinement_model.id               1 
_pdbx_initial_refinement_model.entity_id_list   ? 
_pdbx_initial_refinement_model.type             'experimental model' 
_pdbx_initial_refinement_model.source_name      PDB 
_pdbx_initial_refinement_model.accession_code   3ny2 
_pdbx_initial_refinement_model.details          ? 
# 
_atom_sites.entry_id                    9DNR 
_atom_sites.Cartn_transf_matrix[1][1]   ? 
_atom_sites.Cartn_transf_matrix[1][2]   ? 
_atom_sites.Cartn_transf_matrix[1][3]   ? 
_atom_sites.Cartn_transf_matrix[2][1]   ? 
_atom_sites.Cartn_transf_matrix[2][2]   ? 
_atom_sites.Cartn_transf_matrix[2][3]   ? 
_atom_sites.Cartn_transf_matrix[3][1]   ? 
_atom_sites.Cartn_transf_matrix[3][2]   ? 
_atom_sites.Cartn_transf_matrix[3][3]   ? 
_atom_sites.Cartn_transf_vector[1]      ? 
_atom_sites.Cartn_transf_vector[2]      ? 
_atom_sites.Cartn_transf_vector[3]      ? 
_atom_sites.Cartn_transform_axes        ? 
_atom_sites.fract_transf_matrix[1][1]   0.03235174 
_atom_sites.fract_transf_matrix[1][2]   -0.00271126 
_atom_sites.fract_transf_matrix[1][3]   -0.01624069 
_atom_sites.fract_transf_matrix[2][1]   -0.01012109 
_atom_sites.fract_transf_matrix[2][2]   -0.01837049 
_atom_sites.fract_transf_matrix[2][3]   -0.01709456 
_atom_sites.fract_transf_matrix[3][1]   0.00202860 
_atom_sites.fract_transf_matrix[3][2]   0.02376725 
_atom_sites.fract_transf_matrix[3][3]   -0.02674229 
_atom_sites.fract_transf_vector[1]      0.077712 
_atom_sites.fract_transf_vector[2]      0.088834 
_atom_sites.fract_transf_vector[3]      0.191907 
_atom_sites.solution_primary            ? 
_atom_sites.solution_secondary          ? 
_atom_sites.solution_hydrogens          ? 
_atom_sites.special_details             ? 
# 
loop_
_atom_type.symbol 
C  
N  
O  
S  
ZN 
# 
loop_
_atom_site.group_PDB 
_atom_site.id 
_atom_site.type_symbol 
_atom_site.label_atom_id 
_atom_site.label_alt_id 
_atom_site.label_comp_id 
_atom_site.label_asym_id 
_atom_site.label_entity_id 
_atom_site.label_seq_id 
_atom_site.pdbx_PDB_ins_code 
_atom_site.Cartn_x 
_atom_site.Cartn_y 
_atom_site.Cartn_z 
_atom_site.occupancy 
_atom_site.B_iso_or_equiv 
_atom_site.pdbx_formal_charge 
_atom_site.auth_seq_id 
_atom_site.auth_comp_id 
_atom_site.auth_asym_id 
_atom_site.auth_atom_id 
_atom_site.pdbx_PDB_model_num 
ATOM   1   N  N   . LEU A 1 1  ? 1.122   -12.457 5.770   1.00 22.42 ?  98  LEU A N   1 
ATOM   2   C  CA  . LEU A 1 1  ? 0.642   -11.310 5.008   1.00 15.96 ?  98  LEU A CA  1 
ATOM   3   C  C   . LEU A 1 1  ? -0.068  -10.299 5.897   1.00 13.20 ?  98  LEU A C   1 
ATOM   4   O  O   . LEU A 1 1  ? -0.758  -10.655 6.859   1.00 18.40 ?  98  LEU A O   1 
ATOM   5   C  CB  . LEU A 1 1  ? -0.325  -11.752 3.912   1.00 19.34 ?  98  LEU A CB  1 
ATOM   6   C  CG  . LEU A 1 1  ? 0.232   -12.107 2.544   1.00 18.51 ?  98  LEU A CG  1 
ATOM   7   C  CD1 . LEU A 1 1  ? 1.017   -13.404 2.612   1.00 22.92 ?  98  LEU A CD1 1 
ATOM   8   C  CD2 . LEU A 1 1  ? -0.916  -12.212 1.557   1.00 21.94 ?  98  LEU A CD2 1 
ATOM   9   N  N   . CYS A 1 2  ? 0.083   -9.025  5.544   1.00 11.15 ?  99  CYS A N   1 
ATOM   10  C  CA  . CYS A 1 2  ? -0.596  -7.949  6.248   1.00 8.42  ?  99  CYS A CA  1 
ATOM   11  C  C   . CYS A 1 2  ? -2.112  -8.103  6.202   1.00 6.90  ?  99  CYS A C   1 
ATOM   12  O  O   . CYS A 1 2  ? -2.755  -8.317  7.236   1.00 9.38  ?  99  CYS A O   1 
ATOM   13  C  CB  . CYS A 1 2  ? -0.213  -6.596  5.661   1.00 6.53  ?  99  CYS A CB  1 
ATOM   14  S  SG  . CYS A 1 2  ? -1.082  -5.269  6.518   1.00 4.84  ?  99  CYS A SG  1 
ATOM   15  N  N   . GLY A 1 3  ? -2.695  -7.956  5.021   1.00 6.89  ?  100 GLY A N   1 
ATOM   16  C  CA  . GLY A 1 3  ? -4.115  -8.142  4.851   1.00 8.68  ?  100 GLY A CA  1 
ATOM   17  C  C   . GLY A 1 3  ? -5.007  -7.098  5.489   1.00 6.75  ?  100 GLY A C   1 
ATOM   18  O  O   . GLY A 1 3  ? -6.238  -7.272  5.462   1.00 8.24  ?  100 GLY A O   1 
ATOM   19  N  N   . ARG A 1 4  ? -4.447  -6.024  6.057   1.00 6.60  ?  101 ARG A N   1 
ATOM   20  C  CA  . ARG A 1 4  ? -5.240  -5.060  6.821   1.00 7.05  ?  101 ARG A CA  1 
ATOM   21  C  C   . ARG A 1 4  ? -6.395  -4.504  6.002   1.00 5.48  ?  101 ARG A C   1 
ATOM   22  O  O   . ARG A 1 4  ? -6.203  -4.020  4.889   1.00 6.52  ?  101 ARG A O   1 
ATOM   23  C  CB  . ARG A 1 4  ? -4.370  -3.908  7.324   1.00 7.00  ?  101 ARG A CB  1 
ATOM   24  C  CG  . ARG A 1 4  ? -5.174  -2.915  8.145   1.00 12.36 ?  101 ARG A CG  1 
ATOM   25  C  CD  . ARG A 1 4  ? -4.476  -1.599  8.422   1.00 14.64 ?  101 ARG A CD  1 
ATOM   26  N  NE  . ARG A 1 4  ? -3.216  -1.767  9.138   1.00 13.34 ?  101 ARG A NE  1 
ATOM   27  C  CZ  . ARG A 1 4  ? -2.652  -0.811  9.871   1.00 12.35 ?  101 ARG A CZ  1 
ATOM   28  N  NH1 . ARG A 1 4  ? -3.242  0.358   10.051  1.00 11.76 ?  101 ARG A NH1 1 
ATOM   29  N  NH2 . ARG A 1 4  ? -1.466  -1.030  10.429  1.00 10.85 ?  101 ARG A NH2 1 
ATOM   30  N  N   . VAL A 1 5  ? -7.591  -4.523  6.586   1.00 7.89  ?  102 VAL A N   1 
ATOM   31  C  CA  . VAL A 1 5  ? -8.759  -3.895  5.979   1.00 6.96  ?  102 VAL A CA  1 
ATOM   32  C  C   . VAL A 1 5  ? -8.822  -2.457  6.462   1.00 7.66  ?  102 VAL A C   1 
ATOM   33  O  O   . VAL A 1 5  ? -8.798  -2.207  7.668   1.00 8.43  ?  102 VAL A O   1 
ATOM   34  C  CB  . VAL A 1 5  ? -10.037 -4.664  6.358   1.00 9.50  ?  102 VAL A CB  1 
ATOM   35  C  CG1 . VAL A 1 5  ? -11.290 -3.919  5.884   1.00 12.15 ?  102 VAL A CG1 1 
ATOM   36  C  CG2 . VAL A 1 5  ? -9.982  -6.057  5.779   1.00 11.32 ?  102 VAL A CG2 1 
ATOM   37  N  N   . PHE A 1 6  ? -8.918  -1.508  5.544   1.00 6.25  ?  103 PHE A N   1 
ATOM   38  C  CA  . PHE A 1 6  ? -8.903  -0.104  5.924   1.00 6.05  ?  103 PHE A CA  1 
ATOM   39  C  C   . PHE A 1 6  ? -10.197 0.297   6.614   1.00 7.06  ?  103 PHE A C   1 
ATOM   40  O  O   . PHE A 1 6  ? -11.290 -0.167  6.256   1.00 7.62  ?  103 PHE A O   1 
ATOM   41  C  CB  . PHE A 1 6  ? -8.719  0.763   4.695   1.00 8.07  ?  103 PHE A CB  1 
ATOM   42  C  CG  . PHE A 1 6  ? -7.470  0.467   3.981   1.00 7.62  ?  103 PHE A CG  1 
ATOM   43  C  CD1 . PHE A 1 6  ? -6.248  0.571   4.627   1.00 9.79  ?  103 PHE A CD1 1 
ATOM   44  C  CD2 . PHE A 1 6  ? -7.497  0.043   2.671   1.00 7.85  ?  103 PHE A CD2 1 
ATOM   45  C  CE1 . PHE A 1 6  ? -5.069  0.283   3.956   1.00 10.96 ?  103 PHE A CE1 1 
ATOM   46  C  CE2 . PHE A 1 6  ? -6.324  -0.236  2.008   1.00 8.57  ?  103 PHE A CE2 1 
ATOM   47  C  CZ  . PHE A 1 6  ? -5.125  -0.118  2.645   1.00 9.24  ?  103 PHE A CZ  1 
ATOM   48  N  N   . LYS A 1 7  ? -10.065 1.162   7.612   1.00 6.91  ?  104 LYS A N   1 
ATOM   49  C  CA  . LYS A 1 7  ? -11.205 1.726   8.320   1.00 7.54  ?  104 LYS A CA  1 
ATOM   50  C  C   . LYS A 1 7  ? -11.462 3.162   7.874   1.00 8.06  ?  104 LYS A C   1 
ATOM   51  O  O   . LYS A 1 7  ? -10.653 3.791   7.190   1.00 10.24 ?  104 LYS A O   1 
ATOM   52  C  CB  . LYS A 1 7  ? -10.947 1.663   9.826   1.00 9.62  ?  104 LYS A CB  1 
ATOM   53  C  CG  . LYS A 1 7  ? -10.713 0.240   10.333  1.00 14.55 ?  104 LYS A CG  1 
ATOM   54  C  CD  . LYS A 1 7  ? -10.622 0.152   11.849  1.00 20.47 ?  104 LYS A CD  1 
ATOM   55  C  CE  . LYS A 1 7  ? -10.821 -1.290  12.328  1.00 19.53 ?  104 LYS A CE  1 
ATOM   56  N  NZ  . LYS A 1 7  ? -9.675  -2.170  11.946  1.00 22.26 ?  104 LYS A NZ  1 
ATOM   57  N  N   . VAL A 1 8  ? -12.625 3.679   8.271   1.00 9.46  ?  105 VAL A N   1 
ATOM   58  C  CA  . VAL A 1 8  ? -13.028 5.036   7.910   1.00 11.91 ?  105 VAL A CA  1 
ATOM   59  C  C   . VAL A 1 8  ? -11.965 6.031   8.338   1.00 11.17 ?  105 VAL A C   1 
ATOM   60  O  O   . VAL A 1 8  ? -11.535 6.038   9.498   1.00 11.94 ?  105 VAL A O   1 
ATOM   61  C  CB  . VAL A 1 8  ? -14.374 5.375   8.580   1.00 14.48 ?  105 VAL A CB  1 
ATOM   62  C  CG1 . VAL A 1 8  ? -14.712 6.855   8.407   1.00 16.16 ?  105 VAL A CG1 1 
ATOM   63  C  CG2 . VAL A 1 8  ? -15.478 4.500   8.037   1.00 15.20 ?  105 VAL A CG2 1 
ATOM   64  N  N   . GLY A 1 9  ? -11.558 6.902   7.407   1.00 10.99 ?  106 GLY A N   1 
ATOM   65  C  CA  . GLY A 1 9  ? -10.614 7.957   7.697   1.00 14.24 ?  106 GLY A CA  1 
ATOM   66  C  C   . GLY A 1 9  ? -9.158  7.542   7.696   1.00 12.65 ?  106 GLY A C   1 
ATOM   67  O  O   . GLY A 1 9  ? -8.289  8.397   7.892   1.00 17.61 ?  106 GLY A O   1 
ATOM   68  N  N   . GLU A 1 10 ? -8.864  6.278   7.468   1.00 12.61 ?  107 GLU A N   1 
ATOM   69  C  CA  . GLU A 1 10 ? -7.500  5.780   7.565   1.00 13.46 ?  107 GLU A CA  1 
ATOM   70  C  C   . GLU A 1 10 ? -6.715  6.147   6.304   1.00 11.32 ?  107 GLU A C   1 
ATOM   71  O  O   . GLU A 1 10 ? -7.216  5.990   5.189   1.00 11.68 ?  107 GLU A O   1 
ATOM   72  C  CB  . GLU A 1 10 ? -7.530  4.262   7.705   1.00 12.29 ?  107 GLU A CB  1 
ATOM   73  C  CG  . GLU A 1 10 ? -6.210  3.640   8.033   1.00 14.03 ?  107 GLU A CG  1 
ATOM   74  C  CD  . GLU A 1 10 ? -6.314  2.147   8.292   1.00 11.74 ?  107 GLU A CD  1 
ATOM   75  O  OE1 . GLU A 1 10 ? -7.390  1.649   8.676   1.00 10.71 ?  107 GLU A OE1 1 
ATOM   76  O  OE2 . GLU A 1 10 ? -5.297  1.458   8.090   1.00 14.71 -1 107 GLU A OE2 1 
ATOM   77  N  N   . PRO A 1 11 ? -5.489  6.638   6.435   1.00 12.78 ?  108 PRO A N   1 
ATOM   78  C  CA  . PRO A 1 11 ? -4.702  6.917   5.224   1.00 14.30 ?  108 PRO A CA  1 
ATOM   79  C  C   . PRO A 1 11 ? -4.261  5.637   4.531   1.00 13.98 ?  108 PRO A C   1 
ATOM   80  O  O   . PRO A 1 11 ? -3.951  4.627   5.172   1.00 14.40 ?  108 PRO A O   1 
ATOM   81  C  CB  . PRO A 1 11 ? -3.511  7.741   5.731   1.00 19.64 ?  108 PRO A CB  1 
ATOM   82  C  CG  . PRO A 1 11 ? -3.477  7.570   7.161   1.00 18.09 ?  108 PRO A CG  1 
ATOM   83  C  CD  . PRO A 1 11 ? -4.822  7.096   7.661   1.00 16.09 ?  108 PRO A CD  1 
ATOM   84  N  N   . THR A 1 12 ? -4.304  5.671   3.202   1.00 13.48 ?  109 THR A N   1 
ATOM   85  C  CA  . THR A 1 12 ? -3.766  4.607   2.371   1.00 12.87 ?  109 THR A CA  1 
ATOM   86  C  C   . THR A 1 12 ? -2.735  5.221   1.444   1.00 10.72 ?  109 THR A C   1 
ATOM   87  O  O   . THR A 1 12 ? -2.817  6.402   1.099   1.00 12.12 ?  109 THR A O   1 
ATOM   88  C  CB  . THR A 1 12 ? -4.845  3.916   1.533   1.00 13.03 ?  109 THR A CB  1 
ATOM   89  O  OG1 . THR A 1 12 ? -5.182  4.735   0.405   1.00 15.84 ?  109 THR A OG1 1 
ATOM   90  C  CG2 . THR A 1 12 ? -6.087  3.672   2.368   1.00 14.59 ?  109 THR A CG2 1 
ATOM   91  N  N   . TYR A 1 13 ? -1.754  4.426   1.051   1.00 6.98  ?  110 TYR A N   1 
ATOM   92  C  CA  . TYR A 1 13 ? -0.642  4.950   0.284   1.00 6.11  ?  110 TYR A CA  1 
ATOM   93  C  C   . TYR A 1 13 ? -0.471  4.118   -0.966  1.00 7.61  ?  110 TYR A C   1 
ATOM   94  O  O   . TYR A 1 13 ? -0.395  2.888   -0.900  1.00 10.92 ?  110 TYR A O   1 
ATOM   95  C  CB  . TYR A 1 13 ? 0.657   4.897   1.098   1.00 6.92  ?  110 TYR A CB  1 
ATOM   96  C  CG  . TYR A 1 13 ? 0.652   5.843   2.244   1.00 8.73  ?  110 TYR A CG  1 
ATOM   97  C  CD1 . TYR A 1 13 ? 0.103   5.475   3.459   1.00 9.66  ?  110 TYR A CD1 1 
ATOM   98  C  CD2 . TYR A 1 13 ? 1.158   7.120   2.112   1.00 10.36 ?  110 TYR A CD2 1 
ATOM   99  C  CE1 . TYR A 1 13 ? 0.060   6.355   4.524   1.00 13.12 ?  110 TYR A CE1 1 
ATOM   100 C  CE2 . TYR A 1 13 ? 1.136   8.009   3.171   1.00 15.13 ?  110 TYR A CE2 1 
ATOM   101 C  CZ  . TYR A 1 13 ? 0.588   7.612   4.378   1.00 13.98 ?  110 TYR A CZ  1 
ATOM   102 O  OH  . TYR A 1 13 ? 0.546   8.477   5.453   1.00 20.66 ?  110 TYR A OH  1 
ATOM   103 N  N   . SER A 1 14 ? -0.343  4.778   -2.098  1.00 8.40  ?  111 SER A N   1 
ATOM   104 C  CA  . SER A 1 14 ? 0.098   4.104   -3.298  1.00 7.87  ?  111 SER A CA  1 
ATOM   105 C  C   . SER A 1 14 ? 1.448   4.684   -3.685  1.00 8.47  ?  111 SER A C   1 
ATOM   106 O  O   . SER A 1 14 ? 1.858   5.734   -3.189  1.00 12.88 ?  111 SER A O   1 
ATOM   107 C  CB  . SER A 1 14 ? -0.925  4.258   -4.421  1.00 11.06 ?  111 SER A CB  1 
ATOM   108 O  OG  . SER A 1 14 ? -0.644  3.342   -5.460  1.00 10.94 ?  111 SER A OG  1 
ATOM   109 N  N   . CYS A 1 15 ? 2.172   3.951   -4.504  1.00 7.93  ?  112 CYS A N   1 
ATOM   110 C  CA  . CYS A 1 15 ? 3.428   4.423   -5.056  1.00 7.36  ?  112 CYS A CA  1 
ATOM   111 C  C   . CYS A 1 15 ? 3.234   4.667   -6.547  1.00 9.59  ?  112 CYS A C   1 
ATOM   112 O  O   . CYS A 1 15 ? 2.927   3.733   -7.299  1.00 9.54  ?  112 CYS A O   1 
ATOM   113 C  CB  . CYS A 1 15 ? 4.550   3.420   -4.832  1.00 7.08  ?  112 CYS A CB  1 
ATOM   114 S  SG  . CYS A 1 15 ? 6.075   4.139   -5.476  1.00 6.87  ?  112 CYS A SG  1 
ATOM   115 N  N   . ARG A 1 16 ? 3.388   5.924   -6.972  1.00 9.13  ?  113 ARG A N   1 
ATOM   116 C  CA  . ARG A 1 16 ? 3.203   6.230   -8.385  1.00 10.70 ?  113 ARG A CA  1 
ATOM   117 C  C   . ARG A 1 16 ? 4.284   5.599   -9.250  1.00 12.30 ?  113 ARG A C   1 
ATOM   118 O  O   . ARG A 1 16 ? 4.055   5.385   -10.443 1.00 14.24 ?  113 ARG A O   1 
ATOM   119 C  CB  . ARG A 1 16 ? 3.111   7.746   -8.583  1.00 13.01 ?  113 ARG A CB  1 
ATOM   120 C  CG  . ARG A 1 16 ? 1.922   8.357   -7.833  1.00 14.72 ?  113 ARG A CG  1 
ATOM   121 C  CD  . ARG A 1 16 ? 1.958   9.873   -7.823  1.00 17.25 ?  113 ARG A CD  1 
ATOM   122 N  NE  . ARG A 1 16 ? 2.016   10.435  -9.168  1.00 15.46 ?  113 ARG A NE  1 
ATOM   123 C  CZ  . ARG A 1 16 ? 2.495   11.639  -9.443  1.00 17.43 ?  113 ARG A CZ  1 
ATOM   124 N  NH1 . ARG A 1 16 ? 2.933   12.441  -8.487  1.00 17.33 ?  113 ARG A NH1 1 
ATOM   125 N  NH2 . ARG A 1 16 ? 2.532   12.049  -10.710 1.00 14.00 ?  113 ARG A NH2 1 
ATOM   126 N  N   . ASP A 1 17 ? 5.436   5.269   -8.669  1.00 9.89  ?  114 ASP A N   1 
ATOM   127 C  CA  . ASP A 1 17 ? 6.507   4.619   -9.412  1.00 10.34 ?  114 ASP A CA  1 
ATOM   128 C  C   . ASP A 1 17 ? 6.336   3.108   -9.514  1.00 10.32 ?  114 ASP A C   1 
ATOM   129 O  O   . ASP A 1 17 ? 6.724   2.522   -10.532 1.00 13.15 ?  114 ASP A O   1 
ATOM   130 C  CB  . ASP A 1 17 ? 7.852   4.925   -8.758  1.00 9.47  ?  114 ASP A CB  1 
ATOM   131 C  CG  . ASP A 1 17 ? 8.168   6.413   -8.736  1.00 12.42 ?  114 ASP A CG  1 
ATOM   132 O  OD1 . ASP A 1 17 ? 7.964   7.085   -9.771  1.00 14.52 ?  114 ASP A OD1 1 
ATOM   133 O  OD2 . ASP A 1 17 ? 8.647   6.912   -7.698  1.00 12.43 -1 114 ASP A OD2 1 
ATOM   134 N  N   . CYS A 1 18 ? 5.780   2.450   -8.489  1.00 9.43  ?  115 CYS A N   1 
ATOM   135 C  CA  . CYS A 1 18 ? 5.803   0.992   -8.443  1.00 8.77  ?  115 CYS A CA  1 
ATOM   136 C  C   . CYS A 1 18 ? 4.444   0.325   -8.576  1.00 7.98  ?  115 CYS A C   1 
ATOM   137 O  O   . CYS A 1 18 ? 4.393   -0.874  -8.881  1.00 9.23  ?  115 CYS A O   1 
ATOM   138 C  CB  . CYS A 1 18 ? 6.480   0.498   -7.152  1.00 6.97  ?  115 CYS A CB  1 
ATOM   139 S  SG  . CYS A 1 18 ? 8.182   1.145   -6.920  1.00 7.97  ?  115 CYS A SG  1 
ATOM   140 N  N   . ALA A 1 19 ? 3.354   1.042   -8.321  1.00 8.49  ?  116 ALA A N   1 
ATOM   141 C  CA  . ALA A 1 19 ? 2.044   0.410   -8.322  1.00 9.18  ?  116 ALA A CA  1 
ATOM   142 C  C   . ALA A 1 19 ? 1.711   -0.088  -9.719  1.00 10.36 ?  116 ALA A C   1 
ATOM   143 O  O   . ALA A 1 19 ? 1.912   0.614   -10.714 1.00 11.91 ?  116 ALA A O   1 
ATOM   144 C  CB  . ALA A 1 19 ? 0.974   1.414   -7.905  1.00 9.59  ?  116 ALA A CB  1 
ATOM   145 N  N   . VAL A 1 20 ? 1.169   -1.298  -9.795  1.00 10.18 ?  117 VAL A N   1 
ATOM   146 C  CA  . VAL A 1 20 ? 0.826   -1.855  -11.098 1.00 12.46 ?  117 VAL A CA  1 
ATOM   147 C  C   . VAL A 1 20 ? -0.382  -1.134  -11.672 1.00 13.59 ?  117 VAL A C   1 
ATOM   148 O  O   . VAL A 1 20 ? -0.458  -0.886  -12.882 1.00 15.48 ?  117 VAL A O   1 
ATOM   149 C  CB  . VAL A 1 20 ? 0.624   -3.377  -10.998 1.00 13.53 ?  117 VAL A CB  1 
ATOM   150 C  CG1 . VAL A 1 20 ? -0.132  -3.913  -12.231 1.00 15.97 ?  117 VAL A CG1 1 
ATOM   151 C  CG2 . VAL A 1 20 ? 1.962   -4.068  -10.823 1.00 12.13 ?  117 VAL A CG2 1 
ATOM   152 N  N   . ASP A 1 21 ? -1.329  -0.769  -10.818 1.00 14.49 ?  118 ASP A N   1 
ATOM   153 C  CA  . ASP A 1 21 ? -2.466  0.045   -11.212 1.00 14.35 ?  118 ASP A CA  1 
ATOM   154 C  C   . ASP A 1 21 ? -2.872  0.870   -10.001 1.00 14.19 ?  118 ASP A C   1 
ATOM   155 O  O   . ASP A 1 21 ? -2.385  0.634   -8.887  1.00 12.71 ?  118 ASP A O   1 
ATOM   156 C  CB  . ASP A 1 21 ? -3.613  -0.818  -11.767 1.00 15.90 ?  118 ASP A CB  1 
ATOM   157 C  CG  . ASP A 1 21 ? -4.317  -1.635  -10.700 1.00 15.70 ?  118 ASP A CG  1 
ATOM   158 O  OD1 . ASP A 1 21 ? -4.899  -1.032  -9.780  1.00 16.52 ?  118 ASP A OD1 1 
ATOM   159 O  OD2 . ASP A 1 21 ? -4.301  -2.884  -10.798 1.00 20.57 -1 118 ASP A OD2 1 
ATOM   160 N  N   . PRO A 1 22 ? -3.735  1.878   -10.184 1.00 16.40 ?  119 PRO A N   1 
ATOM   161 C  CA  . PRO A 1 22 ? -3.998  2.814   -9.078  1.00 14.52 ?  119 PRO A CA  1 
ATOM   162 C  C   . PRO A 1 22 ? -4.757  2.211   -7.907  1.00 13.73 ?  119 PRO A C   1 
ATOM   163 O  O   . PRO A 1 22 ? -4.854  2.872   -6.865  1.00 15.47 ?  119 PRO A O   1 
ATOM   164 C  CB  . PRO A 1 22 ? -4.804  3.942   -9.743  1.00 20.62 ?  119 PRO A CB  1 
ATOM   165 C  CG  . PRO A 1 22 ? -4.520  3.811   -11.201 1.00 21.78 ?  119 PRO A CG  1 
ATOM   166 C  CD  . PRO A 1 22 ? -4.360  2.346   -11.434 1.00 18.68 ?  119 PRO A CD  1 
ATOM   167 N  N   . THR A 1 23 ? -5.308  1.003   -8.036  1.00 11.85 ?  120 THR A N   1 
ATOM   168 C  CA  . THR A 1 23 ? -5.967  0.378   -6.894  1.00 10.69 ?  120 THR A CA  1 
ATOM   169 C  C   . THR A 1 23 ? -4.985  -0.292  -5.941  1.00 9.73  ?  120 THR A C   1 
ATOM   170 O  O   . THR A 1 23 ? -5.414  -0.771  -4.888  1.00 8.77  ?  120 THR A O   1 
ATOM   171 C  CB  . THR A 1 23 ? -7.005  -0.661  -7.340  1.00 11.71 ?  120 THR A CB  1 
ATOM   172 O  OG1 . THR A 1 23 ? -6.346  -1.845  -7.815  1.00 12.19 ?  120 THR A OG1 1 
ATOM   173 C  CG2 . THR A 1 23 ? -7.939  -0.096  -8.413  1.00 14.50 ?  120 THR A CG2 1 
ATOM   174 N  N   . CYS A 1 24 ? -3.701  -0.356  -6.293  1.00 9.71  ?  121 CYS A N   1 
ATOM   175 C  CA  . CYS A 1 24 ? -2.694  -1.003  -5.465  1.00 7.73  ?  121 CYS A CA  1 
ATOM   176 C  C   . CYS A 1 24 ? -2.271  -0.051  -4.356  1.00 7.42  ?  121 CYS A C   1 
ATOM   177 O  O   . CYS A 1 24 ? -1.797  1.056   -4.623  1.00 8.96  ?  121 CYS A O   1 
ATOM   178 C  CB  . CYS A 1 24 ? -1.491  -1.404  -6.315  1.00 7.33  ?  121 CYS A CB  1 
ATOM   179 S  SG  . CYS A 1 24 ? -1.877  -2.572  -7.626  1.00 9.48  ?  121 CYS A SG  1 
ATOM   180 N  N   . VAL A 1 25 ? -2.437  -0.469  -3.106  1.00 5.77  ?  122 VAL A N   1 
ATOM   181 C  CA  . VAL A 1 25 ? -2.289  0.414   -1.960  1.00 6.52  ?  122 VAL A CA  1 
ATOM   182 C  C   . VAL A 1 25 ? -1.664  -0.329  -0.790  1.00 6.12  ?  122 VAL A C   1 
ATOM   183 O  O   . VAL A 1 25 ? -1.717  -1.560  -0.697  1.00 6.48  ?  122 VAL A O   1 
ATOM   184 C  CB  . VAL A 1 25 ? -3.647  0.983   -1.510  1.00 8.42  ?  122 VAL A CB  1 
ATOM   185 C  CG1 . VAL A 1 25 ? -4.162  2.006   -2.536  1.00 13.38 ?  122 VAL A CG1 1 
ATOM   186 C  CG2 . VAL A 1 25 ? -4.646  -0.148  -1.277  1.00 8.43  ?  122 VAL A CG2 1 
ATOM   187 N  N   . LEU A 1 26 ? -1.113  0.456   0.140   1.00 5.44  ?  123 LEU A N   1 
ATOM   188 C  CA  . LEU A 1 26 ? -0.495  -0.050  1.360   1.00 5.44  ?  123 LEU A CA  1 
ATOM   189 C  C   . LEU A 1 26 ? -1.092  0.690   2.541   1.00 5.53  ?  123 LEU A C   1 
ATOM   190 O  O   . LEU A 1 26 ? -1.401  1.885   2.452   1.00 6.22  ?  123 LEU A O   1 
ATOM   191 C  CB  . LEU A 1 26 ? 1.012   0.218   1.373   1.00 5.69  ?  123 LEU A CB  1 
ATOM   192 C  CG  . LEU A 1 26 ? 1.818   -0.485  0.292   1.00 6.73  ?  123 LEU A CG  1 
ATOM   193 C  CD1 . LEU A 1 26 ? 3.261   0.001   0.303   1.00 9.36  ?  123 LEU A CD1 1 
ATOM   194 C  CD2 . LEU A 1 26 ? 1.770   -1.982  0.474   1.00 6.37  ?  123 LEU A CD2 1 
ATOM   195 N  N   . CYS A 1 27 ? -1.230  -0.021  3.660   1.00 4.62  ?  124 CYS A N   1 
ATOM   196 C  CA  . CYS A 1 27 ? -1.541  0.616   4.935   1.00 5.13  ?  124 CYS A CA  1 
ATOM   197 C  C   . CYS A 1 27 ? -0.330  1.413   5.425   1.00 4.23  ?  124 CYS A C   1 
ATOM   198 O  O   . CYS A 1 27 ? 0.778   1.315   4.889   1.00 4.22  ?  124 CYS A O   1 
ATOM   199 C  CB  . CYS A 1 27 ? -1.932  -0.439  5.973   1.00 4.34  ?  124 CYS A CB  1 
ATOM   200 S  SG  . CYS A 1 27 ? -0.547  -1.445  6.620   1.00 3.76  ?  124 CYS A SG  1 
ATOM   201 N  N   . MET A 1 28 ? -0.538  2.209   6.472   1.00 4.98  ?  125 MET A N   1 
ATOM   202 C  CA  . MET A 1 28 ? 0.532   3.105   6.895   1.00 5.55  ?  125 MET A CA  1 
ATOM   203 C  C   . MET A 1 28 ? 1.724   2.331   7.431   1.00 5.66  ?  125 MET A C   1 
ATOM   204 O  O   . MET A 1 28 ? 2.868   2.723   7.203   1.00 5.61  ?  125 MET A O   1 
ATOM   205 C  CB  . MET A 1 28 ? 0.036   4.096   7.936   1.00 9.11  ?  125 MET A CB  1 
ATOM   206 C  CG  . MET A 1 28 ? -0.363  3.471   9.231   1.00 11.43 ?  125 MET A CG  1 
ATOM   207 S  SD  . MET A 1 28 ? -0.947  4.683   10.408  1.00 20.67 ?  125 MET A SD  1 
ATOM   208 C  CE  . MET A 1 28 ? -2.072  5.587   9.367   1.00 10.03 ?  125 MET A CE  1 
ATOM   209 N  N   . GLU A 1 29 ? 1.486   1.226   8.136   1.00 5.36  ?  126 GLU A N   1 
ATOM   210 C  CA  . GLU A 1 29 ? 2.604   0.478   8.696   1.00 5.69  ?  126 GLU A CA  1 
ATOM   211 C  C   . GLU A 1 29 ? 3.476   -0.092  7.583   1.00 5.55  ?  126 GLU A C   1 
ATOM   212 O  O   . GLU A 1 29 ? 4.713   -0.016  7.632   1.00 6.42  ?  126 GLU A O   1 
ATOM   213 C  CB  . GLU A 1 29 ? 2.039   -0.628  9.587   1.00 9.50  ?  126 GLU A CB  1 
ATOM   214 C  CG  . GLU A 1 29 ? 3.052   -1.600  10.101  1.00 11.28 ?  126 GLU A CG  1 
ATOM   215 C  CD  . GLU A 1 29 ? 2.411   -2.765  10.827  1.00 14.31 ?  126 GLU A CD  1 
ATOM   216 O  OE1 . GLU A 1 29 ? 1.181   -2.974  10.690  1.00 15.01 ?  126 GLU A OE1 1 
ATOM   217 O  OE2 . GLU A 1 29 ? 3.157   -3.457  11.536  1.00 20.66 -1 126 GLU A OE2 1 
ATOM   218 N  N   . CYS A 1 30 ? 2.843   -0.661  6.557   1.00 4.65  ?  127 CYS A N   1 
ATOM   219 C  CA  . CYS A 1 30 ? 3.618   -1.239  5.467   1.00 4.33  ?  127 CYS A CA  1 
ATOM   220 C  C   . CYS A 1 30 ? 4.300   -0.163  4.638   1.00 4.48  ?  127 CYS A C   1 
ATOM   221 O  O   . CYS A 1 30 ? 5.481   -0.291  4.293   1.00 5.50  ?  127 CYS A O   1 
ATOM   222 C  CB  . CYS A 1 30 ? 2.728   -2.152  4.637   1.00 4.30  ?  127 CYS A CB  1 
ATOM   223 S  SG  . CYS A 1 30 ? 2.118   -3.560  5.616   1.00 4.06  ?  127 CYS A SG  1 
ATOM   224 N  N   . PHE A 1 31 ? 3.587   0.916   4.338   1.00 4.78  ?  128 PHE A N   1 
ATOM   225 C  CA  . PHE A 1 31 ? 4.186   2.001   3.577   1.00 4.60  ?  128 PHE A CA  1 
ATOM   226 C  C   . PHE A 1 31 ? 5.442   2.531   4.266   1.00 4.47  ?  128 PHE A C   1 
ATOM   227 O  O   . PHE A 1 31 ? 6.499   2.670   3.637   1.00 4.85  ?  128 PHE A O   1 
ATOM   228 C  CB  . PHE A 1 31 ? 3.160   3.114   3.377   1.00 4.54  ?  128 PHE A CB  1 
ATOM   229 C  CG  . PHE A 1 31 ? 3.761   4.368   2.858   1.00 5.87  ?  128 PHE A CG  1 
ATOM   230 C  CD1 . PHE A 1 31 ? 4.166   4.441   1.546   1.00 6.95  ?  128 PHE A CD1 1 
ATOM   231 C  CD2 . PHE A 1 31 ? 3.934   5.475   3.680   1.00 8.05  ?  128 PHE A CD2 1 
ATOM   232 C  CE1 . PHE A 1 31 ? 4.749   5.609   1.050   1.00 9.34  ?  128 PHE A CE1 1 
ATOM   233 C  CE2 . PHE A 1 31 ? 4.503   6.640   3.187   1.00 12.21 ?  128 PHE A CE2 1 
ATOM   234 C  CZ  . PHE A 1 31 ? 4.910   6.702   1.879   1.00 11.73 ?  128 PHE A CZ  1 
ATOM   235 N  N   . LEU A 1 32 ? 5.353   2.815   5.563   1.00 4.68  ?  129 LEU A N   1 
ATOM   236 C  CA  . LEU A 1 32 ? 6.478   3.388   6.293   1.00 5.39  ?  129 LEU A CA  1 
ATOM   237 C  C   . LEU A 1 32 ? 7.650   2.435   6.439   1.00 5.23  ?  129 LEU A C   1 
ATOM   238 O  O   . LEU A 1 32 ? 8.779   2.894   6.692   1.00 7.65  ?  129 LEU A O   1 
ATOM   239 C  CB  . LEU A 1 32 ? 6.037   3.875   7.669   1.00 6.47  ?  129 LEU A CB  1 
ATOM   240 C  CG  . LEU A 1 32 ? 5.060   5.044   7.656   1.00 6.99  ?  129 LEU A CG  1 
ATOM   241 C  CD1 . LEU A 1 32 ? 4.574   5.299   9.075   1.00 7.94  ?  129 LEU A CD1 1 
ATOM   242 C  CD2 . LEU A 1 32 ? 5.696   6.288   7.043   1.00 8.64  ?  129 LEU A CD2 1 
ATOM   243 N  N   . GLY A 1 33 ? 7.417   1.135   6.316   1.00 5.15  ?  130 GLY A N   1 
ATOM   244 C  CA  . GLY A 1 33 ? 8.468   0.141   6.323   1.00 6.22  ?  130 GLY A CA  1 
ATOM   245 C  C   . GLY A 1 33 ? 8.863   -0.343  4.944   1.00 5.81  ?  130 GLY A C   1 
ATOM   246 O  O   . GLY A 1 33 ? 9.543   -1.374  4.834   1.00 7.08  ?  130 GLY A O   1 
ATOM   247 N  N   . SER A 1 34 ? 8.464   0.356   3.892   1.00 6.10  ?  131 SER A N   1 
ATOM   248 C  CA  . SER A 1 34 ? 8.707   -0.085  2.529   1.00 6.32  ?  131 SER A CA  1 
ATOM   249 C  C   . SER A 1 34 ? 9.679   0.853   1.825   1.00 5.93  ?  131 SER A C   1 
ATOM   250 O  O   . SER A 1 34 ? 10.002  1.944   2.282   1.00 6.19  ?  131 SER A O   1 
ATOM   251 C  CB  . SER A 1 34 ? 7.410   -0.136  1.713   1.00 6.30  ?  131 SER A CB  1 
ATOM   252 O  OG  . SER A 1 34 ? 6.990   1.169   1.326   1.00 6.10  ?  131 SER A OG  1 
ATOM   253 N  N   . ILE A 1 35 ? 10.134  0.399   0.658   1.00 5.71  ?  132 ILE A N   1 
ATOM   254 C  CA  . ILE A 1 35 ? 10.981  1.236   -0.186  1.00 6.00  ?  132 ILE A CA  1 
ATOM   255 C  C   . ILE A 1 35 ? 10.234  2.449   -0.728  1.00 7.00  ?  132 ILE A C   1 
ATOM   256 O  O   . ILE A 1 35 ? 10.859  3.455   -1.095  1.00 7.21  ?  132 ILE A O   1 
ATOM   257 C  CB  . ILE A 1 35 ? 11.602  0.378   -1.307  1.00 8.46  ?  132 ILE A CB  1 
ATOM   258 C  CG1 . ILE A 1 35 ? 12.828  1.072   -1.902  1.00 11.88 ?  132 ILE A CG1 1 
ATOM   259 C  CG2 . ILE A 1 35 ? 10.557  0.031   -2.362  1.00 8.05  ?  132 ILE A CG2 1 
ATOM   260 C  CD1 . ILE A 1 35 ? 14.012  1.120   -0.960  1.00 15.47 ?  132 ILE A CD1 1 
ATOM   261 N  N   . HIS A 1 36 ? 8.900   2.399   -0.750  1.00 6.48  ?  133 HIS A N   1 
ATOM   262 C  CA  . HIS A 1 36 ? 8.099   3.405   -1.439  1.00 5.84  ?  133 HIS A CA  1 
ATOM   263 C  C   . HIS A 1 36 ? 8.011   4.718   -0.688  1.00 6.83  ?  133 HIS A C   1 
ATOM   264 O  O   . HIS A 1 36 ? 7.584   5.710   -1.276  1.00 7.17  ?  133 HIS A O   1 
ATOM   265 C  CB  . HIS A 1 36 ? 6.718   2.854   -1.759  1.00 6.68  ?  133 HIS A CB  1 
ATOM   266 C  CG  . HIS A 1 36 ? 6.777   1.505   -2.383  1.00 5.22  ?  133 HIS A CG  1 
ATOM   267 N  ND1 . HIS A 1 36 ? 7.283   1.276   -3.651  1.00 6.63  ?  133 HIS A ND1 1 
ATOM   268 C  CD2 . HIS A 1 36 ? 6.476   0.293   -1.860  1.00 5.52  ?  133 HIS A CD2 1 
ATOM   269 C  CE1 . HIS A 1 36 ? 7.250   -0.026  -3.886  1.00 5.34  ?  133 HIS A CE1 1 
ATOM   270 N  NE2 . HIS A 1 36 ? 6.763   -0.640  -2.820  1.00 6.30  ?  133 HIS A NE2 1 
ATOM   271 N  N   . ARG A 1 37 ? 8.396   4.750   0.585   1.00 6.65  ?  134 ARG A N   1 
ATOM   272 C  CA  . ARG A 1 37 ? 8.475   6.024   1.291   1.00 8.91  ?  134 ARG A CA  1 
ATOM   273 C  C   . ARG A 1 37 ? 9.547   6.938   0.713   1.00 9.64  ?  134 ARG A C   1 
ATOM   274 O  O   . ARG A 1 37 ? 9.555   8.131   1.027   1.00 13.49 ?  134 ARG A O   1 
ATOM   275 C  CB  . ARG A 1 37 ? 8.703   5.809   2.790   1.00 11.28 ?  134 ARG A CB  1 
ATOM   276 C  CG  . ARG A 1 37 ? 10.066  5.246   3.143   1.00 10.45 ?  134 ARG A CG  1 
ATOM   277 C  CD  . ARG A 1 37 ? 10.235  5.128   4.655   1.00 11.54 ?  134 ARG A CD  1 
ATOM   278 N  NE  . ARG A 1 37 ? 10.376  6.445   5.268   1.00 12.37 ?  134 ARG A NE  1 
ATOM   279 C  CZ  . ARG A 1 37 ? 9.879   6.792   6.450   1.00 11.71 ?  134 ARG A CZ  1 
ATOM   280 N  NH1 . ARG A 1 37 ? 9.255   5.921   7.223   1.00 10.74 ?  134 ARG A NH1 1 
ATOM   281 N  NH2 . ARG A 1 37 ? 10.006  8.050   6.860   1.00 13.15 ?  134 ARG A NH2 1 
ATOM   282 N  N   . ASP A 1 38 ? 10.445  6.409   -0.108  1.00 8.73  ?  135 ASP A N   1 
ATOM   283 C  CA  . ASP A 1 38 ? 11.466  7.182   -0.793  1.00 10.70 ?  135 ASP A CA  1 
ATOM   284 C  C   . ASP A 1 38 ? 11.099  7.470   -2.242  1.00 10.20 ?  135 ASP A C   1 
ATOM   285 O  O   . ASP A 1 38 ? 11.914  8.035   -2.981  1.00 13.16 ?  135 ASP A O   1 
ATOM   286 C  CB  . ASP A 1 38 ? 12.801  6.447   -0.709  1.00 12.71 ?  135 ASP A CB  1 
ATOM   287 C  CG  . ASP A 1 38 ? 13.339  6.399   0.704   1.00 15.40 ?  135 ASP A CG  1 
ATOM   288 O  OD1 . ASP A 1 38 ? 13.164  7.386   1.451   1.00 16.80 ?  135 ASP A OD1 1 
ATOM   289 O  OD2 . ASP A 1 38 ? 13.920  5.363   1.070   1.00 20.18 ?  135 ASP A OD2 1 
ATOM   290 N  N   . HIS A 1 39 ? 9.895   7.104   -2.659  1.00 9.67  ?  136 HIS A N   1 
ATOM   291 C  CA  . HIS A 1 39 ? 9.440   7.217   -4.034  1.00 10.12 ?  136 HIS A CA  1 
ATOM   292 C  C   . HIS A 1 39 ? 8.357   8.284   -4.114  1.00 10.76 ?  136 HIS A C   1 
ATOM   293 O  O   . HIS A 1 39 ? 8.041   8.955   -3.130  1.00 11.20 ?  136 HIS A O   1 
ATOM   294 C  CB  . HIS A 1 39 ? 8.896   5.874   -4.524  1.00 8.46  ?  136 HIS A CB  1 
ATOM   295 C  CG  . HIS A 1 39 ? 9.920   4.795   -4.603  1.00 7.73  ?  136 HIS A CG  1 
ATOM   296 N  ND1 . HIS A 1 39 ? 9.589   3.472   -4.816  1.00 6.49  ?  136 HIS A ND1 1 
ATOM   297 C  CD2 . HIS A 1 39 ? 11.268  4.837   -4.491  1.00 10.01 ?  136 HIS A CD2 1 
ATOM   298 C  CE1 . HIS A 1 39 ? 10.697  2.753   -4.863  1.00 8.47  ?  136 HIS A CE1 1 
ATOM   299 N  NE2 . HIS A 1 39 ? 11.728  3.556   -4.662  1.00 9.01  ?  136 HIS A NE2 1 
ATOM   300 N  N   . ARG A 1 40 ? 7.783   8.439   -5.305  1.00 10.92 ?  137 ARG A N   1 
ATOM   301 C  CA  . ARG A 1 40 ? 6.669   9.362   -5.500  1.00 10.64 ?  137 ARG A CA  1 
ATOM   302 C  C   . ARG A 1 40 ? 5.400   8.668   -5.023  1.00 11.65 ?  137 ARG A C   1 
ATOM   303 O  O   . ARG A 1 40 ? 4.728   7.975   -5.779  1.00 16.10 ?  137 ARG A O   1 
ATOM   304 C  CB  . ARG A 1 40 ? 6.533   9.731   -6.976  1.00 14.01 ?  137 ARG A CB  1 
ATOM   305 C  CG  . ARG A 1 40 ? 7.628   10.620  -7.567  1.00 15.09 ?  137 ARG A CG  1 
ATOM   306 C  CD  . ARG A 1 40 ? 7.321   10.955  -9.044  1.00 18.52 ?  137 ARG A CD  1 
ATOM   307 N  NE  . ARG A 1 40 ? 7.029   9.756   -9.829  1.00 16.37 ?  137 ARG A NE  1 
ATOM   308 C  CZ  . ARG A 1 40 ? 6.066   9.659   -10.736 1.00 15.42 ?  137 ARG A CZ  1 
ATOM   309 N  NH1 . ARG A 1 40 ? 5.320   10.700  -11.067 1.00 19.28 ?  137 ARG A NH1 1 
ATOM   310 N  NH2 . ARG A 1 40 ? 5.845   8.485   -11.327 1.00 17.13 ?  137 ARG A NH2 1 
ATOM   311 N  N   . TYR A 1 41 ? 5.038   8.876   -3.766  1.00 15.03 ?  138 TYR A N   1 
ATOM   312 C  CA  . TYR A 1 41 ? 3.856   8.231   -3.214  1.00 13.89 ?  138 TYR A CA  1 
ATOM   313 C  C   . TYR A 1 41 ? 2.663   9.177   -3.265  1.00 16.56 ?  138 TYR A C   1 
ATOM   314 O  O   . TYR A 1 41 ? 2.799   10.384  -3.459  1.00 16.86 ?  138 TYR A O   1 
ATOM   315 C  CB  . TYR A 1 41 ? 4.113   7.788   -1.775  1.00 14.03 ?  138 TYR A CB  1 
ATOM   316 C  CG  . TYR A 1 41 ? 4.587   8.900   -0.863  1.00 15.18 ?  138 TYR A CG  1 
ATOM   317 C  CD1 . TYR A 1 41 ? 5.940   9.115   -0.642  1.00 16.00 ?  138 TYR A CD1 1 
ATOM   318 C  CD2 . TYR A 1 41 ? 3.676   9.714   -0.207  1.00 16.57 ?  138 TYR A CD2 1 
ATOM   319 C  CE1 . TYR A 1 41 ? 6.376   10.127  0.188   1.00 16.05 ?  138 TYR A CE1 1 
ATOM   320 C  CE2 . TYR A 1 41 ? 4.098   10.729  0.635   1.00 16.73 ?  138 TYR A CE2 1 
ATOM   321 C  CZ  . TYR A 1 41 ? 5.446   10.928  0.827   1.00 18.49 ?  138 TYR A CZ  1 
ATOM   322 O  OH  . TYR A 1 41 ? 5.871   11.936  1.661   1.00 27.71 ?  138 TYR A OH  1 
ATOM   323 N  N   . ARG A 1 42 ? 1.475   8.608   -3.067  1.00 15.50 ?  139 ARG A N   1 
ATOM   324 C  CA  . ARG A 1 42 ? 0.237   9.378   -3.009  1.00 17.12 ?  139 ARG A CA  1 
ATOM   325 C  C   . ARG A 1 42 ? -0.620  8.816   -1.889  1.00 16.54 ?  139 ARG A C   1 
ATOM   326 O  O   . ARG A 1 42 ? -0.939  7.621   -1.887  1.00 16.04 ?  139 ARG A O   1 
ATOM   327 C  CB  . ARG A 1 42 ? -0.536  9.295   -4.325  1.00 20.03 ?  139 ARG A CB  1 
ATOM   328 C  CG  . ARG A 1 42 ? -1.981  9.764   -4.217  1.00 23.58 ?  139 ARG A CG  1 
ATOM   329 C  CD  . ARG A 1 42 ? -2.415  10.461  -5.491  1.00 28.45 ?  139 ARG A CD  1 
ATOM   330 N  NE  . ARG A 1 42 ? -1.479  11.517  -5.863  1.00 29.13 ?  139 ARG A NE  1 
ATOM   331 C  CZ  . ARG A 1 42 ? -1.099  11.778  -7.106  1.00 24.93 ?  139 ARG A CZ  1 
ATOM   332 N  NH1 . ARG A 1 42 ? -1.571  11.089  -8.134  1.00 21.60 ?  139 ARG A NH1 1 
ATOM   333 N  NH2 . ARG A 1 42 ? -0.211  12.745  -7.322  1.00 26.25 ?  139 ARG A NH2 1 
ATOM   334 N  N   . MET A 1 43 ? -1.000  9.674   -0.950  1.00 15.61 ?  140 MET A N   1 
ATOM   335 C  CA  . MET A 1 43 ? -1.866  9.291   0.154   1.00 13.77 ?  140 MET A CA  1 
ATOM   336 C  C   . MET A 1 43 ? -3.306  9.645   -0.191  1.00 17.45 ?  140 MET A C   1 
ATOM   337 O  O   . MET A 1 43 ? -3.589  10.771  -0.616  1.00 17.70 ?  140 MET A O   1 
ATOM   338 C  CB  . MET A 1 43 ? -1.434  9.995   1.440   1.00 15.73 ?  140 MET A CB  1 
ATOM   339 C  CG  . MET A 1 43 ? -2.107  9.462   2.706   1.00 13.94 ?  140 MET A CG  1 
ATOM   340 S  SD  . MET A 1 43 ? -3.860  9.902   2.886   1.00 17.52 ?  140 MET A SD  1 
ATOM   341 C  CE  . MET A 1 43 ? -3.757  11.680  3.014   1.00 19.90 ?  140 MET A CE  1 
ATOM   342 N  N   . THR A 1 44 ? -4.210  8.683   -0.007  1.00 16.70 ?  141 THR A N   1 
ATOM   343 C  CA  . THR A 1 44 ? -5.644  8.899   -0.156  1.00 17.35 ?  141 THR A CA  1 
ATOM   344 C  C   . THR A 1 44 ? -6.335  8.401   1.106   1.00 17.53 ?  141 THR A C   1 
ATOM   345 O  O   . THR A 1 44 ? -6.125  7.256   1.518   1.00 15.48 ?  141 THR A O   1 
ATOM   346 C  CB  . THR A 1 44 ? -6.188  8.131   -1.364  1.00 18.21 ?  141 THR A CB  1 
ATOM   347 O  OG1 . THR A 1 44 ? -5.466  8.504   -2.543  1.00 20.11 ?  141 THR A OG1 1 
ATOM   348 C  CG2 . THR A 1 44 ? -7.668  8.435   -1.575  1.00 21.05 ?  141 THR A CG2 1 
ATOM   349 N  N   . THR A 1 45 ? -7.149  9.256   1.720   1.00 16.02 ?  142 THR A N   1 
ATOM   350 C  CA  . THR A 1 45 ? -7.914  8.853   2.890   1.00 16.44 ?  142 THR A CA  1 
ATOM   351 C  C   . THR A 1 45 ? -8.981  7.842   2.496   1.00 14.65 ?  142 THR A C   1 
ATOM   352 O  O   . THR A 1 45 ? -9.738  8.058   1.547   1.00 15.76 ?  142 THR A O   1 
ATOM   353 C  CB  . THR A 1 45 ? -8.554  10.081  3.535   1.00 17.23 ?  142 THR A CB  1 
ATOM   354 O  OG1 . THR A 1 45 ? -7.556  11.089  3.738   1.00 23.86 ?  142 THR A OG1 1 
ATOM   355 C  CG2 . THR A 1 45 ? -9.222  9.722   4.858   1.00 19.80 ?  142 THR A CG2 1 
ATOM   356 N  N   . SER A 1 46 ? -9.040  6.737   3.230   1.00 13.21 ?  143 SER A N   1 
ATOM   357 C  CA  . SER A 1 46 ? -10.019 5.704   2.941   1.00 11.88 ?  143 SER A CA  1 
ATOM   358 C  C   . SER A 1 46 ? -11.374 6.106   3.496   1.00 12.05 ?  143 SER A C   1 
ATOM   359 O  O   . SER A 1 46 ? -11.466 6.705   4.570   1.00 12.52 ?  143 SER A O   1 
ATOM   360 C  CB  . SER A 1 46 ? -9.609  4.392   3.600   1.00 12.63 ?  143 SER A CB  1 
ATOM   361 O  OG  . SER A 1 46 ? -10.518 3.363   3.267   1.00 11.16 ?  143 SER A OG  1 
ATOM   362 N  N   . GLY A 1 47 ? -12.423 5.766   2.758   1.00 12.68 ?  144 GLY A N   1 
ATOM   363 C  CA  . GLY A 1 47 ? -13.763 5.824   3.292   1.00 11.85 ?  144 GLY A CA  1 
ATOM   364 C  C   . GLY A 1 47 ? -14.179 4.571   4.022   1.00 13.09 ?  144 GLY A C   1 
ATOM   365 O  O   . GLY A 1 47 ? -15.304 4.494   4.529   1.00 14.11 ?  144 GLY A O   1 
ATOM   366 N  N   . GLY A 1 48 ? -13.293 3.583   4.099   1.00 13.20 ?  145 GLY A N   1 
ATOM   367 C  CA  . GLY A 1 48 ? -13.554 2.314   4.755   1.00 12.91 ?  145 GLY A CA  1 
ATOM   368 C  C   . GLY A 1 48 ? -13.709 1.208   3.724   1.00 13.07 ?  145 GLY A C   1 
ATOM   369 O  O   . GLY A 1 48 ? -14.374 1.385   2.693   1.00 14.50 ?  145 GLY A O   1 
ATOM   370 N  N   . GLY A 1 49 ? -13.101 0.061   4.001   1.00 11.42 ?  146 GLY A N   1 
ATOM   371 C  CA  . GLY A 1 49 ? -13.092 -1.040  3.066   1.00 12.73 ?  146 GLY A CA  1 
ATOM   372 C  C   . GLY A 1 49 ? -11.833 -1.037  2.220   1.00 9.82  ?  146 GLY A C   1 
ATOM   373 O  O   . GLY A 1 49 ? -11.034 -0.100  2.231   1.00 12.44 ?  146 GLY A O   1 
ATOM   374 N  N   . GLY A 1 50 ? -11.672 -2.104  1.454   1.00 10.36 ?  147 GLY A N   1 
ATOM   375 C  CA  . GLY A 1 50 ? -10.429 -2.357  0.764   1.00 9.69  ?  147 GLY A CA  1 
ATOM   376 C  C   . GLY A 1 50 ? -9.369  -2.867  1.724   1.00 6.89  ?  147 GLY A C   1 
ATOM   377 O  O   . GLY A 1 50 ? -9.550  -2.915  2.946   1.00 7.93  ?  147 GLY A O   1 
ATOM   378 N  N   . PHE A 1 51 ? -8.223  -3.236  1.159   1.00 5.46  ?  148 PHE A N   1 
ATOM   379 C  CA  . PHE A 1 51 ? -7.220  -3.899  1.981   1.00 5.29  ?  148 PHE A CA  1 
ATOM   380 C  C   . PHE A 1 51 ? -5.817  -3.576  1.491   1.00 4.09  ?  148 PHE A C   1 
ATOM   381 O  O   . PHE A 1 51 ? -5.600  -3.221  0.325   1.00 4.80  ?  148 PHE A O   1 
ATOM   382 C  CB  . PHE A 1 51 ? -7.430  -5.418  2.070   1.00 5.23  ?  148 PHE A CB  1 
ATOM   383 C  CG  . PHE A 1 51 ? -7.425  -6.113  0.746   1.00 5.18  ?  148 PHE A CG  1 
ATOM   384 C  CD1 . PHE A 1 51 ? -6.233  -6.595  0.215   1.00 6.72  ?  148 PHE A CD1 1 
ATOM   385 C  CD2 . PHE A 1 51 ? -8.600  -6.277  0.022   1.00 6.28  ?  148 PHE A CD2 1 
ATOM   386 C  CE1 . PHE A 1 51 ? -6.216  -7.222  -1.020  1.00 6.22  ?  148 PHE A CE1 1 
ATOM   387 C  CE2 . PHE A 1 51 ? -8.588  -6.905  -1.211  1.00 7.23  ?  148 PHE A CE2 1 
ATOM   388 C  CZ  . PHE A 1 51 ? -7.403  -7.392  -1.729  1.00 8.03  ?  148 PHE A CZ  1 
ATOM   389 N  N   . CYS A 1 52 ? -4.860  -3.750  2.404   1.00 4.40  ?  149 CYS A N   1 
ATOM   390 C  CA  . CYS A 1 52 ? -3.457  -3.529  2.099   1.00 3.90  ?  149 CYS A CA  1 
ATOM   391 C  C   . CYS A 1 52 ? -2.925  -4.623  1.174   1.00 3.66  ?  149 CYS A C   1 
ATOM   392 O  O   . CYS A 1 52 ? -3.161  -5.817  1.393   1.00 4.06  ?  149 CYS A O   1 
ATOM   393 C  CB  . CYS A 1 52 ? -2.680  -3.519  3.404   1.00 4.28  ?  149 CYS A CB  1 
ATOM   394 S  SG  . CYS A 1 52 ? -0.908  -3.305  3.176   1.00 4.12  ?  149 CYS A SG  1 
ATOM   395 N  N   . ASP A 1 53 ? -2.172  -4.198  0.165   1.00 4.78  ?  150 ASP A N   1 
ATOM   396 C  CA  . ASP A 1 53 ? -1.590  -5.084  -0.835  1.00 4.23  ?  150 ASP A CA  1 
ATOM   397 C  C   . ASP A 1 53 ? -0.139  -5.454  -0.556  1.00 4.05  ?  150 ASP A C   1 
ATOM   398 O  O   . ASP A 1 53 ? 0.561   -5.933  -1.471  1.00 4.70  ?  150 ASP A O   1 
ATOM   399 C  CB  . ASP A 1 53 ? -1.687  -4.455  -2.214  1.00 5.03  ?  150 ASP A CB  1 
ATOM   400 C  CG  . ASP A 1 53 ? -3.110  -4.262  -2.654  1.00 5.30  ?  150 ASP A CG  1 
ATOM   401 O  OD1 . ASP A 1 53 ? -3.904  -5.235  -2.586  1.00 5.59  ?  150 ASP A OD1 1 
ATOM   402 O  OD2 . ASP A 1 53 ? -3.465  -3.134  -3.009  1.00 6.12  -1 150 ASP A OD2 1 
ATOM   403 N  N   . CYS A 1 54 ? 0.332   -5.267  0.676   1.00 3.71  ?  151 CYS A N   1 
ATOM   404 C  CA  . CYS A 1 54 ? 1.688   -5.686  0.990   1.00 5.47  ?  151 CYS A CA  1 
ATOM   405 C  C   . CYS A 1 54 ? 1.850   -7.177  0.720   1.00 6.58  ?  151 CYS A C   1 
ATOM   406 O  O   . CYS A 1 54 ? 1.036   -7.998  1.158   1.00 7.55  ?  151 CYS A O   1 
ATOM   407 C  CB  . CYS A 1 54 ? 2.018   -5.369  2.443   1.00 4.80  ?  151 CYS A CB  1 
ATOM   408 S  SG  . CYS A 1 54 ? 3.637   -5.943  2.945   1.00 6.24  ?  151 CYS A SG  1 
ATOM   409 N  N   . GLY A 1 55 ? 2.902   -7.516  -0.025  1.00 7.61  ?  152 GLY A N   1 
ATOM   410 C  CA  . GLY A 1 55 ? 3.191   -8.890  -0.383  1.00 10.78 ?  152 GLY A CA  1 
ATOM   411 C  C   . GLY A 1 55 ? 2.747   -9.326  -1.767  1.00 14.29 ?  152 GLY A C   1 
ATOM   412 O  O   . GLY A 1 55 ? 3.146   -10.415 -2.204  1.00 16.56 ?  152 GLY A O   1 
ATOM   413 N  N   . ASP A 1 56 ? 1.955   -8.526  -2.484  1.00 11.39 ?  153 ASP A N   1 
ATOM   414 C  CA  . ASP A 1 56 ? 1.393   -8.960  -3.761  1.00 11.43 ?  153 ASP A CA  1 
ATOM   415 C  C   . ASP A 1 56 ? 2.294   -8.506  -4.904  1.00 12.36 ?  153 ASP A C   1 
ATOM   416 O  O   . ASP A 1 56 ? 2.286   -7.332  -5.288  1.00 12.62 ?  153 ASP A O   1 
ATOM   417 C  CB  . ASP A 1 56 ? -0.035  -8.445  -3.933  1.00 11.26 ?  153 ASP A CB  1 
ATOM   418 C  CG  . ASP A 1 56 ? -0.752  -9.097  -5.109  1.00 12.70 ?  153 ASP A CG  1 
ATOM   419 O  OD1 . ASP A 1 56 ? -0.087  -9.788  -5.904  1.00 13.18 ?  153 ASP A OD1 1 
ATOM   420 O  OD2 . ASP A 1 56 ? -1.973  -8.904  -5.238  1.00 11.98 -1 153 ASP A OD2 1 
ATOM   421 N  N   . THR A 1 57 ? 3.016   -9.465  -5.497  1.00 14.68 ?  154 THR A N   1 
ATOM   422 C  CA  . THR A 1 57 ? 3.909   -9.173  -6.613  1.00 15.65 ?  154 THR A CA  1 
ATOM   423 C  C   . THR A 1 57 ? 3.168   -8.695  -7.851  1.00 16.41 ?  154 THR A C   1 
ATOM   424 O  O   . THR A 1 57 ? 3.764   -8.003  -8.684  1.00 19.25 ?  154 THR A O   1 
ATOM   425 C  CB  . THR A 1 57 ? 4.743   -10.409 -6.944  1.00 19.53 ?  154 THR A CB  1 
ATOM   426 O  OG1 . THR A 1 57 ? 3.888   -11.421 -7.502  1.00 19.22 ?  154 THR A OG1 1 
ATOM   427 C  CG2 . THR A 1 57 ? 5.417   -10.930 -5.686  1.00 18.40 ?  154 THR A CG2 1 
ATOM   428 N  N   . GLU A 1 58 ? 1.893   -9.052  -8.002  1.00 14.01 ?  155 GLU A N   1 
ATOM   429 C  CA  . GLU A 1 58 ? 1.107   -8.540  -9.110  1.00 18.26 ?  155 GLU A CA  1 
ATOM   430 C  C   . GLU A 1 58 ? 0.591   -7.138  -8.843  1.00 13.11 ?  155 GLU A C   1 
ATOM   431 O  O   . GLU A 1 58 ? 0.002   -6.525  -9.740  1.00 19.14 ?  155 GLU A O   1 
ATOM   432 C  CB  . GLU A 1 58 ? -0.034  -9.509  -9.415  1.00 19.61 ?  155 GLU A CB  1 
ATOM   433 C  CG  . GLU A 1 58 ? 0.414   -10.974 -9.407  1.00 22.81 ?  155 GLU A CG  1 
ATOM   434 C  CD  . GLU A 1 58 ? 1.476   -11.270 -10.456 1.00 25.77 ?  155 GLU A CD  1 
ATOM   435 O  OE1 . GLU A 1 58 ? 1.364   -10.716 -11.569 1.00 24.16 ?  155 GLU A OE1 1 
ATOM   436 O  OE2 . GLU A 1 58 ? 2.417   -12.048 -10.170 1.00 26.81 -1 155 GLU A OE2 1 
ATOM   437 N  N   . ALA A 1 59 ? 0.809   -6.616  -7.630  1.00 12.58 ?  156 ALA A N   1 
ATOM   438 C  CA  . ALA A 1 59 ? 0.446   -5.248  -7.299  1.00 9.82  ?  156 ALA A CA  1 
ATOM   439 C  C   . ALA A 1 59 ? 1.605   -4.269  -7.396  1.00 8.20  ?  156 ALA A C   1 
ATOM   440 O  O   . ALA A 1 59 ? 1.351   -3.072  -7.501  1.00 9.13  ?  156 ALA A O   1 
ATOM   441 C  CB  . ALA A 1 59 ? -0.156  -5.163  -5.888  1.00 8.09  ?  156 ALA A CB  1 
ATOM   442 N  N   . TRP A 1 60 ? 2.852   -4.739  -7.330  1.00 8.49  ?  157 TRP A N   1 
ATOM   443 C  CA  . TRP A 1 60 ? 4.014   -3.860  -7.217  1.00 8.80  ?  157 TRP A CA  1 
ATOM   444 C  C   . TRP A 1 60 ? 5.093   -4.314  -8.188  1.00 9.94  ?  157 TRP A C   1 
ATOM   445 O  O   . TRP A 1 60 ? 5.478   -5.490  -8.191  1.00 11.28 ?  157 TRP A O   1 
ATOM   446 C  CB  . TRP A 1 60 ? 4.593   -3.863  -5.794  1.00 9.61  ?  157 TRP A CB  1 
ATOM   447 C  CG  . TRP A 1 60 ? 3.531   -3.593  -4.793  1.00 7.08  ?  157 TRP A CG  1 
ATOM   448 C  CD1 . TRP A 1 60 ? 2.913   -4.505  -3.974  1.00 6.10  ?  157 TRP A CD1 1 
ATOM   449 C  CD2 . TRP A 1 60 ? 2.902   -2.336  -4.544  1.00 6.74  ?  157 TRP A CD2 1 
ATOM   450 N  NE1 . TRP A 1 60 ? 1.946   -3.875  -3.221  1.00 6.42  ?  157 TRP A NE1 1 
ATOM   451 C  CE2 . TRP A 1 60 ? 1.918   -2.544  -3.552  1.00 5.19  ?  157 TRP A CE2 1 
ATOM   452 C  CE3 . TRP A 1 60 ? 3.086   -1.048  -5.052  1.00 8.06  ?  157 TRP A CE3 1 
ATOM   453 C  CZ2 . TRP A 1 60 ? 1.109   -1.512  -3.083  1.00 7.83  ?  157 TRP A CZ2 1 
ATOM   454 C  CZ3 . TRP A 1 60 ? 2.293   -0.039  -4.595  1.00 9.12  ?  157 TRP A CZ3 1 
ATOM   455 C  CH2 . TRP A 1 60 ? 1.325   -0.263  -3.601  1.00 7.87  ?  157 TRP A CH2 1 
ATOM   456 N  N   . LYS A 1 61 ? 5.608   -3.368  -8.980  1.00 7.89  ?  158 LYS A N   1 
ATOM   457 C  CA  . LYS A 1 61 ? 6.674   -3.687  -9.929  1.00 10.35 ?  158 LYS A CA  1 
ATOM   458 C  C   . LYS A 1 61 ? 8.018   -3.840  -9.237  1.00 12.28 ?  158 LYS A C   1 
ATOM   459 O  O   . LYS A 1 61 ? 8.933   -4.446  -9.806  1.00 15.61 ?  158 LYS A O   1 
ATOM   460 C  CB  . LYS A 1 61 ? 6.741   -2.629  -11.037 1.00 12.74 ?  158 LYS A CB  1 
ATOM   461 C  CG  . LYS A 1 61 ? 5.420   -2.429  -11.774 1.00 14.61 ?  158 LYS A CG  1 
ATOM   462 C  CD  . LYS A 1 61 ? 5.519   -1.385  -12.870 1.00 17.79 ?  158 LYS A CD  1 
ATOM   463 C  CE  . LYS A 1 61 ? 5.908   -0.049  -12.268 1.00 17.83 ?  158 LYS A CE  1 
ATOM   464 N  NZ  . LYS A 1 61 ? 5.532   1.080   -13.170 1.00 18.82 ?  158 LYS A NZ  1 
ATOM   465 N  N   . GLU A 1 62 ? 8.149   -3.297  -8.027  1.00 9.34  ?  159 GLU A N   1 
ATOM   466 C  CA  . GLU A 1 62 ? 9.324   -3.397  -7.178  1.00 9.35  ?  159 GLU A CA  1 
ATOM   467 C  C   . GLU A 1 62 ? 8.852   -3.250  -5.735  1.00 6.69  ?  159 GLU A C   1 
ATOM   468 O  O   . GLU A 1 62 ? 7.824   -2.626  -5.474  1.00 7.17  ?  159 GLU A O   1 
ATOM   469 C  CB  . GLU A 1 62 ? 10.316  -2.282  -7.547  1.00 14.22 ?  159 GLU A CB  1 
ATOM   470 C  CG  . GLU A 1 62 ? 11.257  -1.853  -6.438  1.00 21.17 ?  159 GLU A CG  1 
ATOM   471 C  CD  . GLU A 1 62 ? 12.368  -0.940  -6.923  1.00 26.75 ?  159 GLU A CD  1 
ATOM   472 O  OE1 . GLU A 1 62 ? 13.466  -1.447  -7.236  1.00 30.55 ?  159 GLU A OE1 1 
ATOM   473 O  OE2 . GLU A 1 62 ? 12.142  0.288   -6.983  1.00 29.12 -1 159 GLU A OE2 1 
ATOM   474 N  N   . GLY A 1 63 ? 9.587   -3.837  -4.807  1.00 7.23  ?  160 GLY A N   1 
ATOM   475 C  CA  . GLY A 1 63 ? 9.291   -3.658  -3.404  1.00 7.16  ?  160 GLY A CA  1 
ATOM   476 C  C   . GLY A 1 63 ? 7.912   -4.128  -2.970  1.00 5.56  ?  160 GLY A C   1 
ATOM   477 O  O   . GLY A 1 63 ? 7.177   -3.401  -2.305  1.00 6.70  ?  160 GLY A O   1 
ATOM   478 N  N   . PRO A 1 64 ? 7.527   -5.359  -3.312  1.00 7.26  ?  161 PRO A N   1 
ATOM   479 C  CA  . PRO A 1 64 ? 6.169   -5.809  -2.935  1.00 7.40  ?  161 PRO A CA  1 
ATOM   480 C  C   . PRO A 1 64 ? 5.948   -5.964  -1.440  1.00 8.07  ?  161 PRO A C   1 
ATOM   481 O  O   . PRO A 1 64 ? 4.822   -5.746  -0.972  1.00 10.13 ?  161 PRO A O   1 
ATOM   482 C  CB  . PRO A 1 64 ? 6.009   -7.142  -3.680  1.00 9.58  ?  161 PRO A CB  1 
ATOM   483 C  CG  . PRO A 1 64 ? 7.420   -7.629  -3.851  1.00 9.53  ?  161 PRO A CG  1 
ATOM   484 C  CD  . PRO A 1 64 ? 8.240   -6.389  -4.099  1.00 9.53  ?  161 PRO A CD  1 
ATOM   485 N  N   . TYR A 1 65 ? 6.975   -6.300  -0.675  1.00 8.21  ?  162 TYR A N   1 
ATOM   486 C  CA  . TYR A 1 65 ? 6.877   -6.484  0.766   1.00 8.41  ?  162 TYR A CA  1 
ATOM   487 C  C   . TYR A 1 65 ? 7.548   -5.335  1.500   1.00 6.85  ?  162 TYR A C   1 
ATOM   488 O  O   . TYR A 1 65 ? 8.514   -4.748  1.009   1.00 10.16 ?  162 TYR A O   1 
ATOM   489 C  CB  . TYR A 1 65 ? 7.585   -7.772  1.190   1.00 10.34 ?  162 TYR A CB  1 
ATOM   490 C  CG  . TYR A 1 65 ? 6.851   -9.049  0.856   1.00 10.28 ?  162 TYR A CG  1 
ATOM   491 C  CD1 . TYR A 1 65 ? 7.050   -9.699  -0.356  1.00 13.69 ?  162 TYR A CD1 1 
ATOM   492 C  CD2 . TYR A 1 65 ? 5.981   -9.619  1.770   1.00 12.53 ?  162 TYR A CD2 1 
ATOM   493 C  CE1 . TYR A 1 65 ? 6.391   -10.887 -0.644  1.00 14.74 ?  162 TYR A CE1 1 
ATOM   494 C  CE2 . TYR A 1 65 ? 5.316   -10.809 1.497   1.00 15.33 ?  162 TYR A CE2 1 
ATOM   495 C  CZ  . TYR A 1 65 ? 5.516   -11.430 0.286   1.00 15.81 ?  162 TYR A CZ  1 
ATOM   496 O  OH  . TYR A 1 65 ? 4.851   -12.609 0.011   1.00 18.25 ?  162 TYR A OH  1 
ATOM   497 N  N   . CYS A 1 66 ? 7.031   -5.027  2.687   1.00 7.72  ?  163 CYS A N   1 
ATOM   498 C  CA  . CYS A 1 66 ? 7.667   -4.124  3.622   1.00 7.32  ?  163 CYS A CA  1 
ATOM   499 C  C   . CYS A 1 66 ? 8.602   -4.915  4.534   1.00 7.90  ?  163 CYS A C   1 
ATOM   500 O  O   . CYS A 1 66 ? 8.649   -6.152  4.506   1.00 8.79  ?  163 CYS A O   1 
ATOM   501 C  CB  . CYS A 1 66 ? 6.618   -3.381  4.447   1.00 6.21  ?  163 CYS A CB  1 
ATOM   502 S  SG  . CYS A 1 66 ? 5.888   -4.391  5.749   1.00 4.83  ?  163 CYS A SG  1 
ATOM   503 N  N   . GLN A 1 67 ? 9.328   -4.187  5.374   1.00 8.05  ?  164 GLN A N   1 
ATOM   504 C  CA  . GLN A 1 67 ? 10.332  -4.838  6.208   1.00 10.87 ?  164 GLN A CA  1 
ATOM   505 C  C   . GLN A 1 67 ? 9.711   -5.777  7.233   1.00 11.72 ?  164 GLN A C   1 
ATOM   506 O  O   . GLN A 1 67 ? 10.361  -6.743  7.652   1.00 15.43 ?  164 GLN A O   1 
ATOM   507 C  CB  . GLN A 1 67 ? 11.229  -3.797  6.870   1.00 13.89 ?  164 GLN A CB  1 
ATOM   508 C  CG  . GLN A 1 67 ? 10.603  -3.037  8.025   1.00 18.48 ?  164 GLN A CG  1 
ATOM   509 C  CD  . GLN A 1 67 ? 11.314  -1.720  8.311   1.00 17.60 ?  164 GLN A CD  1 
ATOM   510 O  OE1 . GLN A 1 67 ? 12.251  -1.346  7.602   1.00 24.99 ?  164 GLN A OE1 1 
ATOM   511 N  NE2 . GLN A 1 67 ? 10.893  -1.029  9.369   1.00 19.96 ?  164 GLN A NE2 1 
ATOM   512 N  N   . LYS A 1 68 ? 8.461   -5.531  7.633   1.00 9.23  ?  165 LYS A N   1 
ATOM   513 C  CA  . LYS A 1 68 ? 7.798   -6.363  8.633   1.00 11.00 ?  165 LYS A CA  1 
ATOM   514 C  C   . LYS A 1 68 ? 7.317   -7.685  8.056   1.00 9.95  ?  165 LYS A C   1 
ATOM   515 O  O   . LYS A 1 68 ? 7.314   -8.711  8.751   1.00 13.12 ?  165 LYS A O   1 
ATOM   516 C  CB  . LYS A 1 68 ? 6.601   -5.613  9.207   1.00 13.01 ?  165 LYS A CB  1 
ATOM   517 C  CG  . LYS A 1 68 ? 5.733   -6.473  10.101  1.00 14.18 ?  165 LYS A CG  1 
ATOM   518 C  CD  . LYS A 1 68 ? 4.885   -5.619  10.965  1.00 14.84 ?  165 LYS A CD  1 
ATOM   519 C  CE  . LYS A 1 68 ? 3.978   -6.474  11.813  1.00 17.40 ?  165 LYS A CE  1 
ATOM   520 N  NZ  . LYS A 1 68 ? 3.165   -5.627  12.709  1.00 16.21 ?  165 LYS A NZ  1 
ATOM   521 N  N   . HIS A 1 69 ? 6.875   -7.687  6.806   1.00 7.78  ?  166 HIS A N   1 
ATOM   522 C  CA  . HIS A 1 69 ? 6.236   -8.862  6.247   1.00 8.54  ?  166 HIS A CA  1 
ATOM   523 C  C   . HIS A 1 69 ? 7.129   -9.655  5.302   1.00 10.84 ?  166 HIS A C   1 
ATOM   524 O  O   . HIS A 1 69 ? 6.776   -10.789 4.961   1.00 12.46 ?  166 HIS A O   1 
ATOM   525 C  CB  . HIS A 1 69 ? 4.918   -8.456  5.583   1.00 7.89  ?  166 HIS A CB  1 
ATOM   526 C  CG  . HIS A 1 69 ? 3.927   -7.919  6.564   1.00 7.45  ?  166 HIS A CG  1 
ATOM   527 N  ND1 . HIS A 1 69 ? 3.472   -6.614  6.540   1.00 6.12  ?  166 HIS A ND1 1 
ATOM   528 C  CD2 . HIS A 1 69 ? 3.374   -8.496  7.659   1.00 9.21  ?  166 HIS A CD2 1 
ATOM   529 C  CE1 . HIS A 1 69 ? 2.635   -6.433  7.548   1.00 6.20  ?  166 HIS A CE1 1 
ATOM   530 N  NE2 . HIS A 1 69 ? 2.561   -7.557  8.244   1.00 8.32  ?  166 HIS A NE2 1 
ATOM   531 N  N   . GLU A 1 70 ? 8.272   -9.103  4.901   1.00 9.39  ?  167 GLU A N   1 
ATOM   532 C  CA  . GLU A 1 70 ? 9.224   -9.796  4.027   1.00 11.03 ?  167 GLU A CA  1 
ATOM   533 C  C   . GLU A 1 70 ? 9.748   -11.090 4.646   1.00 13.43 ?  167 GLU A C   1 
ATOM   534 O  O   . GLU A 1 70 ? 10.113  -12.015 3.912   1.00 17.17 ?  167 GLU A O   1 
ATOM   535 C  CB  . GLU A 1 70 ? 10.428  -8.901  3.664   1.00 11.57 ?  167 GLU A CB  1 
ATOM   536 C  CG  . GLU A 1 70 ? 11.341  -8.546  4.835   1.00 13.38 ?  167 GLU A CG  1 
ATOM   537 C  CD  . GLU A 1 70 ? 12.439  -7.553  4.473   1.00 13.89 ?  167 GLU A CD  1 
ATOM   538 O  OE1 . GLU A 1 70 ? 12.728  -7.409  3.274   1.00 13.75 ?  167 GLU A OE1 1 
ATOM   539 O  OE2 . GLU A 1 70 ? 13.008  -6.908  5.384   1.00 12.87 -1 167 GLU A OE2 1 
ATOM   540 O  OXT . GLU A 1 70 ? 9.850   -11.222 5.868   1.00 13.18 -1 167 GLU A OXT 1 
ATOM   541 N  N   . ARG B 2 1  ? -6.341  -4.207  -2.157  1.00 5.90  ?  1   ARG C N   1 
ATOM   542 C  CA  . ARG B 2 1  ? -6.649  -3.202  -3.175  1.00 6.54  ?  1   ARG C CA  1 
ATOM   543 C  C   . ARG B 2 1  ? -7.686  -2.230  -2.630  1.00 7.57  ?  1   ARG C C   1 
ATOM   544 O  O   . ARG B 2 1  ? -8.362  -2.538  -1.650  1.00 7.31  ?  1   ARG C O   1 
ATOM   545 C  CB  . ARG B 2 1  ? -7.253  -3.876  -4.417  1.00 9.19  ?  1   ARG C CB  1 
ATOM   546 C  CG  . ARG B 2 1  ? -6.395  -4.953  -5.072  1.00 8.32  ?  1   ARG C CG  1 
ATOM   547 C  CD  . ARG B 2 1  ? -5.100  -4.380  -5.653  1.00 8.87  ?  1   ARG C CD  1 
ATOM   548 N  NE  . ARG B 2 1  ? -4.426  -5.294  -6.578  1.00 9.20  ?  1   ARG C NE  1 
ATOM   549 C  CZ  . ARG B 2 1  ? -3.696  -6.341  -6.213  1.00 9.09  ?  1   ARG C CZ  1 
ATOM   550 N  NH1 . ARG B 2 1  ? -3.513  -6.657  -4.943  1.00 8.69  ?  1   ARG C NH1 1 
ATOM   551 N  NH2 . ARG B 2 1  ? -3.108  -7.084  -7.153  1.00 12.54 ?  1   ARG C NH2 1 
ATOM   552 N  N   . TRP B 2 2  ? -7.754  -1.049  -3.272  1.00 10.31 ?  2   TRP C N   1 
ATOM   553 C  CA  . TRP B 2 2  ? -8.934  -0.181  -3.391  1.00 18.87 ?  2   TRP C CA  1 
ATOM   554 C  C   . TRP B 2 2  ? -8.622  1.297   -3.204  1.00 24.39 ?  2   TRP C C   1 
ATOM   555 O  O   . TRP B 2 2  ? -7.965  1.907   -4.052  1.00 28.90 ?  2   TRP C O   1 
ATOM   556 C  CB  . TRP B 2 2  ? -10.142 -0.584  -2.537  1.00 20.90 ?  2   TRP C CB  1 
ATOM   557 N  N   . PHE B 2 3  ? -9.118  1.872   -2.107  1.00 32.63 ?  3   PHE C N   1 
ATOM   558 C  CA  . PHE B 2 3  ? -9.057  3.310   -1.821  1.00 30.12 ?  3   PHE C CA  1 
ATOM   559 C  C   . PHE B 2 3  ? -9.980  4.138   -2.716  1.00 29.29 ?  3   PHE C C   1 
ATOM   560 O  O   . PHE B 2 3  ? -10.508 3.648   -3.718  1.00 33.38 ?  3   PHE C O   1 
ATOM   561 C  CB  . PHE B 2 3  ? -7.624  3.850   -1.855  1.00 27.18 ?  3   PHE C CB  1 
HETATM 562 N  N   . NH2 B 2 4  ? -10.187 5.392   -2.329  1.00 32.78 ?  4   NH2 C N   1 
HETATM 563 ZN ZN  . ZN  C 3 .  ? -0.254  -3.416  5.421   1.00 4.10  ?  201 ZN  A ZN  1 
HETATM 564 ZN ZN  . ZN  D 3 .  ? 3.774   -5.151  5.117   1.00 4.98  ?  202 ZN  A ZN  1 
HETATM 565 ZN ZN  . ZN  E 3 .  ? 7.763   2.569   -5.168  1.00 6.51  ?  203 ZN  A ZN  1 
HETATM 566 O  O   . HOH F 4 .  ? 13.856  -2.056  6.287   1.00 23.80 ?  301 HOH A O   1 
HETATM 567 O  O   . HOH F 4 .  ? 11.853  -7.833  1.049   1.00 22.10 ?  302 HOH A O   1 
HETATM 568 O  O   . HOH F 4 .  ? -10.295 1.727   0.811   1.00 21.58 ?  303 HOH A O   1 
HETATM 569 O  O   . HOH F 4 .  ? -4.905  -4.878  -9.444  1.00 18.95 ?  304 HOH A O   1 
HETATM 570 O  O   . HOH F 4 .  ? 4.288   -13.819 -6.953  1.00 21.76 ?  305 HOH A O   1 
HETATM 571 O  O   . HOH F 4 .  ? -10.402 -3.133  9.711   1.00 19.87 ?  306 HOH A O   1 
HETATM 572 O  O   . HOH F 4 .  ? 11.250  2.767   7.277   1.00 22.35 ?  307 HOH A O   1 
HETATM 573 O  O   . HOH F 4 .  ? -3.276  2.703   6.942   1.00 9.45  ?  308 HOH A O   1 
HETATM 574 O  O   . HOH F 4 .  ? -1.646  -1.023  -15.285 1.00 23.25 ?  309 HOH A O   1 
HETATM 575 O  O   . HOH F 4 .  ? -17.195 2.650   5.011   1.00 17.63 ?  310 HOH A O   1 
HETATM 576 O  O   . HOH F 4 .  ? 10.794  8.527   -7.688  1.00 22.37 ?  311 HOH A O   1 
HETATM 577 O  O   . HOH F 4 .  ? 14.289  7.313   -4.017  1.00 18.81 ?  312 HOH A O   1 
HETATM 578 O  O   . HOH F 4 .  ? 12.811  7.651   4.124   1.00 22.52 ?  313 HOH A O   1 
HETATM 579 O  O   . HOH F 4 .  ? 7.183   -7.406  -7.312  1.00 19.91 ?  314 HOH A O   1 
HETATM 580 O  O   . HOH F 4 .  ? -12.767 4.665   0.298   1.00 20.06 ?  315 HOH A O   1 
HETATM 581 O  O   . HOH F 4 .  ? 3.239   2.810   -11.608 1.00 19.06 ?  316 HOH A O   1 
HETATM 582 O  O   . HOH F 4 .  ? 8.455   12.603  2.183   1.00 35.58 ?  317 HOH A O   1 
HETATM 583 O  O   . HOH F 4 .  ? -11.524 9.720   0.343   1.00 27.01 ?  318 HOH A O   1 
HETATM 584 O  O   . HOH F 4 .  ? 9.081   -2.350  -0.148  1.00 12.53 ?  319 HOH A O   1 
HETATM 585 O  O   . HOH F 4 .  ? -12.288 4.597   11.682  1.00 13.91 ?  320 HOH A O   1 
HETATM 586 O  O   . HOH F 4 .  ? -2.617  -6.183  -10.418 1.00 23.26 ?  321 HOH A O   1 
HETATM 587 O  O   . HOH F 4 .  ? 2.007   -8.729  3.628   1.00 8.29  ?  322 HOH A O   1 
HETATM 588 O  O   . HOH F 4 .  ? -8.241  -3.757  -8.327  1.00 16.95 ?  323 HOH A O   1 
HETATM 589 O  O   . HOH F 4 .  ? -1.501  -7.729  2.455   1.00 6.56  ?  324 HOH A O   1 
HETATM 590 O  O   . HOH F 4 .  ? 8.429   -12.839 7.577   1.00 18.19 ?  325 HOH A O   1 
HETATM 591 O  O   . HOH F 4 .  ? -0.067  2.371   -11.499 1.00 22.95 ?  326 HOH A O   1 
HETATM 592 O  O   . HOH F 4 .  ? -0.287  11.101  5.116   1.00 25.74 ?  327 HOH A O   1 
HETATM 593 O  O   . HOH F 4 .  ? 2.019   12.780  -2.295  1.00 24.03 ?  328 HOH A O   1 
HETATM 594 O  O   . HOH F 4 .  ? 6.645   -13.318 3.817   1.00 21.16 ?  329 HOH A O   1 
HETATM 595 O  O   . HOH F 4 .  ? 0.916   -7.167  13.251  1.00 27.86 ?  330 HOH A O   1 
HETATM 596 O  O   . HOH F 4 .  ? -0.485  4.766   -7.842  1.00 21.18 ?  331 HOH A O   1 
HETATM 597 O  O   . HOH F 4 .  ? 3.166   12.300  -5.440  1.00 24.72 ?  332 HOH A O   1 
HETATM 598 O  O   . HOH F 4 .  ? 1.558   6.114   -11.429 1.00 21.58 ?  333 HOH A O   1 
HETATM 599 O  O   . HOH F 4 .  ? -7.425  -0.964  9.751   1.00 16.63 ?  334 HOH A O   1 
HETATM 600 O  O   . HOH F 4 .  ? -0.405  -12.772 -12.240 1.00 29.03 ?  335 HOH A O   1 
HETATM 601 O  O   . HOH F 4 .  ? -15.257 3.542   1.144   1.00 14.85 ?  336 HOH A O   1 
HETATM 602 O  O   . HOH F 4 .  ? 6.543   -2.112  8.020   1.00 7.95  ?  337 HOH A O   1 
HETATM 603 O  O   . HOH F 4 .  ? -13.670 -1.230  7.316   1.00 15.74 ?  338 HOH A O   1 
HETATM 604 O  O   . HOH F 4 .  ? -1.951  -7.836  9.890   1.00 21.72 ?  339 HOH A O   1 
HETATM 605 O  O   . HOH F 4 .  ? -3.819  5.534   -1.959  1.00 19.87 ?  340 HOH A O   1 
HETATM 606 O  O   . HOH F 4 .  ? 13.644  -8.016  7.930   1.00 19.64 ?  341 HOH A O   1 
HETATM 607 O  O   . HOH F 4 .  ? 1.704   -1.173  -14.717 1.00 21.68 ?  342 HOH A O   1 
HETATM 608 O  O   . HOH F 4 .  ? -9.053  6.171   10.912  1.00 22.72 ?  343 HOH A O   1 
HETATM 609 O  O   . HOH F 4 .  ? 0.804   -7.777  10.520  1.00 19.38 ?  344 HOH A O   1 
HETATM 610 O  O   . HOH F 4 .  ? 9.217   -12.731 1.242   1.00 22.25 ?  345 HOH A O   1 
HETATM 611 O  O   . HOH F 4 .  ? 0.995   -7.728  -12.194 1.00 27.90 ?  346 HOH A O   1 
HETATM 612 O  O   . HOH F 4 .  ? -7.758  -5.801  9.203   1.00 16.14 ?  347 HOH A O   1 
HETATM 613 O  O   . HOH F 4 .  ? 11.446  10.217  -4.865  1.00 20.72 ?  348 HOH A O   1 
HETATM 614 O  O   . HOH F 4 .  ? -0.231  12.440  -1.513  1.00 22.64 ?  349 HOH A O   1 
HETATM 615 O  O   . HOH F 4 .  ? 2.473   -12.321 -5.007  1.00 20.16 ?  350 HOH A O   1 
HETATM 616 O  O   . HOH F 4 .  ? -1.567  -10.629 -11.875 1.00 27.49 ?  351 HOH A O   1 
HETATM 617 O  O   . HOH F 4 .  ? 14.581  2.798   -4.659  1.00 20.25 ?  352 HOH A O   1 
HETATM 618 O  O   . HOH F 4 .  ? -5.732  12.788  -0.951  1.00 25.38 ?  353 HOH A O   1 
HETATM 619 O  O   . HOH F 4 .  ? -5.444  -8.435  8.486   1.00 21.37 ?  354 HOH A O   1 
HETATM 620 O  O   . HOH F 4 .  ? 5.754   4.039   -13.094 1.00 26.97 ?  355 HOH A O   1 
HETATM 621 O  O   . HOH F 4 .  ? -6.328  9.776   6.114   1.00 23.12 ?  356 HOH A O   1 
HETATM 622 O  O   . HOH F 4 .  ? 3.709   -12.051 7.219   1.00 25.77 ?  357 HOH A O   1 
HETATM 623 O  O   . HOH F 4 .  ? 2.443   10.799  5.491   1.00 26.80 ?  358 HOH A O   1 
HETATM 624 O  O   . HOH F 4 .  ? -7.677  11.883  0.328   1.00 21.18 ?  359 HOH A O   1 
HETATM 625 O  O   . HOH F 4 .  ? 0.887   -14.648 7.834   1.00 31.16 ?  360 HOH A O   1 
HETATM 626 O  O   . HOH F 4 .  ? -2.544  13.495  0.178   1.00 23.20 ?  361 HOH A O   1 
HETATM 627 O  O   . HOH F 4 .  ? -3.862  5.706   -6.388  1.00 24.69 ?  362 HOH A O   1 
HETATM 628 O  O   . HOH F 4 .  ? 9.885   10.343  -1.118  1.00 22.62 ?  363 HOH A O   1 
HETATM 629 O  O   . HOH F 4 .  ? 4.284   -13.164 -2.964  1.00 23.72 ?  364 HOH A O   1 
HETATM 630 O  O   . HOH F 4 .  ? 8.558   -6.229  -12.290 1.00 24.08 ?  365 HOH A O   1 
HETATM 631 O  O   . HOH F 4 .  ? 3.952   -6.663  -11.478 1.00 22.67 ?  366 HOH A O   1 
HETATM 632 O  O   . HOH F 4 .  ? 0.200   -5.652  9.419   1.00 17.04 ?  367 HOH A O   1 
HETATM 633 O  O   . HOH F 4 .  ? 4.865   14.905  -8.598  1.00 22.77 ?  368 HOH A O   1 
HETATM 634 O  O   . HOH F 4 .  ? 5.489   12.025  -3.160  1.00 23.66 ?  369 HOH A O   1 
HETATM 635 O  O   . HOH F 4 .  ? -0.751  -11.655 9.868   1.00 34.29 ?  370 HOH A O   1 
HETATM 636 O  O   . HOH F 4 .  ? 9.916   5.932   -12.038 1.00 27.62 ?  371 HOH A O   1 
HETATM 637 O  O   . HOH F 4 .  ? -0.902  -4.331  12.731  1.00 23.79 ?  372 HOH A O   1 
HETATM 638 O  O   . HOH F 4 .  ? -2.575  -12.431 8.835   1.00 28.11 ?  373 HOH A O   1 
HETATM 639 O  O   . HOH F 4 .  ? -1.446  -9.220  -0.530  1.00 19.03 ?  374 HOH A O   1 
HETATM 640 O  O   . HOH F 4 .  ? 9.494   3.181   -12.294 1.00 29.26 ?  375 HOH A O   1 
HETATM 641 O  O   . HOH F 4 .  ? 6.391   -2.610  10.767  1.00 15.76 ?  376 HOH A O   1 
HETATM 642 O  O   . HOH F 4 .  ? -1.439  2.187   -14.172 1.00 25.75 ?  377 HOH A O   1 
HETATM 643 O  O   . HOH F 4 .  ? 4.780   -9.889  -11.562 1.00 25.30 ?  378 HOH A O   1 
HETATM 644 O  O   . HOH F 4 .  ? -7.756  -3.195  -11.253 1.00 23.48 ?  379 HOH A O   1 
HETATM 645 O  O   . HOH F 4 .  ? 13.730  -12.302 3.070   1.00 21.92 ?  380 HOH A O   1 
HETATM 646 O  O   . HOH F 4 .  ? 12.963  3.778   5.782   1.00 25.82 ?  381 HOH A O   1 
HETATM 647 O  O   . HOH F 4 .  ? 4.524   11.260  5.141   1.00 27.90 ?  382 HOH A O   1 
HETATM 648 O  O   . HOH F 4 .  ? -16.447 0.002   5.804   1.00 17.47 ?  383 HOH A O   1 
HETATM 649 O  O   . HOH F 4 .  ? 6.898   -13.781 -7.442  1.00 19.21 ?  384 HOH A O   1 
HETATM 650 O  O   . HOH F 4 .  ? 1.917   -13.596 9.486   1.00 31.66 ?  385 HOH A O   1 
HETATM 651 O  O   . HOH F 4 .  ? 9.851   -7.143  -7.044  1.00 25.96 ?  386 HOH A O   1 
HETATM 652 O  O   . HOH F 4 .  ? -2.408  -10.528 10.825  1.00 34.15 ?  387 HOH A O   1 
HETATM 653 O  O   . HOH F 4 .  ? 7.197   -12.320 -10.003 1.00 22.48 ?  388 HOH A O   1 
HETATM 654 O  O   . HOH F 4 .  ? -0.308  4.426   -10.472 1.00 22.37 ?  389 HOH A O   1 
HETATM 655 O  O   . HOH F 4 .  ? 1.988   12.086  3.629   1.00 28.28 ?  390 HOH A O   1 
HETATM 656 O  O   . HOH F 4 .  ? 8.563   -4.039  11.708  1.00 24.43 ?  391 HOH A O   1 
HETATM 657 O  O   . HOH F 4 .  ? -0.902  -14.316 9.315   1.00 32.01 ?  392 HOH A O   1 
HETATM 658 O  O   . HOH F 4 .  ? 9.490   -8.749  -11.035 1.00 30.17 ?  393 HOH A O   1 
HETATM 659 O  O   . HOH F 4 .  ? 1.304   3.766   -14.387 1.00 30.44 ?  394 HOH A O   1 
HETATM 660 O  O   . HOH F 4 .  ? -3.336  -9.831  12.643  1.00 38.43 ?  395 HOH A O   1 
# 
